data_2X5V
#
_entry.id   2X5V
#
_cell.length_a   85.693
_cell.length_b   143.470
_cell.length_c   177.998
_cell.angle_alpha   90.00
_cell.angle_beta   90.00
_cell.angle_gamma   90.00
#
_symmetry.space_group_name_H-M   'P 21 21 2'
#
loop_
_entity.id
_entity.type
_entity.pdbx_description
1 polymer 'PHOTOSYNTHETIC REACTION CENTER CYTOCHROME C SUBUNIT'
2 polymer 'REACTION CENTER PROTEIN H CHAIN'
3 polymer 'REACTION CENTER PROTEIN L CHAIN'
4 polymer 'REACTION CENTER PROTEIN M CHAIN'
5 non-polymer 'HEME C'
6 non-polymer 'BACTERIOCHLOROPHYLL B'
7 non-polymer 'BACTERIOPHEOPHYTIN B'
8 non-polymer 'FE (II) ION'
9 non-polymer MENAQUINONE-7
10 water water
#
loop_
_entity_poly.entity_id
_entity_poly.type
_entity_poly.pdbx_seq_one_letter_code
_entity_poly.pdbx_strand_id
1 'polypeptide(L)'
;CFEPPPATTTQTGFRGLSMGEVLHPATVKAKKERDAQYPPALAAVKAEGPPVSQVYKNVKVLGNLTEAEFLRTMTAITEW
VSPQEGCTYCHDENNLASEAKYPYVVARRMLEMTRAINTNWTQHVAQTGVTCYTCHRGTPLPPYVRYLEPTLPLNNRETP
THVERVETRSGYVVRLAKYTAYSALNYDPFTMFLANDKRQVRVVPQTALPLVGVSRGKERRPLSDAYATFALMMSISDSL
GTNCTFCHNAQTFESWGKKSTPQRAIAWWGIRMVRDLNMNYLAPLNASLPASRLGRQGEAPQADCRTCHQGVTKPLFGAS
RLKDYPELGPIKAAAK
;
C
2 'polypeptide(L)'
;(FME)YHGALAQHLDIAQLVWYAQWLVIWTVVLLYLRREDRREGYPLVEPLGLVKLAPEDGQVYELPYPKTFVLPHGGTV
TVPRRRPETRELKLAQTDGFEGAPLQPTGNPLVDAVGPASYAERAEVVDATVDGKAKIVPLRVATDFSIAEGDVDPRGLP
VVAADGVEAGTVTDLWVDRSEHYFRYLELSVAGSARTALIPLGFCDVKKDKIVVTSILSEQFANVPRLQSRDQITLREED
KVSAYYAGGLLYATPERAESLL
;
H
3 'polypeptide(L)'
;MALLSFERKYRVRGGTLIGGDLFDFWVGPYFVGFFGVSAIFFIFLGVSLIGYAASQGPTWDPFAISINPPDLKYGLGAAP
LLEGGFWQAITVCALGAFISWMLREVEISRKLGIGWHVPLAFCVPIFMFCVLQVFRPLLLGSWGHAFPYGILSHLDWVNN
FGYQYLNWHYNPGHMSSVSFLFVNAMALGLHGGLILSVANPGDGDKVKTAEHENQYFRDVVGYSIGALSIHRLGLFLASN
IFLTGAFGTIASGPFWTRGWPEWWGWWLDIPFWS
;
L
4 'polypeptide(L)'
;MADYQTIYTQIQARGPHITVSGEWGDNDRVGKPFYSYWLGKIGDAQIGPIYLGASGIAAFAFGSTAILIILFNMAAEVHF
DPLQFFRQFFWLGLYPPKAQYGMGIPPLHDGGWWLMAGLFMTLSLGSWWIRVYSRARALGLGTHIAWNFAAAIFFVLCIG
CIHPTLVGSWSEGVPFGIWPHIDWLTAFSIRYGNFYYCPWHGFSIGFAYGCGLLFAAHGATILAVARFGGDREIEQITDR
GTAVERAALFWRWTIGFNATIESVHRWGWFFSLMVMVSASVGILLTGTFVDNWYLWCVKHGAAPDYPAYLPATPDPASLP
GAPK
;
M
#
loop_
_chem_comp.id
_chem_comp.type
_chem_comp.name
_chem_comp.formula
BCB non-polymer 'BACTERIOCHLOROPHYLL B' 'C55 H72 Mg N4 O6 2'
BPB non-polymer 'BACTERIOPHEOPHYTIN B' 'C55 H74 N4 O6'
FE2 non-polymer 'FE (II) ION' 'Fe 2'
HEC non-polymer 'HEME C' 'C34 H34 Fe N4 O4'
MQ7 non-polymer MENAQUINONE-7 'C46 H64 O2'
#
# COMPACT_ATOMS: atom_id res chain seq x y z
N CYS A 1 -3.34 -13.99 -18.28
CA CYS A 1 -2.94 -13.04 -17.20
C CYS A 1 -3.92 -11.86 -17.01
N PHE A 2 -4.61 -11.45 -18.08
CA PHE A 2 -5.53 -10.31 -18.00
C PHE A 2 -6.74 -10.44 -18.95
N GLU A 3 -7.65 -9.45 -18.91
CA GLU A 3 -8.86 -9.42 -19.73
C GLU A 3 -9.00 -8.06 -20.46
N PRO A 4 -9.19 -8.07 -21.80
CA PRO A 4 -9.21 -6.80 -22.55
C PRO A 4 -10.51 -6.01 -22.37
N PRO A 5 -10.46 -4.66 -22.54
CA PRO A 5 -11.63 -3.78 -22.42
C PRO A 5 -12.50 -3.75 -23.69
N PRO A 6 -13.74 -3.23 -23.60
CA PRO A 6 -14.36 -2.59 -22.44
C PRO A 6 -14.86 -3.55 -21.38
N ALA A 7 -15.22 -3.00 -20.23
CA ALA A 7 -15.77 -3.73 -19.10
C ALA A 7 -17.14 -3.19 -18.76
N THR A 8 -18.09 -4.08 -18.47
CA THR A 8 -19.44 -3.68 -18.10
C THR A 8 -19.53 -3.42 -16.60
N THR A 9 -19.98 -2.21 -16.22
CA THR A 9 -20.17 -1.88 -14.81
C THR A 9 -21.56 -1.29 -14.51
N THR A 10 -22.04 -1.53 -13.28
CA THR A 10 -23.32 -0.98 -12.80
C THR A 10 -23.12 -0.29 -11.45
N GLN A 11 -24.20 0.31 -10.95
CA GLN A 11 -24.18 1.12 -9.74
C GLN A 11 -25.21 0.57 -8.75
N THR A 12 -24.75 0.13 -7.58
CA THR A 12 -25.61 -0.37 -6.51
C THR A 12 -25.64 0.55 -5.28
N GLY A 13 -24.83 1.61 -5.33
CA GLY A 13 -24.72 2.56 -4.23
C GLY A 13 -24.74 4.01 -4.69
N PHE A 14 -24.76 4.93 -3.73
CA PHE A 14 -24.78 6.35 -3.98
C PHE A 14 -23.54 6.75 -4.78
N ARG A 15 -23.74 7.52 -5.84
CA ARG A 15 -22.63 8.02 -6.67
C ARG A 15 -21.39 8.35 -5.84
N GLY A 16 -20.24 7.81 -6.26
CA GLY A 16 -18.96 8.08 -5.58
C GLY A 16 -18.58 7.12 -4.45
N LEU A 17 -19.39 6.09 -4.23
CA LEU A 17 -19.10 5.07 -3.21
C LEU A 17 -18.34 3.86 -3.76
N SER A 18 -18.25 3.75 -5.10
CA SER A 18 -17.64 2.59 -5.76
C SER A 18 -18.33 1.26 -5.40
N MET A 19 -19.66 1.30 -5.31
CA MET A 19 -20.45 0.08 -5.18
C MET A 19 -21.08 -0.28 -6.53
N GLY A 20 -20.82 -1.51 -6.99
CA GLY A 20 -21.41 -2.04 -8.23
C GLY A 20 -20.71 -3.25 -8.81
N GLU A 21 -21.39 -3.93 -9.73
CA GLU A 21 -20.81 -5.10 -10.39
C GLU A 21 -19.82 -4.69 -11.47
N VAL A 22 -18.79 -5.51 -11.66
CA VAL A 22 -17.90 -5.35 -12.80
C VAL A 22 -17.93 -6.68 -13.56
N LEU A 23 -18.39 -6.62 -14.82
CA LEU A 23 -18.57 -7.81 -15.64
C LEU A 23 -17.77 -7.69 -16.93
N HIS A 24 -17.07 -8.77 -17.28
CA HIS A 24 -16.40 -8.90 -18.57
C HIS A 24 -17.47 -9.30 -19.59
N PRO A 25 -17.69 -8.48 -20.64
CA PRO A 25 -18.75 -8.77 -21.60
C PRO A 25 -18.63 -10.15 -22.24
N ALA A 26 -17.41 -10.56 -22.58
CA ALA A 26 -17.16 -11.86 -23.20
C ALA A 26 -17.32 -13.05 -22.24
N THR A 27 -17.44 -12.78 -20.94
CA THR A 27 -17.87 -13.81 -19.99
C THR A 27 -19.39 -13.77 -19.84
N VAL A 28 -19.95 -12.57 -19.72
CA VAL A 28 -21.40 -12.38 -19.63
C VAL A 28 -22.09 -13.15 -20.73
N LYS A 29 -21.54 -13.06 -21.94
CA LYS A 29 -22.11 -13.70 -23.11
C LYS A 29 -21.95 -15.22 -23.02
N ALA A 30 -20.72 -15.68 -22.77
CA ALA A 30 -20.45 -17.10 -22.60
C ALA A 30 -21.46 -17.77 -21.65
N LYS A 31 -21.87 -17.06 -20.61
CA LYS A 31 -22.86 -17.58 -19.64
C LYS A 31 -24.27 -17.68 -20.24
N LYS A 32 -24.66 -16.70 -21.06
CA LYS A 32 -25.99 -16.66 -21.66
C LYS A 32 -26.22 -17.80 -22.65
N GLU A 33 -25.23 -18.08 -23.50
CA GLU A 33 -25.33 -19.15 -24.48
C GLU A 33 -25.55 -20.49 -23.81
N ARG A 34 -24.85 -20.69 -22.69
CA ARG A 34 -25.00 -21.91 -21.91
C ARG A 34 -26.41 -22.04 -21.36
N ASP A 35 -26.88 -20.98 -20.71
CA ASP A 35 -28.19 -20.98 -20.06
C ASP A 35 -29.38 -20.86 -21.04
N ALA A 36 -29.10 -20.44 -22.28
CA ALA A 36 -30.13 -20.35 -23.33
C ALA A 36 -30.57 -21.72 -23.85
N GLN A 37 -29.79 -22.75 -23.54
CA GLN A 37 -30.10 -24.14 -23.92
C GLN A 37 -31.35 -24.69 -23.23
N TYR A 38 -31.76 -24.05 -22.12
CA TYR A 38 -33.04 -24.31 -21.44
C TYR A 38 -34.17 -24.67 -22.42
N PRO A 39 -34.58 -25.96 -22.46
CA PRO A 39 -35.66 -26.35 -23.35
C PRO A 39 -36.94 -25.54 -23.12
N PRO A 40 -37.55 -25.03 -24.20
CA PRO A 40 -38.79 -24.28 -24.06
C PRO A 40 -39.96 -25.15 -23.59
N ALA A 41 -41.01 -24.49 -23.13
CA ALA A 41 -42.15 -25.18 -22.55
C ALA A 41 -42.88 -26.01 -23.60
N LEU A 42 -43.28 -27.21 -23.23
CA LEU A 42 -44.09 -28.05 -24.10
C LEU A 42 -45.52 -27.51 -24.09
N ALA A 43 -46.08 -27.32 -25.28
CA ALA A 43 -47.40 -26.69 -25.46
C ALA A 43 -48.45 -27.24 -24.49
N ALA A 44 -49.31 -26.36 -23.98
CA ALA A 44 -50.32 -26.74 -22.99
C ALA A 44 -51.30 -27.74 -23.59
N VAL A 45 -51.79 -28.67 -22.77
CA VAL A 45 -52.57 -29.81 -23.27
C VAL A 45 -53.96 -29.93 -22.62
N LYS A 46 -54.80 -30.78 -23.22
CA LYS A 46 -56.20 -30.98 -22.82
C LYS A 46 -56.43 -31.06 -21.31
N ALA A 47 -57.22 -30.11 -20.79
CA ALA A 47 -57.51 -30.03 -19.36
C ALA A 47 -58.41 -31.18 -18.86
N GLU A 48 -59.47 -31.50 -19.62
CA GLU A 48 -60.48 -32.47 -19.18
C GLU A 48 -59.95 -33.92 -19.19
N GLY A 49 -60.62 -34.80 -18.45
CA GLY A 49 -60.21 -36.20 -18.29
C GLY A 49 -60.16 -36.63 -16.82
N PRO A 50 -60.01 -37.93 -16.55
CA PRO A 50 -59.90 -38.36 -15.15
C PRO A 50 -58.52 -38.10 -14.55
N PRO A 51 -58.44 -38.03 -13.21
CA PRO A 51 -57.13 -37.90 -12.55
C PRO A 51 -56.29 -39.14 -12.72
N VAL A 52 -54.98 -38.97 -12.81
CA VAL A 52 -54.06 -40.09 -12.99
C VAL A 52 -53.94 -41.02 -11.76
N SER A 53 -54.38 -40.55 -10.59
CA SER A 53 -54.42 -41.41 -9.40
C SER A 53 -55.43 -42.54 -9.60
N GLN A 54 -56.48 -42.26 -10.37
CA GLN A 54 -57.44 -43.30 -10.79
C GLN A 54 -56.86 -44.11 -11.94
N VAL A 55 -56.45 -43.40 -12.99
CA VAL A 55 -55.94 -44.04 -14.20
C VAL A 55 -54.75 -44.97 -13.89
N TYR A 56 -53.69 -44.42 -13.31
CA TYR A 56 -52.47 -45.20 -13.07
C TYR A 56 -52.40 -45.89 -11.70
N LYS A 57 -51.42 -46.78 -11.56
CA LYS A 57 -51.34 -47.67 -10.41
C LYS A 57 -50.53 -47.07 -9.28
N ASN A 58 -49.39 -46.47 -9.62
CA ASN A 58 -48.42 -45.99 -8.65
C ASN A 58 -48.10 -44.50 -8.87
N VAL A 59 -49.02 -43.65 -8.42
CA VAL A 59 -48.86 -42.20 -8.53
C VAL A 59 -49.18 -41.56 -7.17
N LYS A 60 -48.14 -41.30 -6.38
CA LYS A 60 -48.31 -40.79 -5.01
C LYS A 60 -48.16 -39.26 -4.89
N VAL A 61 -47.75 -38.59 -5.96
CA VAL A 61 -47.47 -37.15 -5.92
C VAL A 61 -48.24 -36.33 -6.96
N LEU A 62 -48.30 -36.80 -8.21
CA LEU A 62 -48.96 -36.06 -9.30
C LEU A 62 -50.35 -36.59 -9.63
N GLY A 63 -51.06 -37.13 -8.64
CA GLY A 63 -52.41 -37.66 -8.85
C GLY A 63 -53.38 -36.70 -9.52
N ASN A 64 -53.50 -35.49 -8.98
CA ASN A 64 -54.50 -34.51 -9.41
C ASN A 64 -54.42 -34.00 -10.86
N LEU A 65 -53.42 -34.43 -11.62
CA LEU A 65 -53.28 -34.07 -13.03
C LEU A 65 -53.94 -35.11 -13.95
N THR A 66 -54.62 -34.63 -14.98
CA THR A 66 -55.24 -35.53 -15.96
C THR A 66 -54.17 -36.11 -16.88
N GLU A 67 -54.30 -37.41 -17.18
CA GLU A 67 -53.29 -38.19 -17.91
C GLU A 67 -52.47 -37.42 -18.96
N ALA A 68 -53.16 -36.65 -19.81
CA ALA A 68 -52.49 -35.85 -20.84
C ALA A 68 -51.47 -34.87 -20.23
N GLU A 69 -51.90 -34.20 -19.16
CA GLU A 69 -51.04 -33.28 -18.42
C GLU A 69 -49.98 -34.02 -17.61
N PHE A 70 -50.30 -35.23 -17.17
CA PHE A 70 -49.36 -36.07 -16.43
C PHE A 70 -48.16 -36.47 -17.30
N LEU A 71 -48.45 -36.95 -18.52
CA LEU A 71 -47.39 -37.39 -19.45
C LEU A 71 -46.50 -36.25 -19.96
N ARG A 72 -47.03 -35.03 -19.94
CA ARG A 72 -46.28 -33.84 -20.33
C ARG A 72 -45.24 -33.47 -19.25
N THR A 73 -45.58 -33.74 -17.99
CA THR A 73 -44.62 -33.66 -16.90
C THR A 73 -43.54 -34.73 -17.03
N MET A 74 -43.95 -35.92 -17.48
CA MET A 74 -43.01 -37.04 -17.68
C MET A 74 -42.05 -36.89 -18.87
N THR A 75 -42.47 -36.20 -19.93
CA THR A 75 -41.55 -35.87 -21.03
C THR A 75 -40.58 -34.78 -20.55
N ALA A 76 -41.15 -33.67 -20.04
CA ALA A 76 -40.37 -32.54 -19.57
C ALA A 76 -39.28 -32.98 -18.58
N ILE A 77 -39.68 -33.75 -17.57
CA ILE A 77 -38.73 -34.29 -16.60
C ILE A 77 -37.56 -34.97 -17.33
N THR A 78 -37.88 -35.85 -18.28
CA THR A 78 -36.85 -36.60 -19.02
C THR A 78 -35.96 -35.68 -19.87
N GLU A 79 -36.52 -34.59 -20.38
CA GLU A 79 -35.72 -33.56 -21.06
C GLU A 79 -34.66 -32.97 -20.15
N TRP A 80 -35.08 -32.60 -18.95
CA TRP A 80 -34.24 -31.88 -17.99
C TRP A 80 -33.26 -32.82 -17.31
N VAL A 81 -33.76 -33.90 -16.75
CA VAL A 81 -32.95 -34.87 -16.01
C VAL A 81 -32.11 -35.74 -16.95
N SER A 82 -32.74 -36.70 -17.62
CA SER A 82 -32.00 -37.72 -18.38
C SER A 82 -32.45 -37.86 -19.85
N PRO A 83 -32.18 -36.84 -20.68
CA PRO A 83 -32.60 -36.88 -22.08
C PRO A 83 -31.84 -37.92 -22.90
N GLN A 84 -30.52 -37.95 -22.76
CA GLN A 84 -29.67 -38.93 -23.46
C GLN A 84 -30.09 -40.38 -23.16
N GLU A 85 -30.62 -40.61 -21.97
CA GLU A 85 -30.96 -41.95 -21.51
C GLU A 85 -32.46 -42.27 -21.64
N GLY A 86 -33.31 -41.24 -21.72
CA GLY A 86 -34.74 -41.43 -21.93
C GLY A 86 -35.48 -41.94 -20.71
N CYS A 87 -36.74 -42.29 -20.92
CA CYS A 87 -37.66 -42.70 -19.83
C CYS A 87 -37.17 -43.88 -19.03
N THR A 88 -36.50 -44.81 -19.71
CA THR A 88 -36.04 -46.05 -19.08
C THR A 88 -35.01 -45.84 -17.97
N TYR A 89 -34.40 -44.65 -17.91
CA TYR A 89 -33.44 -44.31 -16.86
C TYR A 89 -34.05 -44.46 -15.45
N CYS A 90 -35.31 -44.08 -15.31
CA CYS A 90 -36.06 -44.25 -14.06
C CYS A 90 -36.93 -45.51 -14.05
N HIS A 91 -37.54 -45.80 -15.19
CA HIS A 91 -38.60 -46.80 -15.28
C HIS A 91 -38.13 -48.15 -15.77
N ASP A 92 -38.77 -49.21 -15.24
CA ASP A 92 -38.68 -50.55 -15.81
C ASP A 92 -39.39 -50.51 -17.14
N GLU A 93 -38.71 -50.95 -18.19
CA GLU A 93 -39.19 -50.81 -19.56
C GLU A 93 -40.50 -51.55 -19.77
N ASN A 94 -40.66 -52.68 -19.09
CA ASN A 94 -41.89 -53.46 -19.17
C ASN A 94 -42.95 -52.92 -18.23
N ASN A 95 -42.53 -52.45 -17.05
CA ASN A 95 -43.46 -51.98 -16.02
C ASN A 95 -43.17 -50.55 -15.59
N LEU A 96 -44.01 -49.62 -16.01
CA LEU A 96 -43.79 -48.21 -15.67
C LEU A 96 -44.08 -47.95 -14.19
N ALA A 97 -45.08 -48.63 -13.63
CA ALA A 97 -45.45 -48.43 -12.23
C ALA A 97 -44.41 -48.96 -11.22
N SER A 98 -43.46 -49.76 -11.70
CA SER A 98 -42.43 -50.37 -10.85
C SER A 98 -41.40 -49.37 -10.31
N GLU A 99 -40.93 -49.61 -9.10
CA GLU A 99 -39.91 -48.80 -8.44
C GLU A 99 -38.60 -49.60 -8.34
N ALA A 100 -38.35 -50.45 -9.34
CA ALA A 100 -37.13 -51.25 -9.37
C ALA A 100 -35.88 -50.37 -9.33
N LYS A 101 -35.78 -49.43 -10.28
CA LYS A 101 -34.59 -48.58 -10.43
C LYS A 101 -34.58 -47.39 -9.46
N TYR A 102 -33.42 -47.12 -8.86
CA TYR A 102 -33.32 -46.15 -7.78
C TYR A 102 -33.59 -44.69 -8.17
N PRO A 103 -33.42 -44.33 -9.47
CA PRO A 103 -33.81 -42.97 -9.87
C PRO A 103 -35.31 -42.67 -9.86
N TYR A 104 -36.15 -43.70 -9.66
CA TYR A 104 -37.58 -43.51 -9.57
C TYR A 104 -37.92 -42.94 -8.19
N VAL A 105 -37.66 -43.71 -7.14
CA VAL A 105 -37.93 -43.27 -5.76
C VAL A 105 -37.28 -41.92 -5.45
N VAL A 106 -36.08 -41.73 -5.99
CA VAL A 106 -35.34 -40.48 -5.85
C VAL A 106 -36.03 -39.33 -6.58
N ALA A 107 -36.58 -39.64 -7.75
CA ALA A 107 -37.35 -38.68 -8.54
C ALA A 107 -38.63 -38.27 -7.83
N ARG A 108 -39.28 -39.23 -7.19
CA ARG A 108 -40.49 -38.93 -6.44
C ARG A 108 -40.18 -37.88 -5.37
N ARG A 109 -39.12 -38.11 -4.60
CA ARG A 109 -38.76 -37.23 -3.49
C ARG A 109 -38.27 -35.89 -4.00
N MET A 110 -37.54 -35.92 -5.12
CA MET A 110 -37.18 -34.71 -5.87
C MET A 110 -38.43 -33.95 -6.26
N LEU A 111 -39.36 -34.65 -6.90
CA LEU A 111 -40.63 -34.07 -7.35
C LEU A 111 -41.32 -33.28 -6.24
N GLU A 112 -41.28 -33.82 -5.03
CA GLU A 112 -41.80 -33.14 -3.85
C GLU A 112 -40.92 -31.94 -3.52
N MET A 113 -39.62 -32.16 -3.49
CA MET A 113 -38.64 -31.09 -3.21
C MET A 113 -38.85 -29.87 -4.11
N THR A 114 -39.08 -30.10 -5.39
CA THR A 114 -39.24 -29.01 -6.36
C THR A 114 -40.50 -28.20 -6.09
N ARG A 115 -41.58 -28.89 -5.73
CA ARG A 115 -42.84 -28.25 -5.34
C ARG A 115 -42.68 -27.45 -4.05
N ALA A 116 -41.81 -27.93 -3.16
CA ALA A 116 -41.54 -27.25 -1.88
C ALA A 116 -40.76 -25.94 -2.06
N ILE A 117 -39.78 -25.93 -2.96
CA ILE A 117 -39.00 -24.71 -3.26
C ILE A 117 -39.91 -23.61 -3.83
N ASN A 118 -40.76 -23.99 -4.77
CA ASN A 118 -41.63 -23.01 -5.41
C ASN A 118 -42.83 -22.57 -4.57
N THR A 119 -43.13 -23.31 -3.50
CA THR A 119 -44.29 -23.01 -2.63
C THR A 119 -43.89 -22.42 -1.27
N ASN A 120 -42.84 -22.98 -0.66
CA ASN A 120 -42.43 -22.55 0.69
C ASN A 120 -41.17 -21.67 0.69
N TRP A 121 -40.72 -21.23 -0.48
CA TRP A 121 -39.51 -20.41 -0.55
C TRP A 121 -39.52 -19.32 -1.62
N THR A 122 -40.69 -18.70 -1.83
CA THR A 122 -40.80 -17.62 -2.82
C THR A 122 -40.15 -16.34 -2.36
N GLN A 123 -39.82 -16.28 -1.07
CA GLN A 123 -39.05 -15.17 -0.49
C GLN A 123 -37.68 -15.06 -1.15
N HIS A 124 -37.21 -16.19 -1.69
CA HIS A 124 -36.00 -16.23 -2.49
C HIS A 124 -36.31 -16.43 -3.99
N VAL A 125 -36.97 -17.54 -4.31
CA VAL A 125 -37.20 -17.92 -5.70
C VAL A 125 -38.25 -17.07 -6.45
N ALA A 126 -38.93 -16.15 -5.74
CA ALA A 126 -39.84 -15.18 -6.35
C ALA A 126 -40.88 -15.83 -7.27
N GLN A 127 -41.23 -15.14 -8.36
CA GLN A 127 -42.08 -15.70 -9.42
C GLN A 127 -41.27 -16.39 -10.52
N THR A 128 -39.94 -16.26 -10.47
CA THR A 128 -39.08 -16.96 -11.41
C THR A 128 -39.23 -18.48 -11.28
N GLY A 129 -39.03 -18.99 -10.06
CA GLY A 129 -39.25 -20.41 -9.78
C GLY A 129 -38.11 -21.33 -10.20
N VAL A 130 -38.08 -22.53 -9.61
CA VAL A 130 -37.09 -23.57 -9.94
C VAL A 130 -37.75 -24.82 -10.52
N THR A 131 -37.07 -25.44 -11.48
CA THR A 131 -37.55 -26.65 -12.13
C THR A 131 -36.51 -27.75 -11.91
N CYS A 132 -36.64 -28.87 -12.61
CA CYS A 132 -35.60 -29.89 -12.55
C CYS A 132 -34.33 -29.42 -13.28
N TYR A 133 -34.48 -28.51 -14.24
CA TYR A 133 -33.36 -28.01 -15.07
C TYR A 133 -32.39 -27.07 -14.34
N THR A 134 -32.90 -26.28 -13.40
CA THR A 134 -32.08 -25.29 -12.69
C THR A 134 -30.83 -25.92 -12.06
N CYS A 135 -30.97 -27.14 -11.57
CA CYS A 135 -29.84 -27.87 -11.00
C CYS A 135 -29.23 -28.91 -11.95
N HIS A 136 -30.07 -29.67 -12.67
CA HIS A 136 -29.57 -30.81 -13.45
C HIS A 136 -28.91 -30.43 -14.77
N ARG A 137 -29.51 -29.50 -15.50
CA ARG A 137 -28.94 -29.04 -16.77
C ARG A 137 -28.67 -30.18 -17.76
N GLY A 138 -29.60 -31.14 -17.84
CA GLY A 138 -29.54 -32.17 -18.87
C GLY A 138 -28.84 -33.45 -18.49
N THR A 139 -28.56 -33.63 -17.20
CA THR A 139 -27.82 -34.80 -16.71
C THR A 139 -28.34 -35.27 -15.33
N PRO A 140 -28.32 -36.59 -15.07
CA PRO A 140 -28.90 -37.13 -13.82
C PRO A 140 -28.18 -36.64 -12.57
N LEU A 141 -26.85 -36.60 -12.63
CA LEU A 141 -26.05 -36.01 -11.57
C LEU A 141 -25.75 -34.59 -12.02
N PRO A 142 -26.18 -33.57 -11.24
CA PRO A 142 -25.94 -32.15 -11.58
C PRO A 142 -24.46 -31.78 -11.65
N PRO A 143 -24.12 -30.74 -12.45
CA PRO A 143 -22.72 -30.32 -12.58
C PRO A 143 -22.06 -29.83 -11.28
N TYR A 144 -22.80 -29.11 -10.44
CA TYR A 144 -22.25 -28.51 -9.21
C TYR A 144 -22.93 -29.04 -7.94
N VAL A 145 -22.32 -30.04 -7.32
CA VAL A 145 -22.77 -30.61 -6.03
C VAL A 145 -21.71 -30.35 -4.95
N ARG A 146 -21.95 -30.87 -3.75
CA ARG A 146 -21.05 -30.64 -2.60
C ARG A 146 -21.11 -31.77 -1.59
N TYR A 147 -19.94 -32.35 -1.28
CA TYR A 147 -19.84 -33.40 -0.28
C TYR A 147 -19.32 -32.79 1.03
N LEU A 148 -19.22 -33.61 2.07
CA LEU A 148 -18.74 -33.15 3.40
C LEU A 148 -17.25 -32.80 3.41
N GLU A 149 -16.65 -32.76 2.23
CA GLU A 149 -15.33 -32.19 2.03
C GLU A 149 -15.27 -31.54 0.64
N PRO A 150 -14.28 -30.65 0.40
CA PRO A 150 -14.10 -30.05 -0.92
C PRO A 150 -13.72 -31.09 -1.97
N THR A 151 -14.02 -30.81 -3.24
CA THR A 151 -13.66 -31.68 -4.35
C THR A 151 -13.45 -30.87 -5.63
N LEU A 152 -12.55 -31.34 -6.48
CA LEU A 152 -12.28 -30.68 -7.75
C LEU A 152 -12.45 -31.65 -8.94
N PRO A 153 -12.87 -31.11 -10.12
CA PRO A 153 -13.27 -29.72 -10.33
C PRO A 153 -14.66 -29.43 -9.74
N LEU A 154 -15.03 -28.16 -9.71
CA LEU A 154 -16.33 -27.76 -9.19
C LEU A 154 -17.44 -28.24 -10.11
N ASN A 155 -17.13 -28.30 -11.40
CA ASN A 155 -18.00 -28.89 -12.42
C ASN A 155 -17.62 -30.37 -12.62
N ASN A 156 -18.53 -31.27 -12.28
CA ASN A 156 -18.23 -32.72 -12.31
C ASN A 156 -18.46 -33.37 -13.69
N ARG A 157 -18.30 -32.58 -14.75
CA ARG A 157 -18.28 -33.10 -16.12
C ARG A 157 -16.85 -33.00 -16.72
N GLU A 158 -15.91 -32.52 -15.91
CA GLU A 158 -14.49 -32.37 -16.30
C GLU A 158 -13.58 -33.31 -15.49
N THR A 159 -12.68 -34.00 -16.18
CA THR A 159 -11.86 -35.06 -15.55
C THR A 159 -10.83 -34.53 -14.55
N PRO A 160 -10.95 -34.94 -13.27
CA PRO A 160 -10.06 -34.45 -12.22
C PRO A 160 -8.64 -35.01 -12.33
N THR A 161 -7.64 -34.17 -12.04
CA THR A 161 -6.24 -34.65 -11.97
C THR A 161 -6.03 -35.50 -10.69
N HIS A 162 -4.86 -36.12 -10.56
CA HIS A 162 -4.59 -36.98 -9.40
C HIS A 162 -4.56 -36.16 -8.12
N VAL A 163 -4.02 -34.95 -8.22
CA VAL A 163 -3.96 -34.03 -7.08
C VAL A 163 -5.36 -33.43 -6.82
N GLU A 164 -6.12 -33.16 -7.87
CA GLU A 164 -7.51 -32.72 -7.71
C GLU A 164 -8.36 -33.80 -7.00
N ARG A 165 -7.95 -35.06 -7.08
CA ARG A 165 -8.73 -36.18 -6.53
C ARG A 165 -8.72 -36.22 -4.99
N VAL A 166 -9.89 -36.50 -4.41
CA VAL A 166 -10.13 -36.42 -2.96
C VAL A 166 -9.30 -37.41 -2.11
N GLU A 167 -8.86 -38.50 -2.74
CA GLU A 167 -8.00 -39.47 -2.08
C GLU A 167 -6.61 -38.86 -1.87
N THR A 168 -6.14 -38.09 -2.86
CA THR A 168 -4.85 -37.41 -2.79
C THR A 168 -4.86 -36.25 -1.79
N ARG A 169 -4.11 -36.39 -0.70
CA ARG A 169 -4.15 -35.44 0.40
C ARG A 169 -3.42 -34.12 0.10
N SER A 170 -2.48 -34.16 -0.84
CA SER A 170 -1.64 -33.00 -1.16
C SER A 170 -2.40 -31.82 -1.76
N GLY A 171 -3.45 -32.10 -2.53
CA GLY A 171 -4.22 -31.05 -3.17
C GLY A 171 -5.25 -30.39 -2.27
N TYR A 172 -5.37 -30.89 -1.05
CA TYR A 172 -6.42 -30.43 -0.13
C TYR A 172 -6.64 -28.91 -0.10
N VAL A 173 -5.62 -28.16 0.28
CA VAL A 173 -5.77 -26.71 0.31
C VAL A 173 -6.21 -26.15 -1.06
N VAL A 174 -5.71 -26.69 -2.17
CA VAL A 174 -6.08 -26.14 -3.48
C VAL A 174 -7.55 -26.44 -3.78
N ARG A 175 -8.02 -27.59 -3.31
CA ARG A 175 -9.45 -27.88 -3.39
C ARG A 175 -10.20 -26.82 -2.57
N LEU A 176 -9.69 -26.52 -1.39
CA LEU A 176 -10.30 -25.53 -0.51
C LEU A 176 -10.16 -24.10 -1.01
N ALA A 177 -9.11 -23.82 -1.76
CA ALA A 177 -8.88 -22.47 -2.27
C ALA A 177 -9.90 -22.10 -3.37
N LYS A 178 -10.14 -23.03 -4.31
CA LYS A 178 -11.01 -22.75 -5.46
C LYS A 178 -12.49 -22.69 -5.11
N TYR A 179 -12.87 -23.25 -3.97
CA TYR A 179 -14.21 -23.03 -3.40
C TYR A 179 -14.34 -21.64 -2.76
N THR A 180 -13.22 -21.10 -2.28
CA THR A 180 -13.20 -19.78 -1.65
C THR A 180 -12.66 -18.67 -2.59
N ALA A 181 -12.90 -18.81 -3.89
CA ALA A 181 -12.43 -17.83 -4.88
C ALA A 181 -10.91 -17.66 -4.83
N TYR A 182 -10.20 -18.79 -4.65
CA TYR A 182 -8.72 -18.89 -4.63
C TYR A 182 -8.02 -18.38 -3.35
N SER A 183 -8.78 -18.20 -2.28
CA SER A 183 -8.21 -17.66 -1.05
C SER A 183 -7.45 -18.72 -0.26
N ALA A 184 -6.62 -18.26 0.68
CA ALA A 184 -5.96 -19.14 1.64
C ALA A 184 -6.67 -19.04 2.98
N LEU A 185 -8.00 -18.97 2.92
CA LEU A 185 -8.85 -18.99 4.10
C LEU A 185 -9.11 -20.45 4.46
N ASN A 186 -8.53 -20.88 5.58
CA ASN A 186 -8.37 -22.30 5.93
C ASN A 186 -9.64 -22.91 6.51
N TYR A 187 -10.74 -22.76 5.77
CA TYR A 187 -12.08 -23.10 6.28
C TYR A 187 -13.01 -23.56 5.15
N ASP A 188 -13.92 -24.47 5.50
CA ASP A 188 -14.85 -25.06 4.54
C ASP A 188 -16.26 -24.53 4.82
N PRO A 189 -16.69 -23.49 4.09
CA PRO A 189 -17.92 -22.79 4.45
C PRO A 189 -19.23 -23.52 4.10
N PHE A 190 -19.20 -24.46 3.15
CA PHE A 190 -20.37 -25.28 2.91
C PHE A 190 -20.69 -26.13 4.13
N THR A 191 -19.77 -27.03 4.49
CA THR A 191 -19.98 -27.97 5.59
C THR A 191 -20.20 -27.28 6.93
N MET A 192 -19.72 -26.03 7.05
CA MET A 192 -19.95 -25.21 8.24
C MET A 192 -21.33 -24.53 8.29
N PHE A 193 -21.74 -23.91 7.18
CA PHE A 193 -22.89 -23.00 7.17
C PHE A 193 -24.10 -23.46 6.37
N LEU A 194 -23.91 -24.29 5.36
CA LEU A 194 -25.00 -24.65 4.44
C LEU A 194 -25.51 -26.09 4.62
N ALA A 195 -24.62 -27.00 5.02
CA ALA A 195 -25.02 -28.41 5.19
C ALA A 195 -25.95 -28.65 6.39
N ASN A 196 -26.00 -27.68 7.32
CA ASN A 196 -26.98 -27.67 8.42
C ASN A 196 -27.18 -26.26 8.98
N ASP A 197 -27.90 -26.14 10.11
CA ASP A 197 -28.17 -24.83 10.72
C ASP A 197 -27.53 -24.68 12.11
N LYS A 198 -26.39 -25.35 12.32
CA LYS A 198 -25.73 -25.35 13.64
C LYS A 198 -24.81 -24.14 13.87
N ARG A 199 -24.62 -23.28 12.87
CA ARG A 199 -23.68 -22.17 12.99
C ARG A 199 -24.27 -20.83 12.61
N GLN A 200 -23.67 -19.79 13.17
CA GLN A 200 -24.16 -18.43 13.03
C GLN A 200 -23.19 -17.62 12.18
N VAL A 201 -23.72 -17.02 11.11
CA VAL A 201 -22.90 -16.41 10.08
C VAL A 201 -22.38 -15.03 10.50
N ARG A 202 -23.12 -14.33 11.35
CA ARG A 202 -22.75 -12.98 11.80
C ARG A 202 -21.78 -13.01 12.97
N VAL A 203 -20.68 -12.28 12.84
CA VAL A 203 -19.66 -12.20 13.88
C VAL A 203 -19.49 -10.80 14.43
N VAL A 204 -19.74 -9.79 13.61
CA VAL A 204 -19.52 -8.42 14.05
C VAL A 204 -20.44 -8.13 15.21
N PRO A 205 -19.90 -7.55 16.29
CA PRO A 205 -20.75 -6.99 17.32
C PRO A 205 -21.71 -5.95 16.74
N GLN A 206 -22.81 -5.68 17.45
CA GLN A 206 -23.74 -4.63 17.06
C GLN A 206 -23.77 -3.48 18.07
N THR A 207 -22.67 -3.30 18.80
CA THR A 207 -22.48 -2.13 19.69
C THR A 207 -21.03 -1.65 19.70
N ALA A 208 -20.86 -0.33 19.73
CA ALA A 208 -19.54 0.28 19.83
C ALA A 208 -18.66 -0.47 20.81
N LEU A 209 -19.11 -0.54 22.07
CA LEU A 209 -18.30 -1.06 23.17
C LEU A 209 -18.50 -2.56 23.37
N PRO A 210 -17.54 -3.25 24.03
CA PRO A 210 -17.69 -4.68 24.27
C PRO A 210 -18.65 -5.00 25.43
N LEU A 211 -19.61 -5.87 25.18
CA LEU A 211 -20.56 -6.29 26.21
C LEU A 211 -19.86 -7.14 27.26
N VAL A 212 -19.95 -6.72 28.53
CA VAL A 212 -19.36 -7.44 29.65
C VAL A 212 -19.85 -8.89 29.71
N GLY A 213 -18.96 -9.79 30.09
CA GLY A 213 -19.30 -11.21 30.25
C GLY A 213 -19.20 -12.07 28.99
N VAL A 214 -19.08 -11.43 27.81
CA VAL A 214 -18.81 -12.15 26.55
C VAL A 214 -17.57 -11.65 25.80
N SER A 215 -16.88 -10.64 26.35
CA SER A 215 -15.75 -9.98 25.66
C SER A 215 -14.39 -10.30 26.29
N ARG A 216 -14.30 -11.42 27.00
CA ARG A 216 -13.05 -11.93 27.56
C ARG A 216 -13.06 -13.47 27.57
N GLY A 217 -11.90 -14.08 27.32
CA GLY A 217 -11.68 -15.51 27.59
C GLY A 217 -12.53 -16.50 26.83
N LYS A 218 -12.94 -17.56 27.53
CA LYS A 218 -13.75 -18.66 26.96
C LYS A 218 -15.18 -18.26 26.61
N GLU A 219 -15.60 -17.07 27.04
CA GLU A 219 -16.92 -16.54 26.73
C GLU A 219 -16.98 -15.93 25.32
N ARG A 220 -15.83 -15.83 24.65
CA ARG A 220 -15.74 -15.19 23.33
C ARG A 220 -15.83 -16.17 22.17
N ARG A 221 -16.32 -15.67 21.03
CA ARG A 221 -16.22 -16.38 19.77
C ARG A 221 -14.84 -16.12 19.21
N PRO A 222 -14.06 -17.20 18.97
CA PRO A 222 -12.68 -17.03 18.50
C PRO A 222 -12.62 -16.28 17.17
N LEU A 223 -11.45 -15.75 16.82
CA LEU A 223 -11.30 -15.00 15.57
C LEU A 223 -11.63 -15.88 14.36
N SER A 224 -11.34 -17.16 14.47
CA SER A 224 -11.65 -18.15 13.42
C SER A 224 -13.01 -17.92 12.79
N ASP A 225 -14.04 -17.65 13.61
CA ASP A 225 -15.41 -17.43 13.10
C ASP A 225 -15.43 -16.37 12.02
N ALA A 226 -14.74 -15.26 12.25
CA ALA A 226 -14.63 -14.17 11.26
C ALA A 226 -14.08 -14.68 9.93
N TYR A 227 -12.93 -15.35 9.99
CA TYR A 227 -12.33 -16.05 8.84
C TYR A 227 -13.37 -16.84 8.04
N ALA A 228 -14.17 -17.63 8.75
CA ALA A 228 -15.13 -18.57 8.16
C ALA A 228 -16.30 -17.89 7.46
N THR A 229 -16.81 -16.82 8.07
CA THR A 229 -17.87 -15.99 7.47
C THR A 229 -17.37 -15.32 6.18
N PHE A 230 -16.14 -14.84 6.22
CA PHE A 230 -15.50 -14.33 5.04
C PHE A 230 -15.34 -15.45 4.01
N ALA A 231 -14.92 -16.63 4.45
CA ALA A 231 -14.79 -17.79 3.56
C ALA A 231 -16.07 -18.04 2.77
N LEU A 232 -17.19 -18.09 3.51
CA LEU A 232 -18.51 -18.35 2.93
C LEU A 232 -18.90 -17.30 1.92
N MET A 233 -18.55 -16.04 2.19
CA MET A 233 -18.96 -14.93 1.33
C MET A 233 -18.15 -14.88 0.03
N MET A 234 -16.86 -15.20 0.13
CA MET A 234 -16.02 -15.35 -1.04
C MET A 234 -16.63 -16.41 -1.96
N SER A 235 -17.15 -17.48 -1.38
CA SER A 235 -17.82 -18.54 -2.15
C SER A 235 -19.18 -18.13 -2.70
N ILE A 236 -19.95 -17.39 -1.90
CA ILE A 236 -21.23 -16.79 -2.36
C ILE A 236 -20.93 -15.86 -3.53
N SER A 237 -19.92 -15.01 -3.33
CA SER A 237 -19.49 -14.05 -4.34
C SER A 237 -19.12 -14.76 -5.63
N ASP A 238 -18.32 -15.82 -5.49
CA ASP A 238 -17.86 -16.54 -6.66
C ASP A 238 -19.00 -17.37 -7.24
N SER A 239 -19.86 -17.90 -6.37
CA SER A 239 -20.98 -18.70 -6.83
C SER A 239 -21.87 -17.92 -7.78
N LEU A 240 -22.25 -16.71 -7.38
CA LEU A 240 -23.14 -15.86 -8.19
C LEU A 240 -22.42 -15.10 -9.31
N GLY A 241 -21.10 -15.03 -9.26
CA GLY A 241 -20.32 -14.27 -10.23
C GLY A 241 -20.43 -12.77 -10.02
N THR A 242 -20.42 -12.35 -8.76
CA THR A 242 -20.48 -10.94 -8.44
C THR A 242 -19.54 -10.62 -7.27
N ASN A 243 -19.66 -9.40 -6.75
CA ASN A 243 -18.82 -8.92 -5.65
C ASN A 243 -19.64 -8.39 -4.47
N CYS A 244 -18.92 -8.04 -3.40
CA CYS A 244 -19.52 -7.72 -2.09
C CYS A 244 -20.42 -6.49 -2.07
N THR A 245 -20.17 -5.54 -2.98
CA THR A 245 -20.99 -4.33 -3.06
C THR A 245 -22.35 -4.56 -3.70
N PHE A 246 -22.55 -5.73 -4.29
CA PHE A 246 -23.85 -6.12 -4.86
C PHE A 246 -24.87 -6.39 -3.76
N CYS A 247 -24.38 -6.68 -2.56
CA CYS A 247 -25.23 -6.88 -1.39
C CYS A 247 -24.85 -6.07 -0.13
N HIS A 248 -23.61 -5.57 -0.04
CA HIS A 248 -23.17 -4.77 1.11
C HIS A 248 -22.74 -3.37 0.76
N ASN A 249 -22.75 -2.49 1.75
CA ASN A 249 -21.89 -1.32 1.78
C ASN A 249 -20.71 -1.76 2.65
N ALA A 250 -19.51 -1.76 2.07
CA ALA A 250 -18.29 -2.18 2.79
C ALA A 250 -17.98 -1.32 4.02
N GLN A 251 -18.42 -0.06 3.99
CA GLN A 251 -18.38 0.79 5.18
C GLN A 251 -18.74 -0.13 6.36
N THR A 252 -19.95 -0.68 6.33
CA THR A 252 -20.47 -1.46 7.45
C THR A 252 -21.20 -2.74 7.01
N PHE A 253 -20.46 -3.84 6.98
CA PHE A 253 -20.99 -5.14 6.52
C PHE A 253 -22.13 -5.64 7.37
N GLU A 254 -22.10 -5.28 8.65
CA GLU A 254 -23.05 -5.80 9.63
C GLU A 254 -24.41 -5.11 9.55
N SER A 255 -24.46 -3.91 8.96
CA SER A 255 -25.68 -3.09 9.04
C SER A 255 -26.59 -3.28 7.84
N TRP A 256 -27.89 -3.31 8.12
CA TRP A 256 -28.91 -3.32 7.08
C TRP A 256 -29.37 -1.87 6.79
N GLY A 257 -30.66 -1.67 6.48
CA GLY A 257 -31.18 -0.34 6.18
C GLY A 257 -30.68 0.22 4.85
N LYS A 258 -30.02 1.37 4.91
CA LYS A 258 -29.45 1.94 3.70
C LYS A 258 -28.17 1.21 3.28
N LYS A 259 -27.51 0.58 4.25
CA LYS A 259 -26.19 -0.03 4.05
C LYS A 259 -26.24 -1.41 3.33
N SER A 260 -27.43 -1.97 3.15
CA SER A 260 -27.60 -3.17 2.33
C SER A 260 -28.56 -2.93 1.16
N THR A 261 -28.52 -3.84 0.21
CA THR A 261 -29.34 -3.77 -0.99
C THR A 261 -30.40 -4.87 -0.90
N PRO A 262 -31.52 -4.75 -1.65
CA PRO A 262 -32.60 -5.75 -1.58
C PRO A 262 -32.11 -7.16 -1.90
N GLN A 263 -31.06 -7.23 -2.71
CA GLN A 263 -30.41 -8.48 -3.05
C GLN A 263 -29.88 -9.21 -1.82
N ARG A 264 -29.40 -8.48 -0.81
CA ARG A 264 -28.87 -9.11 0.39
C ARG A 264 -29.92 -9.89 1.20
N ALA A 265 -31.08 -9.27 1.44
CA ALA A 265 -32.19 -9.95 2.10
C ALA A 265 -32.57 -11.19 1.30
N ILE A 266 -32.68 -11.05 -0.01
CA ILE A 266 -32.88 -12.18 -0.92
C ILE A 266 -31.77 -13.22 -0.74
N ALA A 267 -30.53 -12.75 -0.64
CA ALA A 267 -29.39 -13.61 -0.32
C ALA A 267 -29.61 -14.34 1.01
N TRP A 268 -30.16 -13.63 2.00
CA TRP A 268 -30.42 -14.18 3.32
C TRP A 268 -31.37 -15.37 3.27
N TRP A 269 -32.46 -15.24 2.50
CA TRP A 269 -33.43 -16.34 2.35
C TRP A 269 -32.85 -17.53 1.58
N GLY A 270 -31.82 -17.29 0.76
CA GLY A 270 -31.12 -18.36 0.10
C GLY A 270 -30.45 -19.29 1.10
N ILE A 271 -29.84 -18.70 2.13
CA ILE A 271 -29.14 -19.46 3.16
C ILE A 271 -30.09 -20.43 3.86
N ARG A 272 -31.27 -19.92 4.23
CA ARG A 272 -32.29 -20.75 4.91
C ARG A 272 -32.92 -21.74 3.94
N MET A 273 -32.96 -21.38 2.67
CA MET A 273 -33.50 -22.25 1.64
C MET A 273 -32.55 -23.38 1.32
N VAL A 274 -31.24 -23.09 1.29
CA VAL A 274 -30.24 -24.11 1.00
C VAL A 274 -30.06 -25.07 2.18
N ARG A 275 -30.12 -24.51 3.40
CA ARG A 275 -30.15 -25.31 4.61
C ARG A 275 -31.35 -26.28 4.63
N ASP A 276 -32.53 -25.78 4.25
CA ASP A 276 -33.77 -26.58 4.26
C ASP A 276 -33.85 -27.66 3.19
N LEU A 277 -33.04 -27.57 2.15
CA LEU A 277 -32.97 -28.64 1.14
C LEU A 277 -31.95 -29.71 1.52
N ASN A 278 -30.81 -29.28 2.07
CA ASN A 278 -29.72 -30.18 2.40
C ASN A 278 -30.08 -31.14 3.55
N MET A 279 -30.66 -30.61 4.61
CA MET A 279 -31.02 -31.44 5.76
C MET A 279 -32.21 -32.32 5.42
N ASN A 280 -33.31 -31.69 5.02
CA ASN A 280 -34.61 -32.38 4.93
C ASN A 280 -34.89 -33.09 3.61
N TYR A 281 -34.17 -32.75 2.55
CA TYR A 281 -34.44 -33.32 1.23
C TYR A 281 -33.26 -34.04 0.55
N LEU A 282 -32.03 -33.57 0.76
CA LEU A 282 -30.89 -34.10 0.02
C LEU A 282 -30.01 -35.07 0.82
N ALA A 283 -29.58 -34.69 2.02
CA ALA A 283 -28.74 -35.55 2.87
C ALA A 283 -29.37 -36.92 3.15
N PRO A 284 -30.70 -36.99 3.40
CA PRO A 284 -31.31 -38.28 3.75
C PRO A 284 -31.42 -39.25 2.58
N LEU A 285 -31.22 -38.76 1.35
CA LEU A 285 -31.25 -39.62 0.16
C LEU A 285 -30.09 -40.62 0.09
N ASN A 286 -29.18 -40.60 1.06
CA ASN A 286 -28.10 -41.58 1.13
C ASN A 286 -28.60 -43.00 1.37
N ALA A 287 -29.82 -43.12 1.91
CA ALA A 287 -30.49 -44.43 2.05
C ALA A 287 -31.07 -44.94 0.72
N SER A 288 -31.25 -44.04 -0.24
CA SER A 288 -31.83 -44.37 -1.56
C SER A 288 -30.81 -44.37 -2.68
N LEU A 289 -29.55 -44.04 -2.39
CA LEU A 289 -28.50 -43.94 -3.42
C LEU A 289 -27.47 -45.06 -3.28
N PRO A 290 -26.95 -45.56 -4.42
CA PRO A 290 -25.85 -46.53 -4.36
C PRO A 290 -24.54 -45.86 -3.94
N ALA A 291 -23.58 -46.66 -3.48
CA ALA A 291 -22.36 -46.12 -2.89
C ALA A 291 -21.48 -45.41 -3.90
N SER A 292 -21.62 -45.74 -5.18
CA SER A 292 -20.88 -45.03 -6.22
C SER A 292 -21.22 -43.53 -6.24
N ARG A 293 -22.41 -43.19 -5.74
CA ARG A 293 -22.84 -41.79 -5.66
C ARG A 293 -22.50 -41.07 -4.35
N LEU A 294 -22.21 -41.81 -3.28
CA LEU A 294 -21.98 -41.21 -1.94
C LEU A 294 -20.52 -40.77 -1.72
N GLY A 295 -20.32 -39.86 -0.77
CA GLY A 295 -18.99 -39.41 -0.40
C GLY A 295 -18.26 -40.38 0.54
N ARG A 296 -17.07 -39.99 0.98
CA ARG A 296 -16.23 -40.83 1.82
C ARG A 296 -16.72 -40.94 3.27
N GLN A 297 -17.84 -40.28 3.58
CA GLN A 297 -18.48 -40.38 4.87
C GLN A 297 -19.92 -40.88 4.70
N GLY A 298 -20.19 -41.48 3.53
CA GLY A 298 -21.51 -41.99 3.15
C GLY A 298 -22.57 -40.94 2.81
N GLU A 299 -22.17 -39.68 2.68
CA GLU A 299 -23.12 -38.60 2.45
C GLU A 299 -23.57 -38.51 1.00
N ALA A 300 -24.83 -38.12 0.82
CA ALA A 300 -25.37 -37.88 -0.50
C ALA A 300 -24.96 -36.49 -0.96
N PRO A 301 -24.73 -36.32 -2.27
CA PRO A 301 -24.37 -35.01 -2.79
C PRO A 301 -25.44 -33.99 -2.45
N GLN A 302 -25.01 -32.82 -2.00
CA GLN A 302 -25.92 -31.75 -1.59
C GLN A 302 -25.65 -30.51 -2.45
N ALA A 303 -26.50 -29.50 -2.31
CA ALA A 303 -26.38 -28.31 -3.17
C ALA A 303 -25.87 -27.09 -2.40
N ASP A 304 -25.19 -26.22 -3.13
CA ASP A 304 -24.83 -24.89 -2.63
C ASP A 304 -25.47 -23.83 -3.54
N CYS A 305 -25.14 -22.56 -3.32
CA CYS A 305 -25.63 -21.48 -4.17
C CYS A 305 -25.34 -21.80 -5.63
N ARG A 306 -24.12 -22.26 -5.92
CA ARG A 306 -23.65 -22.51 -7.29
C ARG A 306 -24.46 -23.56 -8.06
N THR A 307 -24.95 -24.58 -7.34
CA THR A 307 -25.86 -25.61 -7.89
C THR A 307 -26.95 -25.04 -8.79
N CYS A 308 -27.57 -23.93 -8.37
CA CYS A 308 -28.62 -23.25 -9.13
C CYS A 308 -28.10 -22.05 -9.94
N HIS A 309 -27.17 -21.28 -9.37
CA HIS A 309 -26.72 -20.02 -9.96
C HIS A 309 -25.60 -20.16 -11.00
N GLN A 310 -24.72 -21.15 -10.78
CA GLN A 310 -23.66 -21.50 -11.74
C GLN A 310 -22.91 -20.30 -12.34
N GLY A 311 -22.65 -19.30 -11.49
CA GLY A 311 -21.87 -18.12 -11.90
C GLY A 311 -22.68 -16.88 -12.26
N VAL A 312 -24.01 -16.96 -12.13
CA VAL A 312 -24.90 -15.84 -12.52
C VAL A 312 -25.83 -15.45 -11.36
N THR A 313 -26.13 -14.16 -11.26
CA THR A 313 -26.90 -13.63 -10.13
C THR A 313 -28.31 -14.22 -10.07
N LYS A 314 -28.99 -14.31 -11.22
CA LYS A 314 -30.24 -15.08 -11.33
C LYS A 314 -29.92 -16.35 -12.10
N PRO A 315 -30.46 -17.51 -11.67
CA PRO A 315 -30.20 -18.72 -12.43
C PRO A 315 -30.82 -18.58 -13.80
N LEU A 316 -30.07 -18.97 -14.83
CA LEU A 316 -30.55 -18.86 -16.20
C LEU A 316 -31.16 -17.47 -16.47
N PHE A 317 -30.53 -16.45 -15.89
CA PHE A 317 -30.88 -15.05 -16.12
C PHE A 317 -32.37 -14.77 -16.02
N GLY A 318 -32.98 -15.24 -14.93
CA GLY A 318 -34.41 -15.04 -14.69
C GLY A 318 -35.34 -15.83 -15.60
N ALA A 319 -34.85 -16.92 -16.18
CA ALA A 319 -35.67 -17.78 -17.03
C ALA A 319 -36.75 -18.42 -16.17
N SER A 320 -38.00 -18.38 -16.62
CA SER A 320 -39.10 -18.95 -15.86
C SER A 320 -39.91 -19.98 -16.66
N ARG A 321 -40.39 -21.00 -15.96
CA ARG A 321 -41.33 -21.97 -16.52
C ARG A 321 -42.45 -22.18 -15.50
N LEU A 322 -42.73 -21.13 -14.72
CA LEU A 322 -43.64 -21.22 -13.58
C LEU A 322 -45.09 -21.44 -14.00
N LYS A 323 -45.50 -20.70 -15.02
CA LYS A 323 -46.86 -20.76 -15.51
C LYS A 323 -47.07 -21.99 -16.42
N ASP A 324 -46.08 -22.28 -17.26
CA ASP A 324 -46.13 -23.41 -18.19
C ASP A 324 -46.28 -24.76 -17.48
N TYR A 325 -45.50 -24.96 -16.43
CA TYR A 325 -45.61 -26.15 -15.59
C TYR A 325 -46.07 -25.77 -14.19
N PRO A 326 -47.39 -25.54 -14.01
CA PRO A 326 -47.90 -25.22 -12.67
C PRO A 326 -47.88 -26.42 -11.71
N GLU A 327 -47.90 -27.63 -12.24
CA GLU A 327 -47.88 -28.84 -11.42
C GLU A 327 -46.65 -28.95 -10.53
N LEU A 328 -45.62 -28.16 -10.84
CA LEU A 328 -44.41 -28.12 -10.04
C LEU A 328 -44.46 -27.00 -8.99
N GLY A 329 -45.63 -26.38 -8.81
CA GLY A 329 -45.83 -25.40 -7.76
C GLY A 329 -46.06 -24.02 -8.34
N PRO A 330 -46.47 -23.04 -7.51
CA PRO A 330 -46.73 -23.11 -6.07
C PRO A 330 -48.09 -23.73 -5.70
N ILE A 331 -48.07 -24.65 -4.74
CA ILE A 331 -49.25 -25.46 -4.40
C ILE A 331 -50.16 -24.79 -3.35
N LYS A 332 -51.40 -24.53 -3.74
CA LYS A 332 -52.44 -24.04 -2.81
C LYS A 332 -52.70 -25.05 -1.67
N FME B 1 -23.72 -3.23 31.19
CN FME B 1 -24.24 -2.59 30.08
O1 FME B 1 -24.60 -3.26 29.12
CA FME B 1 -22.34 -2.82 31.48
CB FME B 1 -21.79 -3.60 32.67
CG FME B 1 -21.74 -2.77 33.95
SD FME B 1 -21.67 -3.85 35.36
CE FME B 1 -20.37 -5.03 35.20
C FME B 1 -21.44 -3.05 30.28
O FME B 1 -21.59 -4.03 29.56
N TYR B 2 -20.50 -2.13 30.07
CA TYR B 2 -19.51 -2.24 29.01
C TYR B 2 -18.09 -2.07 29.55
N HIS B 3 -17.15 -2.73 28.89
CA HIS B 3 -15.74 -2.48 29.13
C HIS B 3 -15.38 -1.18 28.42
N GLY B 4 -14.66 -0.30 29.11
CA GLY B 4 -14.10 0.90 28.48
C GLY B 4 -14.93 2.17 28.52
N ALA B 5 -16.17 2.08 29.01
CA ALA B 5 -17.02 3.26 29.18
C ALA B 5 -16.70 3.93 30.52
N LEU B 6 -17.01 5.21 30.63
CA LEU B 6 -16.78 5.98 31.86
C LEU B 6 -17.97 6.92 32.13
N ALA B 7 -17.85 7.77 33.16
CA ALA B 7 -18.89 8.73 33.53
C ALA B 7 -19.36 9.59 32.36
N GLN B 8 -20.60 10.07 32.44
CA GLN B 8 -21.23 10.90 31.40
C GLN B 8 -21.42 10.08 30.09
N HIS B 9 -21.09 10.67 28.93
CA HIS B 9 -21.11 9.94 27.66
C HIS B 9 -19.68 9.80 27.12
N LEU B 10 -18.79 9.30 27.99
CA LEU B 10 -17.35 9.34 27.75
C LEU B 10 -16.72 7.96 27.94
N ASP B 11 -15.86 7.56 27.01
CA ASP B 11 -15.20 6.25 27.05
C ASP B 11 -13.68 6.39 26.89
N ILE B 12 -12.93 5.42 27.42
CA ILE B 12 -11.46 5.47 27.37
C ILE B 12 -10.95 5.88 25.99
N ALA B 13 -11.48 5.26 24.94
CA ALA B 13 -11.06 5.55 23.57
C ALA B 13 -11.13 7.05 23.24
N GLN B 14 -12.21 7.69 23.66
CA GLN B 14 -12.43 9.12 23.42
C GLN B 14 -11.33 10.01 24.02
N LEU B 15 -10.82 9.64 25.20
CA LEU B 15 -9.84 10.44 25.95
C LEU B 15 -8.40 10.31 25.42
N VAL B 16 -8.01 9.09 25.04
CA VAL B 16 -6.69 8.86 24.45
C VAL B 16 -6.55 9.59 23.11
N TRP B 17 -7.67 9.75 22.40
CA TRP B 17 -7.71 10.45 21.13
C TRP B 17 -7.28 11.91 21.25
N TYR B 18 -7.71 12.56 22.34
CA TYR B 18 -7.25 13.92 22.62
C TYR B 18 -5.77 13.90 22.96
N ALA B 19 -5.41 13.03 23.92
CA ALA B 19 -4.02 12.82 24.32
C ALA B 19 -3.09 12.65 23.11
N GLN B 20 -3.52 11.84 22.14
CA GLN B 20 -2.77 11.59 20.92
C GLN B 20 -2.54 12.90 20.16
N TRP B 21 -3.57 13.72 20.03
CA TRP B 21 -3.46 15.00 19.31
C TRP B 21 -2.56 16.01 20.03
N LEU B 22 -2.61 16.02 21.37
CA LEU B 22 -1.88 17.01 22.17
C LEU B 22 -0.38 16.69 22.25
N VAL B 23 -0.04 15.41 22.35
CA VAL B 23 1.37 14.98 22.33
C VAL B 23 1.97 15.30 20.97
N ILE B 24 1.23 14.99 19.91
CA ILE B 24 1.64 15.29 18.53
C ILE B 24 2.02 16.77 18.36
N TRP B 25 1.03 17.66 18.56
CA TRP B 25 1.22 19.09 18.40
C TRP B 25 2.16 19.71 19.44
N THR B 26 2.26 19.09 20.61
CA THR B 26 3.29 19.45 21.57
C THR B 26 4.64 19.28 20.89
N VAL B 27 4.91 18.05 20.45
CA VAL B 27 6.17 17.70 19.85
C VAL B 27 6.51 18.59 18.66
N VAL B 28 5.54 18.80 17.77
CA VAL B 28 5.77 19.59 16.56
C VAL B 28 6.14 21.03 16.88
N LEU B 29 5.24 21.72 17.58
CA LEU B 29 5.41 23.13 17.91
C LEU B 29 6.52 23.40 18.94
N LEU B 30 6.57 22.59 19.99
CA LEU B 30 7.49 22.81 21.14
C LEU B 30 8.82 22.07 21.08
N TYR B 31 9.01 21.21 20.07
CA TYR B 31 10.33 20.62 19.83
C TYR B 31 10.83 20.80 18.40
N LEU B 32 10.27 20.02 17.48
CA LEU B 32 10.80 19.95 16.11
C LEU B 32 10.88 21.33 15.46
N ARG B 33 9.90 22.18 15.74
CA ARG B 33 9.88 23.52 15.14
C ARG B 33 10.84 24.51 15.79
N ARG B 34 11.33 24.19 16.99
CA ARG B 34 12.40 24.97 17.61
C ARG B 34 13.77 24.47 17.15
N GLU B 35 13.87 23.17 16.88
CA GLU B 35 15.11 22.58 16.33
C GLU B 35 15.36 23.02 14.91
N ASP B 36 14.31 23.50 14.24
CA ASP B 36 14.39 24.09 12.92
C ASP B 36 14.97 25.51 12.97
N ARG B 37 14.91 26.15 14.14
CA ARG B 37 15.36 27.55 14.30
C ARG B 37 16.78 27.68 14.89
N ARG B 38 17.62 26.67 14.68
CA ARG B 38 19.03 26.75 15.10
C ARG B 38 19.95 27.32 14.02
N GLU B 39 19.41 27.54 12.83
CA GLU B 39 20.23 27.99 11.70
C GLU B 39 19.52 29.12 10.97
N GLY B 40 20.15 30.29 10.94
CA GLY B 40 19.60 31.46 10.26
C GLY B 40 18.88 32.43 11.18
N TYR B 41 18.74 32.06 12.46
CA TYR B 41 17.97 32.84 13.42
C TYR B 41 18.88 33.53 14.45
N PRO B 42 18.50 34.75 14.89
CA PRO B 42 17.21 35.42 14.62
C PRO B 42 17.11 36.07 13.24
N LEU B 43 15.89 36.46 12.85
CA LEU B 43 15.64 37.00 11.53
C LEU B 43 16.18 38.41 11.37
N VAL B 44 16.29 38.85 10.11
CA VAL B 44 17.01 40.08 9.76
C VAL B 44 16.24 40.92 8.72
N GLU B 45 16.49 42.24 8.73
CA GLU B 45 15.84 43.19 7.81
C GLU B 45 14.31 43.08 7.83
N GLU B 61 10.95 32.39 21.44
CA GLU B 61 10.79 31.12 20.76
C GLU B 61 12.11 30.54 20.20
N LEU B 62 13.25 31.18 20.50
CA LEU B 62 14.56 30.64 20.12
C LEU B 62 15.12 29.72 21.22
N PRO B 63 15.79 28.62 20.81
CA PRO B 63 16.32 27.66 21.77
C PRO B 63 17.64 28.08 22.44
N TYR B 64 17.97 27.42 23.55
CA TYR B 64 19.26 27.56 24.21
C TYR B 64 20.32 26.92 23.31
N PRO B 65 21.29 27.71 22.80
CA PRO B 65 22.28 27.25 21.81
C PRO B 65 22.95 25.90 22.13
N LYS B 66 23.28 25.16 21.06
CA LYS B 66 23.80 23.81 21.15
C LYS B 66 25.25 23.84 20.70
N THR B 67 26.13 23.23 21.48
CA THR B 67 27.53 23.08 21.10
C THR B 67 27.77 21.70 20.53
N PHE B 68 28.65 21.62 19.53
CA PHE B 68 29.13 20.36 19.02
C PHE B 68 30.62 20.27 19.34
N VAL B 69 31.01 19.23 20.08
CA VAL B 69 32.43 18.92 20.32
C VAL B 69 32.96 18.13 19.14
N LEU B 70 33.90 18.72 18.41
CA LEU B 70 34.36 18.18 17.13
C LEU B 70 35.25 16.94 17.30
N PRO B 71 35.28 16.06 16.27
CA PRO B 71 36.04 14.82 16.37
C PRO B 71 37.54 15.04 16.43
N HIS B 72 38.02 16.04 15.69
CA HIS B 72 39.45 16.35 15.63
C HIS B 72 39.76 17.68 16.35
N GLY B 73 39.36 17.75 17.62
CA GLY B 73 39.68 18.90 18.47
C GLY B 73 38.76 20.08 18.30
N GLY B 74 38.59 20.85 19.37
CA GLY B 74 37.77 22.06 19.36
C GLY B 74 36.28 21.80 19.59
N THR B 75 35.52 22.89 19.64
CA THR B 75 34.05 22.84 19.67
C THR B 75 33.46 23.98 18.82
N VAL B 76 32.14 23.95 18.62
CA VAL B 76 31.48 24.94 17.78
C VAL B 76 29.99 25.01 18.13
N THR B 77 29.60 26.12 18.77
CA THR B 77 28.20 26.36 19.10
C THR B 77 27.50 27.01 17.92
N VAL B 78 26.32 26.50 17.61
CA VAL B 78 25.58 26.96 16.44
C VAL B 78 24.29 27.65 16.91
N PRO B 79 23.82 28.66 16.15
CA PRO B 79 24.34 29.12 14.86
C PRO B 79 25.66 29.89 14.98
N ARG B 80 26.40 29.95 13.87
CA ARG B 80 27.65 30.70 13.83
C ARG B 80 27.39 32.21 13.77
N ARG B 81 28.18 32.97 14.53
CA ARG B 81 28.30 34.42 14.34
C ARG B 81 29.74 34.63 13.91
N ARG B 82 29.94 35.16 12.70
CA ARG B 82 31.30 35.43 12.23
C ARG B 82 31.77 36.82 12.70
N PRO B 83 33.07 36.94 13.06
CA PRO B 83 33.66 38.24 13.41
C PRO B 83 33.66 39.28 12.28
N GLU B 84 33.45 38.83 11.05
CA GLU B 84 33.37 39.72 9.89
C GLU B 84 32.09 39.47 9.11
N THR B 85 31.51 40.55 8.59
CA THR B 85 30.38 40.46 7.67
C THR B 85 30.83 40.83 6.25
N ARG B 86 30.64 39.91 5.32
CA ARG B 86 31.09 40.09 3.94
C ARG B 86 30.21 41.08 3.20
N GLU B 87 30.83 41.85 2.32
CA GLU B 87 30.14 42.85 1.54
C GLU B 87 29.47 42.17 0.35
N LEU B 88 28.20 42.49 0.12
CA LEU B 88 27.46 41.93 -1.00
C LEU B 88 27.29 42.98 -2.09
N LYS B 89 27.97 42.76 -3.21
CA LYS B 89 27.84 43.65 -4.36
C LYS B 89 26.52 43.40 -5.09
N LEU B 90 25.43 43.90 -4.51
CA LEU B 90 24.09 43.79 -5.11
C LEU B 90 23.42 45.17 -5.02
N ALA B 91 22.18 45.26 -5.50
CA ALA B 91 21.44 46.53 -5.47
C ALA B 91 19.94 46.34 -5.57
N GLN B 92 19.21 46.99 -4.67
CA GLN B 92 17.74 46.97 -4.63
C GLN B 92 17.11 47.28 -5.99
N THR B 93 16.09 46.50 -6.36
CA THR B 93 15.37 46.72 -7.61
C THR B 93 14.32 47.82 -7.39
N ASP B 94 13.40 47.56 -6.47
CA ASP B 94 12.26 48.44 -6.22
C ASP B 94 12.16 48.71 -4.73
N GLY B 95 11.37 49.71 -4.35
CA GLY B 95 11.17 50.06 -2.95
C GLY B 95 10.25 49.12 -2.16
N PHE B 96 9.82 48.05 -2.80
CA PHE B 96 8.96 47.03 -2.17
C PHE B 96 9.74 46.22 -1.15
N GLU B 97 9.11 45.89 -0.03
CA GLU B 97 9.73 45.11 1.04
C GLU B 97 10.45 43.87 0.50
N GLY B 98 9.75 43.09 -0.32
CA GLY B 98 10.29 41.84 -0.86
C GLY B 98 10.66 41.92 -2.34
N ALA B 99 11.37 42.98 -2.70
CA ALA B 99 11.84 43.15 -4.08
C ALA B 99 13.13 42.38 -4.26
N PRO B 100 13.32 41.76 -5.45
CA PRO B 100 14.57 41.05 -5.70
C PRO B 100 15.77 41.99 -5.74
N LEU B 101 16.96 41.43 -5.92
CA LEU B 101 18.18 42.22 -5.96
C LEU B 101 18.96 41.92 -7.24
N GLN B 102 19.36 42.98 -7.94
CA GLN B 102 20.10 42.84 -9.19
C GLN B 102 21.59 43.05 -8.89
N PRO B 103 22.48 42.29 -9.57
CA PRO B 103 23.92 42.48 -9.35
C PRO B 103 24.49 43.82 -9.82
N THR B 104 25.36 44.41 -8.99
CA THR B 104 26.07 45.63 -9.34
C THR B 104 27.25 45.26 -10.24
N GLY B 105 28.21 44.52 -9.67
CA GLY B 105 29.40 44.09 -10.39
C GLY B 105 29.20 42.76 -11.11
N ASN B 106 30.31 42.13 -11.48
CA ASN B 106 30.27 40.80 -12.09
C ASN B 106 29.87 39.79 -11.03
N PRO B 107 28.66 39.22 -11.15
CA PRO B 107 28.08 38.43 -10.05
C PRO B 107 28.79 37.11 -9.73
N LEU B 108 29.46 36.53 -10.72
CA LEU B 108 30.13 35.24 -10.53
C LEU B 108 31.33 35.37 -9.61
N VAL B 109 32.25 36.25 -9.97
CA VAL B 109 33.46 36.46 -9.18
C VAL B 109 33.14 37.08 -7.82
N ASP B 110 32.12 37.93 -7.78
CA ASP B 110 31.60 38.44 -6.52
C ASP B 110 31.02 37.31 -5.67
N ALA B 111 30.45 36.30 -6.33
CA ALA B 111 29.83 35.19 -5.64
C ALA B 111 28.56 35.68 -4.97
N VAL B 112 27.51 35.79 -5.77
CA VAL B 112 26.22 36.29 -5.30
C VAL B 112 25.09 35.55 -6.02
N GLY B 113 23.93 35.50 -5.39
CA GLY B 113 22.81 34.71 -5.91
C GLY B 113 23.21 33.25 -5.91
N PRO B 114 23.04 32.55 -7.04
CA PRO B 114 23.46 31.15 -7.10
C PRO B 114 24.99 30.93 -7.17
N ALA B 115 25.76 32.00 -7.28
CA ALA B 115 27.23 31.93 -7.23
C ALA B 115 27.76 32.12 -5.80
N SER B 116 26.84 32.32 -4.85
CA SER B 116 27.20 32.62 -3.46
C SER B 116 27.88 31.44 -2.78
N TYR B 117 28.68 31.75 -1.76
CA TYR B 117 29.30 30.72 -0.93
C TYR B 117 29.02 30.95 0.56
N ALA B 118 28.98 29.86 1.33
CA ALA B 118 28.79 29.95 2.77
C ALA B 118 30.14 30.19 3.44
N GLU B 119 30.11 30.90 4.57
CA GLU B 119 31.32 31.24 5.33
C GLU B 119 31.79 30.06 6.17
N ARG B 120 32.17 28.98 5.49
CA ARG B 120 32.62 27.77 6.17
C ARG B 120 34.05 27.95 6.66
N ALA B 121 34.45 27.10 7.60
CA ALA B 121 35.76 27.22 8.23
C ALA B 121 36.86 27.07 7.19
N GLU B 122 37.95 27.82 7.36
CA GLU B 122 39.12 27.69 6.51
C GLU B 122 40.02 26.58 7.06
N VAL B 123 39.43 25.39 7.16
CA VAL B 123 40.11 24.21 7.66
C VAL B 123 39.83 23.08 6.68
N VAL B 124 40.79 22.15 6.58
CA VAL B 124 40.69 21.02 5.66
C VAL B 124 39.85 19.89 6.30
N ASP B 125 38.91 19.34 5.52
CA ASP B 125 38.08 18.23 6.01
C ASP B 125 38.97 17.01 6.27
N ALA B 126 38.67 16.28 7.33
CA ALA B 126 39.60 15.33 7.93
C ALA B 126 39.07 13.89 8.07
N THR B 127 39.81 12.91 7.54
CA THR B 127 39.51 11.49 7.72
C THR B 127 39.50 11.14 9.23
N VAL B 128 38.88 10.02 9.60
CA VAL B 128 38.79 9.61 11.01
C VAL B 128 40.14 9.58 11.72
N ASP B 129 41.15 9.06 11.04
CA ASP B 129 42.50 8.93 11.62
C ASP B 129 43.28 10.26 11.69
N GLY B 130 42.92 11.22 10.84
CA GLY B 130 43.53 12.56 10.88
C GLY B 130 43.81 13.16 9.51
N LYS B 131 44.03 12.30 8.52
CA LYS B 131 44.53 12.74 7.21
C LYS B 131 43.54 13.64 6.46
N ALA B 132 44.05 14.36 5.46
CA ALA B 132 43.21 15.18 4.60
C ALA B 132 42.20 14.31 3.86
N LYS B 133 40.93 14.69 3.92
CA LYS B 133 39.86 13.87 3.32
C LYS B 133 39.84 13.98 1.81
N ILE B 134 39.64 15.19 1.30
CA ILE B 134 39.60 15.43 -0.15
C ILE B 134 41.02 15.81 -0.64
N VAL B 135 41.63 14.92 -1.42
CA VAL B 135 42.98 15.13 -1.96
C VAL B 135 43.10 14.50 -3.36
N PRO B 136 44.07 14.98 -4.16
CA PRO B 136 44.25 14.42 -5.50
C PRO B 136 44.89 13.02 -5.50
N LEU B 137 44.77 12.34 -6.64
CA LEU B 137 45.29 10.99 -6.78
C LEU B 137 46.81 10.97 -6.81
N ARG B 138 47.41 12.09 -7.23
CA ARG B 138 48.86 12.25 -7.13
C ARG B 138 49.35 12.15 -5.68
N VAL B 139 48.48 12.55 -4.75
CA VAL B 139 48.74 12.37 -3.31
C VAL B 139 48.32 10.96 -2.90
N ALA B 140 47.10 10.57 -3.29
CA ALA B 140 46.53 9.28 -2.92
C ALA B 140 47.13 8.18 -3.78
N THR B 141 48.22 7.59 -3.29
CA THR B 141 48.91 6.52 -4.00
C THR B 141 48.22 5.17 -3.81
N ASP B 142 47.47 5.02 -2.72
CA ASP B 142 46.73 3.77 -2.45
C ASP B 142 45.31 3.75 -3.04
N PHE B 143 44.95 4.81 -3.77
CA PHE B 143 43.69 4.86 -4.49
C PHE B 143 43.90 4.67 -5.98
N SER B 144 42.84 4.31 -6.69
CA SER B 144 42.85 4.18 -8.14
C SER B 144 41.43 4.33 -8.71
N ILE B 145 41.32 4.22 -10.03
CA ILE B 145 40.02 4.11 -10.69
C ILE B 145 39.74 2.63 -10.93
N ALA B 146 38.52 2.20 -10.64
CA ALA B 146 38.12 0.80 -10.80
C ALA B 146 38.11 0.43 -12.27
N GLU B 147 38.62 -0.76 -12.59
CA GLU B 147 38.66 -1.23 -13.97
C GLU B 147 37.26 -1.23 -14.55
N GLY B 148 37.10 -0.63 -15.73
CA GLY B 148 35.80 -0.54 -16.38
C GLY B 148 35.43 0.91 -16.64
N ASP B 149 35.57 1.75 -15.61
CA ASP B 149 35.28 3.19 -15.72
C ASP B 149 36.39 3.93 -16.44
N VAL B 150 36.03 5.10 -16.96
CA VAL B 150 36.92 5.92 -17.80
C VAL B 150 37.91 6.69 -16.94
N ASP B 151 39.17 6.73 -17.39
CA ASP B 151 40.19 7.58 -16.78
C ASP B 151 40.22 8.89 -17.56
N PRO B 152 39.77 9.99 -16.92
CA PRO B 152 39.67 11.25 -17.66
C PRO B 152 40.99 12.02 -17.75
N ARG B 153 41.95 11.68 -16.90
CA ARG B 153 43.25 12.34 -16.87
C ARG B 153 43.86 12.42 -18.27
N GLY B 154 43.77 13.60 -18.88
CA GLY B 154 44.34 13.84 -20.20
C GLY B 154 43.32 14.01 -21.32
N LEU B 155 42.05 13.87 -21.01
CA LEU B 155 41.00 14.19 -21.97
C LEU B 155 40.82 15.71 -21.97
N PRO B 156 40.38 16.29 -23.11
CA PRO B 156 40.06 17.71 -23.23
C PRO B 156 38.65 18.10 -22.74
N VAL B 157 38.57 18.95 -21.72
CA VAL B 157 37.28 19.45 -21.24
C VAL B 157 36.72 20.54 -22.19
N VAL B 158 35.45 20.40 -22.60
CA VAL B 158 34.82 21.32 -23.57
C VAL B 158 33.54 21.98 -23.05
N ALA B 159 33.49 23.30 -23.18
CA ALA B 159 32.49 24.13 -22.50
C ALA B 159 31.12 24.14 -23.19
N ALA B 160 30.28 25.10 -22.80
CA ALA B 160 28.92 25.28 -23.34
C ALA B 160 28.93 25.85 -24.76
N ASP B 161 29.86 26.77 -25.02
CA ASP B 161 30.06 27.32 -26.36
C ASP B 161 30.65 26.30 -27.36
N GLY B 162 31.23 25.21 -26.83
CA GLY B 162 31.81 24.15 -27.66
C GLY B 162 33.30 24.31 -27.83
N VAL B 163 33.88 25.30 -27.15
CA VAL B 163 35.31 25.55 -27.20
C VAL B 163 36.02 24.66 -26.16
N GLU B 164 37.23 24.24 -26.50
CA GLU B 164 38.08 23.48 -25.58
C GLU B 164 38.66 24.43 -24.53
N ALA B 165 38.27 24.22 -23.27
CA ALA B 165 38.69 25.09 -22.15
C ALA B 165 39.93 24.59 -21.38
N GLY B 166 40.41 23.39 -21.69
CA GLY B 166 41.63 22.88 -21.07
C GLY B 166 41.87 21.39 -21.27
N THR B 167 42.54 20.78 -20.28
CA THR B 167 42.75 19.33 -20.25
C THR B 167 42.70 18.86 -18.79
N VAL B 168 41.95 17.79 -18.53
CA VAL B 168 41.97 17.19 -17.21
C VAL B 168 43.41 16.83 -16.90
N THR B 169 43.82 17.02 -15.65
CA THR B 169 45.19 16.71 -15.21
C THR B 169 45.25 15.87 -13.92
N ASP B 170 44.16 15.80 -13.16
CA ASP B 170 44.07 14.90 -12.00
C ASP B 170 42.62 14.76 -11.49
N LEU B 171 42.40 13.75 -10.65
CA LEU B 171 41.13 13.53 -9.97
C LEU B 171 41.35 13.73 -8.48
N TRP B 172 40.32 14.14 -7.76
CA TRP B 172 40.41 14.36 -6.32
C TRP B 172 39.41 13.46 -5.59
N VAL B 173 39.93 12.37 -5.04
CA VAL B 173 39.13 11.37 -4.34
C VAL B 173 38.77 11.76 -2.91
N ASP B 174 37.59 11.38 -2.45
CA ASP B 174 37.24 11.45 -1.04
C ASP B 174 37.68 10.15 -0.40
N ARG B 175 38.64 10.24 0.51
CA ARG B 175 39.30 9.06 1.07
C ARG B 175 38.49 8.38 2.16
N SER B 176 37.59 9.14 2.78
CA SER B 176 36.71 8.62 3.81
C SER B 176 35.65 7.70 3.23
N GLU B 177 35.08 8.06 2.09
CA GLU B 177 33.99 7.28 1.47
C GLU B 177 34.38 6.59 0.17
N HIS B 178 35.59 6.87 -0.32
CA HIS B 178 36.11 6.32 -1.57
C HIS B 178 35.27 6.77 -2.76
N TYR B 179 35.05 8.09 -2.85
CA TYR B 179 34.15 8.67 -3.84
C TYR B 179 34.78 9.89 -4.53
N PHE B 180 34.81 9.86 -5.86
CA PHE B 180 35.41 10.95 -6.65
C PHE B 180 34.54 12.19 -6.61
N ARG B 181 35.09 13.28 -6.09
CA ARG B 181 34.31 14.50 -5.88
C ARG B 181 34.69 15.66 -6.79
N TYR B 182 35.94 15.72 -7.24
CA TYR B 182 36.39 16.83 -8.08
C TYR B 182 37.21 16.40 -9.31
N LEU B 183 37.30 17.32 -10.28
CA LEU B 183 38.14 17.14 -11.45
C LEU B 183 39.02 18.38 -11.67
N GLU B 184 40.35 18.18 -11.64
CA GLU B 184 41.31 19.26 -11.87
C GLU B 184 41.73 19.31 -13.34
N LEU B 185 41.68 20.50 -13.92
CA LEU B 185 42.00 20.73 -15.32
C LEU B 185 42.91 21.95 -15.45
N SER B 186 43.94 21.85 -16.29
CA SER B 186 44.75 23.00 -16.61
C SER B 186 43.99 23.87 -17.60
N VAL B 187 43.82 25.15 -17.25
CA VAL B 187 43.16 26.10 -18.14
C VAL B 187 44.16 26.56 -19.17
N ALA B 188 43.84 26.37 -20.46
CA ALA B 188 44.74 26.72 -21.54
C ALA B 188 44.84 28.25 -21.70
N GLY B 189 46.09 28.74 -21.82
CA GLY B 189 46.39 30.18 -21.92
C GLY B 189 46.77 30.85 -20.61
N SER B 190 46.22 30.33 -19.50
CA SER B 190 46.35 30.94 -18.17
C SER B 190 47.49 30.38 -17.34
N ALA B 191 47.97 29.18 -17.71
CA ALA B 191 49.03 28.47 -16.95
C ALA B 191 48.67 28.22 -15.48
N ARG B 192 47.39 27.97 -15.20
CA ARG B 192 46.88 27.69 -13.85
C ARG B 192 45.93 26.51 -13.92
N THR B 193 45.88 25.73 -12.84
CA THR B 193 44.90 24.65 -12.74
C THR B 193 43.63 25.20 -12.09
N ALA B 194 42.54 24.43 -12.20
CA ALA B 194 41.23 24.80 -11.64
C ALA B 194 40.38 23.55 -11.39
N LEU B 195 39.76 23.48 -10.22
CA LEU B 195 38.89 22.36 -9.87
C LEU B 195 37.46 22.55 -10.39
N ILE B 196 36.81 21.45 -10.72
CA ILE B 196 35.39 21.42 -11.03
C ILE B 196 34.76 20.23 -10.26
N PRO B 197 33.51 20.37 -9.78
CA PRO B 197 32.80 19.20 -9.24
C PRO B 197 32.33 18.24 -10.34
N LEU B 198 32.39 16.94 -10.07
CA LEU B 198 31.93 15.94 -11.04
C LEU B 198 30.47 16.13 -11.41
N GLY B 199 29.72 16.79 -10.53
CA GLY B 199 28.32 17.08 -10.77
C GLY B 199 28.07 18.06 -11.91
N PHE B 200 29.12 18.69 -12.41
CA PHE B 200 29.01 19.57 -13.59
C PHE B 200 29.63 18.93 -14.84
N CYS B 201 30.06 17.67 -14.71
CA CYS B 201 30.84 17.02 -15.74
C CYS B 201 30.15 15.78 -16.30
N ASP B 202 29.70 15.90 -17.54
CA ASP B 202 29.27 14.75 -18.32
C ASP B 202 30.57 14.07 -18.71
N VAL B 203 30.86 12.93 -18.09
CA VAL B 203 32.10 12.19 -18.38
C VAL B 203 31.91 11.28 -19.59
N LYS B 204 32.62 11.58 -20.69
CA LYS B 204 32.60 10.73 -21.88
C LYS B 204 33.86 9.86 -21.94
N LYS B 205 33.97 9.06 -23.00
CA LYS B 205 35.19 8.30 -23.30
C LYS B 205 36.34 9.21 -23.74
N ASP B 206 36.03 10.25 -24.51
CA ASP B 206 37.04 11.07 -25.18
C ASP B 206 37.06 12.55 -24.76
N LYS B 207 36.09 12.98 -23.97
CA LYS B 207 36.02 14.39 -23.55
C LYS B 207 35.10 14.58 -22.35
N ILE B 208 35.09 15.80 -21.84
CA ILE B 208 34.28 16.18 -20.67
C ILE B 208 33.47 17.44 -21.02
N VAL B 209 32.14 17.33 -20.96
CA VAL B 209 31.26 18.45 -21.30
C VAL B 209 30.78 19.20 -20.07
N VAL B 210 31.02 20.51 -20.06
CA VAL B 210 30.61 21.39 -18.97
C VAL B 210 29.75 22.51 -19.54
N THR B 211 28.44 22.28 -19.56
CA THR B 211 27.48 23.27 -20.05
C THR B 211 27.24 24.41 -19.04
N SER B 212 27.80 24.29 -17.84
CA SER B 212 27.52 25.23 -16.75
C SER B 212 28.23 26.57 -16.91
N ILE B 213 29.40 26.58 -17.55
CA ILE B 213 30.12 27.83 -17.80
C ILE B 213 30.82 27.87 -19.17
N LEU B 214 30.93 29.07 -19.74
CA LEU B 214 31.61 29.27 -21.03
C LEU B 214 33.13 29.11 -20.88
N SER B 215 33.79 28.87 -22.01
CA SER B 215 35.25 28.72 -22.05
C SER B 215 35.97 29.91 -21.41
N GLU B 216 35.55 31.12 -21.78
CA GLU B 216 36.15 32.37 -21.28
C GLU B 216 36.21 32.50 -19.75
N GLN B 217 35.31 31.80 -19.06
CA GLN B 217 35.10 31.99 -17.62
C GLN B 217 35.99 31.14 -16.70
N PHE B 218 36.35 29.94 -17.15
CA PHE B 218 37.23 29.03 -16.37
C PHE B 218 38.44 29.73 -15.73
N ALA B 219 38.97 30.74 -16.41
CA ALA B 219 40.13 31.45 -15.90
C ALA B 219 39.88 32.12 -14.55
N ASN B 220 38.63 32.52 -14.29
CA ASN B 220 38.28 33.24 -13.07
C ASN B 220 37.71 32.37 -11.95
N VAL B 221 37.85 31.04 -12.08
CA VAL B 221 37.40 30.14 -11.03
C VAL B 221 38.25 30.42 -9.78
N PRO B 222 37.64 30.32 -8.58
CA PRO B 222 38.40 30.58 -7.35
C PRO B 222 39.68 29.75 -7.24
N ARG B 223 40.77 30.42 -6.90
CA ARG B 223 42.05 29.78 -6.75
C ARG B 223 42.16 29.15 -5.36
N LEU B 224 42.71 27.93 -5.31
CA LEU B 224 43.00 27.29 -4.05
C LEU B 224 44.21 27.99 -3.42
N GLN B 225 44.35 27.84 -2.11
CA GLN B 225 45.47 28.39 -1.36
C GLN B 225 46.67 27.46 -1.46
N SER B 226 46.42 26.14 -1.48
CA SER B 226 47.49 25.11 -1.53
C SER B 226 47.21 24.06 -2.61
N ARG B 227 48.26 23.60 -3.28
CA ARG B 227 48.10 22.79 -4.49
C ARG B 227 47.51 21.41 -4.23
N ASP B 228 47.85 20.80 -3.10
CA ASP B 228 47.43 19.43 -2.79
C ASP B 228 46.35 19.33 -1.70
N GLN B 229 45.73 20.45 -1.33
CA GLN B 229 44.61 20.39 -0.38
C GLN B 229 43.64 21.57 -0.46
N ILE B 230 42.42 21.31 0.01
CA ILE B 230 41.28 22.18 -0.22
C ILE B 230 40.46 22.35 1.08
N THR B 231 40.25 23.60 1.48
CA THR B 231 39.49 23.91 2.70
C THR B 231 37.98 23.90 2.45
N LEU B 232 37.19 23.78 3.52
CA LEU B 232 35.74 23.74 3.40
C LEU B 232 35.22 24.95 2.63
N ARG B 233 35.70 26.14 2.99
CA ARG B 233 35.27 27.36 2.30
C ARG B 233 35.63 27.29 0.83
N GLU B 234 36.80 26.75 0.52
CA GLU B 234 37.23 26.60 -0.87
C GLU B 234 36.35 25.62 -1.66
N GLU B 235 35.77 24.63 -0.99
CA GLU B 235 34.90 23.68 -1.67
C GLU B 235 33.59 24.33 -2.08
N ASP B 236 33.08 25.23 -1.23
CA ASP B 236 31.92 26.04 -1.56
C ASP B 236 32.24 26.98 -2.70
N LYS B 237 33.20 27.89 -2.48
CA LYS B 237 33.61 28.87 -3.47
C LYS B 237 33.61 28.31 -4.89
N VAL B 238 34.32 27.21 -5.06
CA VAL B 238 34.46 26.56 -6.36
C VAL B 238 33.11 26.01 -6.83
N SER B 239 32.47 25.24 -5.97
CA SER B 239 31.15 24.69 -6.27
C SER B 239 30.15 25.78 -6.62
N ALA B 240 30.14 26.84 -5.82
CA ALA B 240 29.26 27.99 -6.04
C ALA B 240 29.43 28.61 -7.43
N TYR B 241 30.69 28.83 -7.80
CA TYR B 241 31.04 29.41 -9.09
C TYR B 241 30.25 28.78 -10.23
N TYR B 242 30.37 27.46 -10.37
CA TYR B 242 29.75 26.74 -11.50
C TYR B 242 28.23 26.81 -11.45
N ALA B 243 27.68 26.69 -10.24
CA ALA B 243 26.24 26.82 -10.04
C ALA B 243 25.78 28.23 -10.39
N GLY B 244 26.64 29.21 -10.12
CA GLY B 244 26.39 30.60 -10.49
C GLY B 244 26.33 30.80 -11.99
N GLY B 245 27.14 30.04 -12.71
CA GLY B 245 27.18 30.10 -14.16
C GLY B 245 25.89 29.70 -14.85
N LEU B 246 25.13 28.80 -14.22
CA LEU B 246 23.89 28.28 -14.80
C LEU B 246 22.85 29.36 -15.08
N LEU B 247 22.93 30.46 -14.34
CA LEU B 247 22.05 31.62 -14.55
C LEU B 247 22.81 32.85 -15.06
N TYR B 248 24.15 32.81 -15.00
CA TYR B 248 24.98 33.97 -15.36
C TYR B 248 26.01 33.70 -16.47
N ALA B 249 25.92 32.56 -17.15
CA ALA B 249 26.87 32.28 -18.24
C ALA B 249 26.72 33.29 -19.37
N THR B 250 25.51 33.37 -19.95
CA THR B 250 25.18 34.38 -20.96
C THR B 250 24.07 35.27 -20.39
N PRO B 251 23.73 36.38 -21.09
CA PRO B 251 22.59 37.21 -20.65
C PRO B 251 21.21 36.60 -20.94
N GLU B 252 21.16 35.58 -21.79
CA GLU B 252 19.91 34.87 -22.10
C GLU B 252 19.48 33.93 -20.97
N ARG B 253 20.43 33.43 -20.19
CA ARG B 253 20.15 32.43 -19.14
C ARG B 253 19.43 32.95 -17.89
N ALA B 254 19.32 34.27 -17.75
CA ALA B 254 18.64 34.89 -16.60
C ALA B 254 17.16 35.23 -16.88
N GLU B 255 16.84 35.52 -18.14
CA GLU B 255 15.48 35.96 -18.52
C GLU B 255 14.48 34.77 -18.52
N SER B 256 13.26 35.00 -19.02
CA SER B 256 12.25 33.93 -19.16
C SER B 256 12.56 32.99 -20.32
N LEU B 257 12.16 31.73 -20.19
CA LEU B 257 12.34 30.77 -21.29
C LEU B 257 11.31 30.99 -22.40
N LEU B 258 10.05 31.23 -22.02
CA LEU B 258 8.98 31.49 -22.99
C LEU B 258 8.16 32.72 -22.59
N ALA C 2 12.19 39.00 8.88
CA ALA C 2 11.70 38.93 7.47
C ALA C 2 12.56 37.99 6.62
N LEU C 3 13.87 38.00 6.89
CA LEU C 3 14.84 37.17 6.15
C LEU C 3 15.72 36.35 7.10
N LEU C 4 16.16 35.17 6.65
CA LEU C 4 17.12 34.37 7.40
C LEU C 4 18.49 35.06 7.38
N SER C 5 19.29 34.80 8.40
CA SER C 5 20.59 35.48 8.56
C SER C 5 21.53 35.22 7.40
N PHE C 6 21.25 34.18 6.61
CA PHE C 6 22.02 33.86 5.40
C PHE C 6 21.22 33.97 4.09
N GLU C 7 20.11 34.72 4.10
CA GLU C 7 19.13 34.67 3.00
C GLU C 7 19.23 35.79 1.96
N ARG C 8 19.63 36.99 2.38
CA ARG C 8 19.65 38.17 1.49
C ARG C 8 20.49 37.94 0.22
N LYS C 9 21.63 37.26 0.38
CA LYS C 9 22.56 37.04 -0.73
C LYS C 9 22.05 36.11 -1.85
N TYR C 10 20.93 35.42 -1.61
CA TYR C 10 20.31 34.55 -2.61
C TYR C 10 19.09 35.17 -3.30
N ARG C 11 18.50 36.19 -2.69
CA ARG C 11 17.33 36.86 -3.26
C ARG C 11 17.67 37.70 -4.50
N VAL C 12 17.91 37.03 -5.61
CA VAL C 12 18.28 37.70 -6.87
C VAL C 12 17.23 37.45 -7.97
N ARG C 13 17.07 38.41 -8.88
CA ARG C 13 16.15 38.24 -10.00
C ARG C 13 16.58 37.11 -10.94
N GLY C 14 15.60 36.39 -11.50
CA GLY C 14 15.87 35.31 -12.46
C GLY C 14 15.37 33.93 -12.03
N GLY C 15 15.40 32.99 -12.97
CA GLY C 15 14.85 31.65 -12.77
C GLY C 15 13.44 31.46 -13.31
N THR C 16 12.72 32.55 -13.51
CA THR C 16 11.32 32.51 -13.94
C THR C 16 11.16 31.91 -15.34
N LEU C 17 10.25 30.94 -15.46
CA LEU C 17 9.99 30.25 -16.74
C LEU C 17 9.30 31.18 -17.72
N ILE C 18 8.25 31.86 -17.25
CA ILE C 18 7.57 32.92 -18.00
C ILE C 18 7.11 34.01 -17.06
N GLY C 19 6.97 35.23 -17.58
CA GLY C 19 6.52 36.40 -16.81
C GLY C 19 7.59 37.48 -16.71
N GLY C 20 8.83 37.04 -16.58
CA GLY C 20 9.97 37.95 -16.55
C GLY C 20 10.09 38.61 -15.19
N ASP C 21 10.08 39.93 -15.18
CA ASP C 21 10.19 40.70 -13.92
C ASP C 21 8.81 40.93 -13.29
N LEU C 22 7.74 40.70 -14.05
CA LEU C 22 6.41 41.10 -13.59
C LEU C 22 6.00 40.35 -12.33
N PHE C 23 6.21 39.03 -12.33
CA PHE C 23 5.78 38.17 -11.22
C PHE C 23 6.93 37.73 -10.31
N ASP C 24 8.18 37.93 -10.76
CA ASP C 24 9.36 37.51 -10.01
C ASP C 24 9.56 38.37 -8.76
N PHE C 25 8.88 38.01 -7.67
CA PHE C 25 9.05 38.69 -6.37
C PHE C 25 8.56 37.82 -5.20
N TRP C 26 8.86 38.26 -3.97
CA TRP C 26 8.47 37.54 -2.74
C TRP C 26 7.41 38.32 -1.94
N VAL C 27 6.48 37.58 -1.33
CA VAL C 27 5.53 38.15 -0.38
C VAL C 27 5.66 37.38 0.94
N GLY C 28 6.36 37.99 1.90
CA GLY C 28 6.75 37.32 3.12
C GLY C 28 7.89 36.38 2.78
N PRO C 29 7.96 35.21 3.41
CA PRO C 29 8.95 34.22 3.03
C PRO C 29 8.65 33.55 1.68
N TYR C 30 7.38 33.55 1.28
CA TYR C 30 6.93 32.85 0.08
C TYR C 30 7.41 33.52 -1.21
N PHE C 31 7.86 32.72 -2.17
CA PHE C 31 8.14 33.21 -3.51
C PHE C 31 6.84 33.20 -4.27
N VAL C 32 6.71 34.13 -5.22
CA VAL C 32 5.51 34.23 -6.03
C VAL C 32 5.76 33.58 -7.40
N GLY C 33 6.17 34.38 -8.39
CA GLY C 33 6.23 33.94 -9.79
C GLY C 33 4.85 33.91 -10.41
N PHE C 34 4.76 33.46 -11.66
CA PHE C 34 3.48 33.33 -12.34
C PHE C 34 2.71 32.13 -11.77
N PHE C 35 3.41 31.01 -11.59
CA PHE C 35 2.80 29.77 -11.10
C PHE C 35 2.30 29.89 -9.65
N GLY C 36 2.96 30.74 -8.86
CA GLY C 36 2.48 31.09 -7.52
C GLY C 36 1.18 31.86 -7.54
N VAL C 37 0.96 32.64 -8.61
CA VAL C 37 -0.33 33.31 -8.82
C VAL C 37 -1.35 32.30 -9.31
N SER C 38 -1.03 31.54 -10.35
CA SER C 38 -1.96 30.54 -10.87
C SER C 38 -2.39 29.57 -9.75
N ALA C 39 -1.46 29.11 -8.94
CA ALA C 39 -1.79 28.27 -7.77
C ALA C 39 -2.83 28.96 -6.88
N ILE C 40 -2.58 30.22 -6.53
CA ILE C 40 -3.49 31.03 -5.68
C ILE C 40 -4.89 31.15 -6.32
N PHE C 41 -4.90 31.34 -7.63
CA PHE C 41 -6.15 31.41 -8.40
C PHE C 41 -6.91 30.09 -8.30
N PHE C 42 -6.21 28.99 -8.61
CA PHE C 42 -6.82 27.66 -8.64
C PHE C 42 -7.12 27.08 -7.25
N ILE C 43 -6.41 27.55 -6.22
CA ILE C 43 -6.74 27.19 -4.84
C ILE C 43 -8.06 27.86 -4.44
N PHE C 44 -8.06 29.20 -4.48
CA PHE C 44 -9.23 30.04 -4.15
C PHE C 44 -10.49 29.62 -4.90
N LEU C 45 -10.35 29.28 -6.18
CA LEU C 45 -11.48 28.86 -7.02
C LEU C 45 -12.00 27.48 -6.61
N GLY C 46 -11.10 26.60 -6.19
CA GLY C 46 -11.46 25.26 -5.70
C GLY C 46 -11.95 25.27 -4.26
N VAL C 47 -11.39 26.16 -3.45
CA VAL C 47 -11.81 26.34 -2.04
C VAL C 47 -13.20 26.97 -1.94
N SER C 48 -13.41 28.03 -2.72
CA SER C 48 -14.70 28.71 -2.74
C SER C 48 -15.83 27.83 -3.29
N LEU C 49 -15.49 26.90 -4.19
CA LEU C 49 -16.50 26.01 -4.80
C LEU C 49 -16.78 24.72 -4.00
N ILE C 50 -15.85 24.32 -3.13
CA ILE C 50 -16.14 23.31 -2.11
C ILE C 50 -17.17 23.93 -1.17
N GLY C 51 -16.79 25.08 -0.59
CA GLY C 51 -17.59 25.80 0.39
C GLY C 51 -19.03 26.05 -0.04
N TYR C 52 -19.23 26.37 -1.31
CA TYR C 52 -20.58 26.45 -1.87
C TYR C 52 -21.26 25.09 -1.68
N ALA C 53 -20.63 24.04 -2.19
CA ALA C 53 -21.18 22.67 -2.08
C ALA C 53 -21.40 22.23 -0.64
N ALA C 54 -20.52 22.67 0.26
CA ALA C 54 -20.56 22.29 1.66
C ALA C 54 -21.79 22.85 2.37
N SER C 55 -22.24 24.03 1.95
CA SER C 55 -23.45 24.65 2.52
C SER C 55 -24.72 23.96 2.04
N GLN C 56 -24.74 23.58 0.76
CA GLN C 56 -25.92 22.93 0.16
C GLN C 56 -26.11 21.51 0.73
N GLY C 57 -25.08 20.98 1.37
CA GLY C 57 -25.16 19.66 2.01
C GLY C 57 -25.96 19.70 3.31
N PRO C 58 -26.13 18.52 3.93
CA PRO C 58 -26.91 18.40 5.16
C PRO C 58 -26.14 18.76 6.42
N THR C 59 -24.80 18.62 6.39
CA THR C 59 -23.96 18.82 7.58
C THR C 59 -22.75 19.72 7.34
N TRP C 60 -22.22 20.28 8.42
CA TRP C 60 -20.99 21.08 8.40
C TRP C 60 -19.90 20.47 9.31
N ASP C 61 -20.15 19.28 9.85
CA ASP C 61 -19.16 18.57 10.66
C ASP C 61 -18.08 18.04 9.71
N PRO C 62 -16.86 18.59 9.82
CA PRO C 62 -15.80 18.42 8.80
C PRO C 62 -15.44 16.98 8.42
N PHE C 63 -15.62 16.03 9.35
CA PHE C 63 -15.38 14.62 9.09
C PHE C 63 -16.44 14.04 8.15
N ALA C 64 -17.70 14.37 8.42
CA ALA C 64 -18.83 13.80 7.69
C ALA C 64 -18.93 14.29 6.26
N ILE C 65 -18.71 15.59 6.04
CA ILE C 65 -18.91 16.25 4.72
C ILE C 65 -18.29 15.48 3.56
N SER C 66 -19.03 15.39 2.46
CA SER C 66 -18.51 14.73 1.26
C SER C 66 -19.15 15.35 0.02
N ILE C 67 -18.32 15.67 -0.97
CA ILE C 67 -18.75 16.25 -2.25
C ILE C 67 -18.45 15.24 -3.35
N ASN C 68 -19.43 14.40 -3.64
CA ASN C 68 -19.22 13.21 -4.45
C ASN C 68 -19.37 13.46 -5.96
N PRO C 69 -18.82 12.55 -6.79
CA PRO C 69 -18.99 12.60 -8.24
C PRO C 69 -20.37 12.15 -8.70
N PRO C 70 -20.65 12.24 -10.02
CA PRO C 70 -21.98 11.89 -10.55
C PRO C 70 -22.25 10.38 -10.59
N ASP C 71 -23.47 10.02 -10.98
CA ASP C 71 -23.86 8.61 -11.17
C ASP C 71 -23.22 8.09 -12.43
N LEU C 72 -23.31 6.78 -12.63
CA LEU C 72 -22.70 6.15 -13.80
C LEU C 72 -23.38 6.52 -15.12
N LYS C 73 -24.65 6.92 -15.05
CA LYS C 73 -25.42 7.31 -16.27
C LYS C 73 -24.93 8.58 -16.96
N TYR C 74 -24.20 9.44 -16.25
CA TYR C 74 -23.71 10.68 -16.84
C TYR C 74 -22.48 10.49 -17.72
N GLY C 75 -21.85 9.32 -17.62
CA GLY C 75 -20.72 8.97 -18.49
C GLY C 75 -19.55 9.89 -18.30
N LEU C 76 -18.99 10.39 -19.40
CA LEU C 76 -17.90 11.36 -19.34
C LEU C 76 -18.39 12.80 -19.58
N GLY C 77 -19.70 12.99 -19.56
CA GLY C 77 -20.30 14.30 -19.85
C GLY C 77 -20.51 15.17 -18.64
N ALA C 78 -20.88 16.43 -18.89
CA ALA C 78 -21.14 17.37 -17.81
C ALA C 78 -22.32 16.87 -16.97
N ALA C 79 -22.12 16.84 -15.66
CA ALA C 79 -23.15 16.41 -14.71
C ALA C 79 -23.65 17.61 -13.94
N PRO C 80 -24.93 17.58 -13.50
CA PRO C 80 -25.51 18.74 -12.83
C PRO C 80 -24.66 19.22 -11.65
N LEU C 81 -24.51 20.52 -11.52
CA LEU C 81 -23.73 21.14 -10.43
C LEU C 81 -23.95 20.43 -9.08
N LEU C 82 -25.20 20.32 -8.66
CA LEU C 82 -25.54 19.68 -7.39
C LEU C 82 -25.21 18.18 -7.40
N GLU C 83 -25.56 17.55 -8.51
CA GLU C 83 -25.50 16.09 -8.63
CA GLU C 83 -25.51 16.09 -8.64
C GLU C 83 -24.18 15.65 -9.27
N GLY C 84 -23.08 16.13 -8.73
CA GLY C 84 -21.75 15.75 -9.20
C GLY C 84 -20.96 16.87 -9.84
N GLY C 85 -21.64 17.84 -10.43
CA GLY C 85 -20.99 18.92 -11.16
C GLY C 85 -19.96 19.72 -10.35
N PHE C 86 -20.18 19.88 -9.05
CA PHE C 86 -19.21 20.57 -8.19
C PHE C 86 -17.92 19.76 -8.12
N TRP C 87 -18.07 18.45 -7.96
CA TRP C 87 -16.93 17.53 -7.90
C TRP C 87 -16.05 17.66 -9.14
N GLN C 88 -16.68 17.73 -10.32
CA GLN C 88 -15.94 17.93 -11.57
C GLN C 88 -15.25 19.29 -11.55
N ALA C 89 -15.98 20.32 -11.14
CA ALA C 89 -15.44 21.66 -11.01
C ALA C 89 -14.20 21.66 -10.14
N ILE C 90 -14.32 21.03 -8.98
CA ILE C 90 -13.23 20.93 -8.00
C ILE C 90 -11.98 20.24 -8.58
N THR C 91 -12.18 19.11 -9.26
CA THR C 91 -11.07 18.37 -9.88
C THR C 91 -10.15 19.29 -10.66
N VAL C 92 -10.71 20.01 -11.64
CA VAL C 92 -9.95 20.90 -12.51
C VAL C 92 -9.11 21.90 -11.71
N CYS C 93 -9.72 22.47 -10.67
CA CYS C 93 -9.03 23.44 -9.81
C CYS C 93 -7.91 22.78 -9.00
N ALA C 94 -8.13 21.54 -8.57
CA ALA C 94 -7.11 20.79 -7.82
C ALA C 94 -5.90 20.50 -8.68
N LEU C 95 -6.12 19.91 -9.85
CA LEU C 95 -5.05 19.63 -10.83
C LEU C 95 -4.35 20.91 -11.31
N GLY C 96 -5.10 22.02 -11.37
CA GLY C 96 -4.56 23.30 -11.81
C GLY C 96 -3.56 23.87 -10.84
N ALA C 97 -3.89 23.80 -9.55
CA ALA C 97 -3.00 24.27 -8.48
C ALA C 97 -1.77 23.37 -8.33
N PHE C 98 -1.97 22.04 -8.34
CA PHE C 98 -0.87 21.06 -8.15
C PHE C 98 0.24 21.30 -9.19
N ILE C 99 -0.14 21.22 -10.46
CA ILE C 99 0.74 21.53 -11.59
C ILE C 99 1.39 22.90 -11.43
N SER C 100 0.59 23.88 -11.00
CA SER C 100 1.09 25.22 -10.69
C SER C 100 2.00 25.23 -9.46
N TRP C 101 1.68 24.42 -8.46
CA TRP C 101 2.56 24.25 -7.31
C TRP C 101 3.84 23.54 -7.73
N MET C 102 3.73 22.66 -8.73
CA MET C 102 4.87 21.88 -9.21
C MET C 102 5.81 22.76 -10.00
N LEU C 103 5.25 23.47 -10.97
CA LEU C 103 6.04 24.31 -11.88
C LEU C 103 6.72 25.45 -11.13
N ARG C 104 5.99 26.08 -10.21
CA ARG C 104 6.56 27.07 -9.31
C ARG C 104 7.91 26.60 -8.77
N GLU C 105 7.93 25.39 -8.20
CA GLU C 105 9.16 24.82 -7.62
C GLU C 105 10.31 24.67 -8.62
N VAL C 106 9.99 24.66 -9.92
CA VAL C 106 11.02 24.72 -10.95
C VAL C 106 11.64 26.13 -10.97
N GLU C 107 10.81 27.16 -10.78
CA GLU C 107 11.30 28.55 -10.78
C GLU C 107 12.23 28.79 -9.59
N ILE C 108 11.81 28.29 -8.43
CA ILE C 108 12.59 28.36 -7.20
C ILE C 108 13.90 27.60 -7.34
N SER C 109 13.85 26.47 -8.06
CA SER C 109 15.02 25.63 -8.27
C SER C 109 16.06 26.32 -9.15
N ARG C 110 15.59 26.92 -10.24
CA ARG C 110 16.47 27.59 -11.20
C ARG C 110 17.17 28.83 -10.61
N LYS C 111 16.46 29.58 -9.78
CA LYS C 111 17.06 30.75 -9.12
C LYS C 111 18.21 30.35 -8.18
N LEU C 112 17.99 29.30 -7.37
CA LEU C 112 19.01 28.81 -6.43
C LEU C 112 20.13 28.01 -7.11
N GLY C 113 19.93 27.62 -8.36
CA GLY C 113 20.95 26.92 -9.13
C GLY C 113 21.17 25.49 -8.69
N ILE C 114 20.11 24.88 -8.17
CA ILE C 114 20.17 23.48 -7.75
C ILE C 114 19.33 22.66 -8.72
N GLY C 115 19.35 21.34 -8.54
CA GLY C 115 18.58 20.44 -9.37
C GLY C 115 17.08 20.70 -9.29
N TRP C 116 16.36 20.15 -10.26
CA TRP C 116 14.91 20.23 -10.30
C TRP C 116 14.32 18.95 -9.69
N HIS C 117 15.04 18.33 -8.77
CA HIS C 117 14.66 16.99 -8.34
C HIS C 117 13.36 16.96 -7.56
N VAL C 118 13.10 18.00 -6.76
CA VAL C 118 11.88 18.02 -5.93
C VAL C 118 10.59 18.10 -6.78
N PRO C 119 10.40 19.19 -7.57
CA PRO C 119 9.19 19.23 -8.38
C PRO C 119 9.06 18.02 -9.30
N LEU C 120 10.20 17.47 -9.71
CA LEU C 120 10.23 16.26 -10.53
C LEU C 120 9.91 15.01 -9.69
N ALA C 121 10.13 15.09 -8.38
CA ALA C 121 9.67 14.06 -7.44
C ALA C 121 8.20 14.28 -7.06
N PHE C 122 7.72 15.52 -7.22
CA PHE C 122 6.35 15.88 -6.86
C PHE C 122 5.35 15.49 -7.95
N CYS C 123 5.81 15.30 -9.17
CA CYS C 123 4.95 14.78 -10.24
C CYS C 123 4.43 13.37 -9.94
N VAL C 124 5.22 12.56 -9.24
CA VAL C 124 4.85 11.18 -8.95
C VAL C 124 3.54 11.07 -8.13
N PRO C 125 3.35 11.96 -7.13
CA PRO C 125 2.00 12.10 -6.57
C PRO C 125 0.96 12.60 -7.58
N ILE C 126 1.25 13.71 -8.26
CA ILE C 126 0.27 14.34 -9.17
C ILE C 126 -0.18 13.33 -10.25
N PHE C 127 0.75 12.46 -10.64
CA PHE C 127 0.45 11.36 -11.55
C PHE C 127 -0.51 10.33 -10.93
N MET C 128 -0.27 9.97 -9.67
CA MET C 128 -1.12 8.98 -8.99
C MET C 128 -2.52 9.53 -8.70
N PHE C 129 -2.59 10.85 -8.54
CA PHE C 129 -3.85 11.57 -8.48
C PHE C 129 -4.54 11.53 -9.85
N CYS C 130 -3.78 11.58 -10.93
CA CYS C 130 -4.34 11.42 -12.29
C CYS C 130 -4.81 9.99 -12.59
N VAL C 131 -4.12 8.99 -12.05
CA VAL C 131 -4.52 7.58 -12.18
C VAL C 131 -5.92 7.33 -11.62
N LEU C 132 -6.29 8.04 -10.56
CA LEU C 132 -7.54 7.77 -9.86
C LEU C 132 -8.73 8.58 -10.35
N GLN C 133 -8.51 9.87 -10.57
CA GLN C 133 -9.58 10.81 -10.93
C GLN C 133 -9.74 11.11 -12.42
N VAL C 134 -8.94 10.47 -13.28
CA VAL C 134 -9.00 10.78 -14.71
C VAL C 134 -8.72 9.59 -15.61
N PHE C 135 -7.57 8.94 -15.44
CA PHE C 135 -7.17 7.86 -16.34
C PHE C 135 -8.01 6.59 -16.19
N ARG C 136 -8.34 6.24 -14.95
CA ARG C 136 -9.16 5.06 -14.71
C ARG C 136 -10.64 5.29 -15.05
N PRO C 137 -11.27 6.37 -14.53
CA PRO C 137 -12.62 6.72 -15.01
C PRO C 137 -12.76 6.73 -16.54
N LEU C 138 -11.78 7.30 -17.24
CA LEU C 138 -11.78 7.29 -18.71
C LEU C 138 -11.71 5.87 -19.25
N LEU C 139 -10.96 4.99 -18.56
CA LEU C 139 -10.82 3.61 -18.98
C LEU C 139 -12.03 2.73 -18.59
N LEU C 140 -12.90 3.22 -17.72
CA LEU C 140 -14.12 2.49 -17.36
C LEU C 140 -15.39 3.15 -17.91
N GLY C 141 -15.28 4.37 -18.42
CA GLY C 141 -16.35 5.02 -19.15
C GLY C 141 -17.07 6.16 -18.43
N SER C 142 -16.89 6.29 -17.11
CA SER C 142 -17.62 7.27 -16.31
CA SER C 142 -17.59 7.34 -16.37
C SER C 142 -16.73 8.04 -15.32
N TRP C 143 -17.04 9.32 -15.07
CA TRP C 143 -16.40 10.09 -14.00
C TRP C 143 -16.93 9.64 -12.64
N GLY C 144 -18.04 8.90 -12.65
CA GLY C 144 -18.62 8.34 -11.42
C GLY C 144 -17.85 7.19 -10.77
N HIS C 145 -16.69 6.84 -11.31
CA HIS C 145 -15.80 5.85 -10.68
C HIS C 145 -14.72 6.49 -9.78
N ALA C 146 -14.67 7.81 -9.74
CA ALA C 146 -13.64 8.50 -8.96
C ALA C 146 -13.97 8.53 -7.48
N PHE C 147 -12.98 8.85 -6.66
CA PHE C 147 -13.18 8.91 -5.22
C PHE C 147 -13.81 10.25 -4.82
N PRO C 148 -14.70 10.24 -3.80
CA PRO C 148 -15.36 11.44 -3.37
C PRO C 148 -14.46 12.23 -2.45
N TYR C 149 -14.63 13.54 -2.41
CA TYR C 149 -13.79 14.38 -1.56
C TYR C 149 -14.43 14.56 -0.19
N GLY C 150 -14.21 13.58 0.69
CA GLY C 150 -14.54 13.68 2.10
C GLY C 150 -13.43 13.05 2.94
N ILE C 151 -13.24 13.56 4.16
CA ILE C 151 -12.15 13.13 5.04
C ILE C 151 -12.33 11.67 5.50
N LEU C 152 -13.53 11.34 5.99
CA LEU C 152 -13.87 9.96 6.33
C LEU C 152 -14.50 9.21 5.15
N SER C 153 -15.10 9.97 4.22
CA SER C 153 -15.86 9.37 3.11
C SER C 153 -14.98 8.76 2.02
N HIS C 154 -13.84 9.38 1.72
CA HIS C 154 -12.95 8.89 0.66
C HIS C 154 -12.36 7.51 1.01
N LEU C 155 -12.32 7.21 2.31
CA LEU C 155 -12.03 5.87 2.81
C LEU C 155 -13.10 4.89 2.35
N ASP C 156 -14.36 5.24 2.57
CA ASP C 156 -15.50 4.37 2.18
C ASP C 156 -15.48 4.00 0.72
N TRP C 157 -14.95 4.87 -0.11
CA TRP C 157 -14.78 4.57 -1.52
C TRP C 157 -13.72 3.48 -1.65
N VAL C 158 -12.52 3.77 -1.14
CA VAL C 158 -11.40 2.82 -1.11
C VAL C 158 -11.79 1.42 -0.63
N ASN C 159 -12.67 1.36 0.38
CA ASN C 159 -13.11 0.09 0.96
C ASN C 159 -13.96 -0.69 -0.04
N ASN C 160 -14.96 -0.02 -0.58
CA ASN C 160 -15.82 -0.58 -1.65
C ASN C 160 -15.09 -0.84 -2.97
N PHE C 161 -14.12 -0.01 -3.31
CA PHE C 161 -13.26 -0.25 -4.47
C PHE C 161 -12.54 -1.58 -4.27
N GLY C 162 -11.92 -1.73 -3.09
N GLY C 162 -11.90 -1.72 -3.11
CA GLY C 162 -11.14 -2.93 -2.78
CA GLY C 162 -11.09 -2.89 -2.81
C GLY C 162 -11.96 -4.20 -2.71
C GLY C 162 -11.86 -4.19 -2.74
N TYR C 163 -13.09 -4.14 -2.02
N TYR C 163 -13.03 -4.14 -2.12
CA TYR C 163 -13.98 -5.29 -1.90
CA TYR C 163 -13.85 -5.33 -1.97
C TYR C 163 -14.71 -5.65 -3.20
C TYR C 163 -14.75 -5.61 -3.18
N GLN C 164 -14.68 -4.77 -4.20
CA GLN C 164 -15.26 -5.07 -5.53
C GLN C 164 -14.52 -6.21 -6.21
N TYR C 165 -13.27 -6.43 -5.83
CA TYR C 165 -12.46 -7.52 -6.35
C TYR C 165 -12.15 -8.50 -5.21
N LEU C 166 -13.08 -8.58 -4.27
CA LEU C 166 -13.10 -9.64 -3.25
C LEU C 166 -12.01 -9.57 -2.17
N ASN C 167 -10.74 -9.42 -2.57
CA ASN C 167 -9.63 -9.29 -1.60
C ASN C 167 -8.43 -8.60 -2.26
N TRP C 168 -8.42 -7.28 -2.10
CA TRP C 168 -7.48 -6.40 -2.76
C TRP C 168 -6.02 -6.66 -2.39
N HIS C 169 -5.77 -7.31 -1.26
CA HIS C 169 -4.38 -7.64 -0.85
C HIS C 169 -3.73 -8.61 -1.84
N TYR C 170 -4.54 -9.45 -2.46
CA TYR C 170 -4.02 -10.41 -3.42
C TYR C 170 -3.54 -9.71 -4.71
N ASN C 171 -4.06 -8.52 -4.98
CA ASN C 171 -3.56 -7.67 -6.06
C ASN C 171 -2.01 -7.57 -6.04
N PRO C 172 -1.34 -7.93 -7.16
CA PRO C 172 0.12 -7.95 -7.20
C PRO C 172 0.78 -6.57 -7.30
N GLY C 173 0.09 -5.62 -7.95
CA GLY C 173 0.52 -4.21 -7.97
C GLY C 173 0.42 -3.61 -6.58
N HIS C 174 -0.67 -3.93 -5.88
CA HIS C 174 -0.86 -3.47 -4.52
C HIS C 174 0.25 -4.02 -3.64
N MET C 175 0.46 -5.34 -3.70
CA MET C 175 1.53 -6.00 -2.92
C MET C 175 2.83 -5.25 -3.10
N SER C 176 3.17 -4.98 -4.35
CA SER C 176 4.31 -4.15 -4.70
C SER C 176 4.26 -2.86 -3.91
N SER C 177 3.19 -2.10 -4.13
CA SER C 177 3.01 -0.76 -3.59
C SER C 177 3.11 -0.72 -2.07
N VAL C 178 2.47 -1.68 -1.42
CA VAL C 178 2.45 -1.75 0.04
C VAL C 178 3.85 -2.01 0.56
N SER C 179 4.61 -2.85 -0.14
CA SER C 179 5.97 -3.21 0.30
C SER C 179 6.93 -2.00 0.30
N PHE C 180 6.84 -1.18 -0.76
CA PHE C 180 7.61 0.06 -0.85
C PHE C 180 7.26 1.10 0.25
N LEU C 181 6.01 1.08 0.72
CA LEU C 181 5.56 1.97 1.80
C LEU C 181 6.21 1.58 3.11
N PHE C 182 6.16 0.28 3.42
CA PHE C 182 6.79 -0.28 4.62
C PHE C 182 8.30 -0.09 4.58
N VAL C 183 8.91 -0.35 3.43
CA VAL C 183 10.37 -0.31 3.31
C VAL C 183 10.91 1.13 3.31
N ASN C 184 10.13 2.05 2.76
CA ASN C 184 10.47 3.49 2.74
C ASN C 184 10.30 4.10 4.12
N ALA C 185 9.24 3.70 4.83
CA ALA C 185 9.06 4.06 6.23
C ALA C 185 10.16 3.45 7.08
N MET C 186 10.50 2.19 6.77
CA MET C 186 11.61 1.51 7.45
C MET C 186 12.95 2.18 7.16
N ALA C 187 13.14 2.59 5.91
CA ALA C 187 14.40 3.17 5.46
C ALA C 187 14.67 4.54 6.05
N LEU C 188 13.62 5.27 6.43
CA LEU C 188 13.81 6.65 6.87
C LEU C 188 14.32 6.70 8.30
N GLY C 189 13.67 5.98 9.21
CA GLY C 189 14.11 5.82 10.60
C GLY C 189 15.54 5.28 10.75
N LEU C 190 16.00 4.50 9.78
CA LEU C 190 17.41 4.09 9.69
C LEU C 190 18.28 5.29 9.39
N HIS C 191 17.91 6.03 8.34
CA HIS C 191 18.69 7.18 7.88
C HIS C 191 18.63 8.35 8.83
N GLY C 192 17.42 8.66 9.31
CA GLY C 192 17.24 9.67 10.34
C GLY C 192 18.06 9.30 11.56
N GLY C 193 17.87 8.07 12.01
CA GLY C 193 18.54 7.54 13.19
C GLY C 193 20.05 7.49 13.07
N LEU C 194 20.55 7.11 11.89
CA LEU C 194 22.00 7.05 11.68
C LEU C 194 22.64 8.44 11.70
N ILE C 195 21.98 9.40 11.06
CA ILE C 195 22.49 10.77 11.02
C ILE C 195 22.46 11.38 12.42
N LEU C 196 21.37 11.13 13.16
CA LEU C 196 21.24 11.60 14.54
C LEU C 196 22.26 10.91 15.46
N SER C 197 22.42 9.60 15.31
CA SER C 197 23.32 8.81 16.17
C SER C 197 24.81 9.12 15.99
N VAL C 198 25.18 9.77 14.88
CA VAL C 198 26.57 10.18 14.64
C VAL C 198 26.84 11.58 15.18
N ALA C 199 25.82 12.45 15.13
CA ALA C 199 25.97 13.83 15.55
C ALA C 199 25.62 14.05 17.02
N ASN C 200 24.85 13.15 17.60
CA ASN C 200 24.38 13.29 18.99
C ASN C 200 24.67 12.03 19.81
N PRO C 201 25.98 11.68 19.96
CA PRO C 201 26.38 10.39 20.54
C PRO C 201 25.95 10.22 22.00
N GLY C 202 26.12 11.27 22.80
CA GLY C 202 25.69 11.27 24.19
C GLY C 202 26.76 11.87 25.09
N ASP C 203 26.37 12.17 26.33
CA ASP C 203 27.31 12.62 27.36
C ASP C 203 28.22 13.72 26.83
N GLY C 204 29.50 13.71 27.21
CA GLY C 204 30.51 14.54 26.55
C GLY C 204 31.30 13.80 25.46
N ASP C 205 30.63 12.90 24.73
CA ASP C 205 31.28 12.15 23.66
C ASP C 205 31.47 13.01 22.41
N LYS C 206 32.56 12.78 21.71
CA LYS C 206 32.86 13.53 20.49
C LYS C 206 31.92 13.11 19.36
N VAL C 207 31.59 14.06 18.49
CA VAL C 207 30.89 13.72 17.26
C VAL C 207 31.75 12.70 16.51
N LYS C 208 31.13 11.90 15.66
CA LYS C 208 31.87 10.91 14.87
C LYS C 208 31.83 11.25 13.37
N THR C 209 32.50 10.43 12.57
CA THR C 209 32.74 10.75 11.17
C THR C 209 31.86 9.95 10.20
N ALA C 210 32.06 10.18 8.90
CA ALA C 210 31.42 9.41 7.85
C ALA C 210 31.86 7.94 7.85
N GLU C 211 33.06 7.66 8.34
CA GLU C 211 33.53 6.27 8.45
C GLU C 211 32.78 5.51 9.54
N HIS C 212 32.32 6.24 10.55
CA HIS C 212 31.54 5.67 11.65
C HIS C 212 30.17 5.20 11.19
N GLU C 213 29.52 6.04 10.38
CA GLU C 213 28.27 5.65 9.76
C GLU C 213 28.46 4.30 9.08
N ASN C 214 29.39 4.28 8.12
CA ASN C 214 29.59 3.14 7.24
C ASN C 214 29.94 1.87 8.00
N GLN C 215 30.70 2.03 9.09
CA GLN C 215 31.11 0.89 9.92
C GLN C 215 29.91 0.28 10.62
N TYR C 216 29.00 1.12 11.08
CA TYR C 216 27.82 0.64 11.78
C TYR C 216 27.02 -0.34 10.92
N PHE C 217 26.64 0.06 9.71
CA PHE C 217 25.80 -0.79 8.87
C PHE C 217 26.56 -1.97 8.28
N ARG C 218 27.88 -1.86 8.16
CA ARG C 218 28.67 -3.02 7.79
C ARG C 218 28.62 -4.03 8.92
N ASP C 219 28.92 -3.57 10.13
CA ASP C 219 28.85 -4.43 11.30
C ASP C 219 27.47 -5.06 11.41
N VAL C 220 26.43 -4.24 11.49
CA VAL C 220 25.09 -4.73 11.78
C VAL C 220 24.53 -5.64 10.68
N VAL C 221 24.55 -5.16 9.44
CA VAL C 221 23.90 -5.90 8.33
C VAL C 221 24.85 -6.38 7.23
N GLY C 222 26.16 -6.16 7.38
CA GLY C 222 27.16 -6.64 6.42
C GLY C 222 27.34 -5.77 5.18
N TYR C 223 26.67 -4.63 5.14
CA TYR C 223 26.74 -3.74 3.97
C TYR C 223 26.28 -2.32 4.28
N SER C 224 26.99 -1.36 3.70
CA SER C 224 26.74 0.06 3.88
C SER C 224 26.64 0.74 2.52
N ILE C 225 25.49 1.39 2.28
CA ILE C 225 25.17 1.92 0.96
C ILE C 225 26.00 3.15 0.59
N GLY C 226 26.17 4.08 1.53
CA GLY C 226 26.90 5.33 1.26
C GLY C 226 26.01 6.54 1.46
N ALA C 227 26.61 7.65 1.91
CA ALA C 227 25.88 8.89 2.15
C ALA C 227 24.96 9.25 0.98
N LEU C 228 25.56 9.68 -0.14
CA LEU C 228 24.79 10.15 -1.29
C LEU C 228 23.75 9.14 -1.79
N SER C 229 24.12 7.88 -1.76
CA SER C 229 23.29 6.81 -2.32
C SER C 229 21.94 6.66 -1.61
N ILE C 230 21.95 6.55 -0.28
CA ILE C 230 20.71 6.36 0.52
C ILE C 230 19.63 7.39 0.15
N HIS C 231 20.06 8.61 -0.17
CA HIS C 231 19.16 9.66 -0.62
C HIS C 231 18.58 9.37 -2.00
N ARG C 232 19.39 8.76 -2.88
CA ARG C 232 18.88 8.22 -4.14
C ARG C 232 18.00 6.98 -3.90
N LEU C 233 18.34 6.18 -2.90
CA LEU C 233 17.55 5.01 -2.54
C LEU C 233 16.16 5.43 -2.04
N GLY C 234 16.12 6.39 -1.11
CA GLY C 234 14.84 6.93 -0.61
C GLY C 234 13.88 7.42 -1.69
N LEU C 235 14.31 8.43 -2.45
CA LEU C 235 13.53 8.97 -3.58
C LEU C 235 12.97 7.88 -4.48
N PHE C 236 13.75 6.81 -4.66
CA PHE C 236 13.34 5.64 -5.42
C PHE C 236 12.32 4.84 -4.61
N LEU C 237 12.69 4.47 -3.39
CA LEU C 237 11.80 3.71 -2.51
C LEU C 237 10.47 4.45 -2.39
N ALA C 238 10.55 5.75 -2.13
CA ALA C 238 9.38 6.62 -2.02
C ALA C 238 8.57 6.62 -3.32
N SER C 239 9.24 6.91 -4.44
CA SER C 239 8.54 7.06 -5.72
C SER C 239 7.77 5.80 -6.09
N ASN C 240 8.39 4.64 -5.91
CA ASN C 240 7.78 3.36 -6.35
C ASN C 240 6.55 2.91 -5.56
N ILE C 241 6.12 3.73 -4.59
CA ILE C 241 4.90 3.47 -3.81
C ILE C 241 3.70 3.69 -4.69
N PHE C 242 3.81 4.65 -5.60
CA PHE C 242 2.77 4.90 -6.59
C PHE C 242 3.13 4.31 -7.96
N LEU C 243 4.38 4.47 -8.38
CA LEU C 243 4.79 4.05 -9.73
C LEU C 243 4.39 2.61 -10.05
N THR C 244 4.46 1.74 -9.05
CA THR C 244 4.02 0.34 -9.17
C THR C 244 2.56 0.17 -8.76
N GLY C 245 2.16 0.88 -7.71
CA GLY C 245 0.77 0.87 -7.26
C GLY C 245 -0.20 1.18 -8.39
N ALA C 246 0.02 2.32 -9.05
CA ALA C 246 -0.79 2.76 -10.19
C ALA C 246 -1.20 1.60 -11.07
N PHE C 247 -0.23 0.78 -11.45
CA PHE C 247 -0.48 -0.40 -12.29
C PHE C 247 -1.47 -1.38 -11.66
N GLY C 248 -1.44 -1.53 -10.34
CA GLY C 248 -2.40 -2.35 -9.61
C GLY C 248 -3.80 -1.78 -9.56
N THR C 249 -3.93 -0.46 -9.73
CA THR C 249 -5.23 0.22 -9.69
C THR C 249 -5.91 0.25 -11.06
N ILE C 250 -5.14 0.65 -12.05
CA ILE C 250 -5.67 0.87 -13.41
C ILE C 250 -6.08 -0.41 -14.09
N ALA C 251 -5.53 -1.55 -13.64
CA ALA C 251 -5.87 -2.85 -14.23
C ALA C 251 -7.17 -3.40 -13.66
N SER C 252 -7.46 -3.03 -12.41
CA SER C 252 -8.67 -3.48 -11.72
C SER C 252 -9.90 -2.84 -12.35
N GLY C 253 -10.54 -3.56 -13.27
CA GLY C 253 -11.72 -3.07 -13.99
C GLY C 253 -11.49 -3.10 -15.49
N PRO C 254 -10.66 -2.16 -16.01
CA PRO C 254 -10.32 -2.15 -17.43
C PRO C 254 -9.69 -3.46 -17.91
N PHE C 255 -8.64 -3.91 -17.22
CA PHE C 255 -7.88 -5.10 -17.63
C PHE C 255 -8.11 -6.31 -16.74
N TRP C 256 -8.92 -6.17 -15.69
CA TRP C 256 -9.26 -7.31 -14.84
C TRP C 256 -10.61 -7.08 -14.16
N THR C 257 -11.52 -8.03 -14.32
CA THR C 257 -12.89 -7.93 -13.83
C THR C 257 -13.21 -8.87 -12.65
N ARG C 258 -12.45 -9.96 -12.52
CA ARG C 258 -12.70 -10.99 -11.51
C ARG C 258 -12.20 -10.54 -10.15
N GLY C 259 -12.06 -11.46 -9.21
CA GLY C 259 -11.30 -11.22 -7.99
C GLY C 259 -9.80 -11.32 -8.22
N TRP C 260 -9.03 -10.62 -7.40
CA TRP C 260 -7.56 -10.65 -7.44
C TRP C 260 -6.85 -11.93 -6.93
N PRO C 261 -7.47 -12.69 -6.02
CA PRO C 261 -6.83 -13.96 -5.66
C PRO C 261 -6.79 -14.95 -6.83
N GLU C 262 -7.88 -14.98 -7.58
CA GLU C 262 -8.02 -15.87 -8.73
C GLU C 262 -7.02 -15.52 -9.84
N TRP C 263 -6.54 -14.28 -9.87
CA TRP C 263 -5.46 -13.89 -10.79
C TRP C 263 -4.25 -14.81 -10.63
N TRP C 264 -3.99 -15.26 -9.41
CA TRP C 264 -2.85 -16.14 -9.12
C TRP C 264 -3.09 -17.61 -9.51
N GLY C 265 -4.15 -17.87 -10.28
CA GLY C 265 -4.37 -19.16 -10.90
C GLY C 265 -3.49 -19.42 -12.12
N TRP C 266 -2.84 -18.37 -12.64
CA TRP C 266 -1.83 -18.53 -13.70
C TRP C 266 -0.65 -19.34 -13.17
N TRP C 267 -0.30 -19.08 -11.92
CA TRP C 267 0.70 -19.87 -11.22
C TRP C 267 0.07 -21.22 -10.87
N LEU C 268 -1.02 -21.15 -10.11
CA LEU C 268 -1.61 -22.34 -9.46
C LEU C 268 -1.96 -23.46 -10.43
N ASP C 269 -2.60 -23.11 -11.54
CA ASP C 269 -3.24 -24.10 -12.42
C ASP C 269 -2.37 -24.59 -13.59
N ILE C 270 -1.07 -24.30 -13.55
CA ILE C 270 -0.13 -24.87 -14.53
C ILE C 270 -0.27 -26.42 -14.53
N PRO C 271 -0.54 -27.02 -15.70
CA PRO C 271 -0.89 -28.45 -15.84
C PRO C 271 -0.01 -29.50 -15.13
N PHE C 272 1.31 -29.30 -15.13
CA PHE C 272 2.25 -30.35 -14.67
C PHE C 272 2.49 -30.33 -13.16
N TRP C 273 1.72 -29.53 -12.44
CA TRP C 273 1.59 -29.71 -11.00
C TRP C 273 0.17 -29.48 -10.50
N SER C 274 -0.81 -29.66 -11.38
CA SER C 274 -2.21 -29.39 -11.07
C SER C 274 -2.87 -30.52 -10.29
N ALA D 2 22.29 19.61 -15.74
CA ALA D 2 21.72 18.25 -15.50
C ALA D 2 22.76 17.33 -14.87
N ASP D 3 22.65 17.10 -13.56
CA ASP D 3 23.65 16.37 -12.79
C ASP D 3 23.49 14.87 -12.98
N TYR D 4 24.44 14.25 -13.67
CA TYR D 4 24.39 12.80 -13.89
C TYR D 4 24.91 12.00 -12.71
N GLN D 5 25.49 12.66 -11.71
CA GLN D 5 26.00 11.98 -10.51
C GLN D 5 24.85 11.52 -9.62
N THR D 6 23.79 12.33 -9.57
CA THR D 6 22.60 12.00 -8.80
C THR D 6 21.80 10.85 -9.44
N ILE D 7 22.03 10.62 -10.72
CA ILE D 7 21.46 9.47 -11.39
C ILE D 7 22.33 8.24 -11.10
N TYR D 8 23.64 8.38 -11.25
CA TYR D 8 24.59 7.28 -10.95
C TYR D 8 26.05 7.75 -10.85
N THR D 9 26.90 6.91 -10.27
CA THR D 9 28.32 7.23 -10.08
C THR D 9 29.09 7.00 -11.39
N GLN D 10 29.51 8.09 -12.02
CA GLN D 10 30.19 8.03 -13.32
C GLN D 10 31.54 7.33 -13.21
N ILE D 11 32.40 7.81 -12.31
CA ILE D 11 33.72 7.25 -12.06
C ILE D 11 33.84 6.69 -10.63
N GLN D 12 34.46 5.52 -10.49
CA GLN D 12 34.55 4.82 -9.20
C GLN D 12 35.97 4.71 -8.65
N ALA D 13 36.19 5.33 -7.49
CA ALA D 13 37.46 5.24 -6.78
C ALA D 13 37.57 3.90 -6.05
N ARG D 14 38.75 3.28 -6.12
CA ARG D 14 39.02 2.06 -5.36
C ARG D 14 40.21 2.33 -4.45
N GLY D 15 40.18 1.75 -3.25
CA GLY D 15 41.25 1.96 -2.27
C GLY D 15 41.35 0.85 -1.22
N PRO D 16 42.21 1.05 -0.21
CA PRO D 16 42.33 0.11 0.88
C PRO D 16 41.15 0.23 1.83
N HIS D 17 40.72 -0.89 2.42
CA HIS D 17 39.49 -0.89 3.21
C HIS D 17 39.71 -0.17 4.54
N ILE D 18 38.66 0.49 5.02
CA ILE D 18 38.68 1.24 6.29
C ILE D 18 38.06 0.39 7.40
N THR D 19 38.49 0.64 8.65
CA THR D 19 37.95 -0.08 9.80
C THR D 19 37.87 0.84 11.02
N VAL D 20 36.66 1.26 11.36
CA VAL D 20 36.42 2.05 12.57
C VAL D 20 36.36 1.13 13.79
N SER D 21 37.37 1.22 14.64
CA SER D 21 37.50 0.36 15.82
C SER D 21 36.46 0.71 16.88
N GLY D 22 35.69 -0.29 17.29
CA GLY D 22 34.79 -0.14 18.43
C GLY D 22 35.59 -0.18 19.72
N GLU D 23 34.88 -0.12 20.86
CA GLU D 23 35.50 -0.31 22.16
C GLU D 23 35.66 -1.81 22.44
N TRP D 24 34.93 -2.65 21.69
CA TRP D 24 35.04 -4.10 21.81
C TRP D 24 34.54 -4.79 20.54
N GLY D 25 34.85 -6.09 20.42
CA GLY D 25 34.40 -6.89 19.29
C GLY D 25 35.07 -6.59 17.96
N ASP D 26 36.25 -5.95 18.00
CA ASP D 26 37.06 -5.77 16.81
C ASP D 26 37.49 -7.12 16.29
N ASN D 27 37.71 -8.06 17.21
CA ASN D 27 38.03 -9.44 16.87
C ASN D 27 36.82 -10.27 16.39
N ASP D 28 35.62 -9.69 16.40
CA ASP D 28 34.41 -10.41 15.97
C ASP D 28 33.91 -9.98 14.58
N ARG D 29 34.69 -9.14 13.90
CA ARG D 29 34.46 -8.90 12.47
C ARG D 29 34.96 -10.12 11.72
N VAL D 30 34.12 -10.67 10.85
CA VAL D 30 34.41 -11.90 10.08
C VAL D 30 34.39 -11.61 8.58
N GLY D 31 35.30 -12.24 7.83
CA GLY D 31 35.21 -12.27 6.37
C GLY D 31 36.03 -11.24 5.60
N LYS D 32 36.28 -11.55 4.33
CA LYS D 32 37.03 -10.66 3.41
C LYS D 32 36.05 -9.84 2.56
N PRO D 33 36.21 -8.51 2.55
CA PRO D 33 35.32 -7.66 1.76
C PRO D 33 35.63 -7.73 0.28
N PHE D 34 34.59 -7.73 -0.56
CA PHE D 34 34.80 -7.70 -2.01
C PHE D 34 34.08 -6.51 -2.63
N TYR D 35 34.22 -6.34 -3.95
CA TYR D 35 33.71 -5.14 -4.61
C TYR D 35 32.93 -5.48 -5.89
N SER D 36 31.63 -5.19 -5.86
CA SER D 36 30.78 -5.29 -7.04
C SER D 36 30.85 -3.96 -7.81
N TYR D 37 31.37 -4.03 -9.04
CA TYR D 37 31.48 -2.86 -9.90
C TYR D 37 30.10 -2.25 -10.17
N TRP D 38 29.11 -3.10 -10.45
CA TRP D 38 27.76 -2.64 -10.81
C TRP D 38 27.01 -2.03 -9.63
N LEU D 39 27.07 -2.68 -8.46
CA LEU D 39 26.58 -2.06 -7.22
C LEU D 39 27.20 -0.67 -7.06
N GLY D 40 28.49 -0.57 -7.37
CA GLY D 40 29.25 0.66 -7.19
C GLY D 40 28.85 1.81 -8.08
N LYS D 41 27.97 1.56 -9.04
CA LYS D 41 27.41 2.64 -9.84
C LYS D 41 26.26 3.33 -9.09
N ILE D 42 25.37 2.56 -8.48
CA ILE D 42 24.22 3.10 -7.72
C ILE D 42 24.42 3.15 -6.18
N GLY D 43 25.53 2.61 -5.70
CA GLY D 43 25.83 2.66 -4.27
C GLY D 43 27.33 2.55 -4.00
N ASP D 44 27.69 2.05 -2.83
CA ASP D 44 29.09 1.80 -2.49
C ASP D 44 29.47 0.37 -2.91
N ALA D 45 30.62 0.22 -3.55
CA ALA D 45 31.08 -1.07 -4.07
C ALA D 45 31.34 -2.13 -2.99
N GLN D 46 31.79 -1.68 -1.82
CA GLN D 46 32.29 -2.58 -0.79
C GLN D 46 31.17 -3.37 -0.13
N ILE D 47 31.18 -4.68 -0.33
CA ILE D 47 30.29 -5.59 0.40
C ILE D 47 31.14 -6.23 1.49
N GLY D 48 30.54 -6.45 2.66
CA GLY D 48 31.22 -7.04 3.81
C GLY D 48 32.36 -6.19 4.34
N PRO D 49 32.95 -6.58 5.48
CA PRO D 49 32.59 -7.72 6.33
C PRO D 49 31.42 -7.43 7.27
N ILE D 50 30.97 -8.46 7.98
CA ILE D 50 29.85 -8.37 8.94
C ILE D 50 30.29 -8.79 10.34
N TYR D 51 29.83 -8.06 11.35
CA TYR D 51 30.16 -8.35 12.74
C TYR D 51 29.35 -9.55 13.24
N LEU D 52 29.99 -10.44 14.01
CA LEU D 52 29.27 -11.57 14.64
C LEU D 52 28.71 -11.20 16.04
N GLY D 53 29.41 -11.55 17.11
CA GLY D 53 28.93 -11.31 18.47
C GLY D 53 27.88 -12.31 18.94
N ALA D 54 27.67 -12.37 20.26
CA ALA D 54 26.75 -13.33 20.88
C ALA D 54 25.29 -13.10 20.50
N SER D 55 24.84 -11.86 20.66
CA SER D 55 23.48 -11.45 20.30
C SER D 55 23.13 -11.72 18.84
N GLY D 56 24.12 -11.59 17.96
CA GLY D 56 23.94 -11.84 16.53
C GLY D 56 23.70 -13.30 16.21
N ILE D 57 24.53 -14.17 16.77
CA ILE D 57 24.35 -15.62 16.62
C ILE D 57 23.04 -16.07 17.29
N ALA D 58 22.68 -15.44 18.42
CA ALA D 58 21.41 -15.71 19.10
C ALA D 58 20.19 -15.37 18.24
N ALA D 59 20.27 -14.24 17.52
CA ALA D 59 19.21 -13.81 16.60
C ALA D 59 19.12 -14.71 15.37
N PHE D 60 20.13 -15.54 15.14
CA PHE D 60 20.09 -16.54 14.08
C PHE D 60 19.62 -17.91 14.60
N ALA D 61 20.08 -18.29 15.79
CA ALA D 61 19.75 -19.61 16.36
C ALA D 61 18.29 -19.73 16.80
N PHE D 62 17.70 -18.62 17.24
CA PHE D 62 16.28 -18.59 17.56
C PHE D 62 15.45 -18.28 16.34
N GLY D 63 15.99 -17.43 15.45
CA GLY D 63 15.32 -17.06 14.21
C GLY D 63 15.17 -18.23 13.25
N SER D 64 16.22 -19.03 13.13
CA SER D 64 16.19 -20.27 12.36
C SER D 64 15.21 -21.26 12.95
N THR D 65 15.24 -21.41 14.28
CA THR D 65 14.42 -22.36 14.99
C THR D 65 12.94 -22.09 14.75
N ALA D 66 12.56 -20.82 14.81
CA ALA D 66 11.18 -20.44 14.52
C ALA D 66 10.85 -20.72 13.04
N ILE D 67 11.79 -20.47 12.14
CA ILE D 67 11.57 -20.73 10.71
C ILE D 67 11.46 -22.22 10.44
N LEU D 68 12.26 -23.00 11.14
CA LEU D 68 12.25 -24.45 10.98
C LEU D 68 10.94 -25.04 11.48
N ILE D 69 10.35 -24.43 12.51
CA ILE D 69 9.06 -24.84 13.04
C ILE D 69 7.90 -24.52 12.09
N ILE D 70 7.99 -23.38 11.40
CA ILE D 70 6.94 -22.97 10.46
C ILE D 70 6.94 -23.84 9.21
N LEU D 71 8.12 -24.00 8.60
CA LEU D 71 8.23 -24.75 7.33
C LEU D 71 7.82 -26.22 7.50
N PHE D 72 8.16 -26.80 8.66
CA PHE D 72 7.77 -28.17 8.97
C PHE D 72 6.24 -28.34 8.95
N ASN D 73 5.54 -27.40 9.59
CA ASN D 73 4.08 -27.43 9.62
C ASN D 73 3.43 -27.03 8.29
N MET D 74 4.16 -26.31 7.45
CA MET D 74 3.73 -26.07 6.08
C MET D 74 3.80 -27.37 5.28
N ALA D 75 4.97 -27.99 5.27
CA ALA D 75 5.21 -29.27 4.62
C ALA D 75 4.16 -30.30 5.03
N ALA D 76 3.83 -30.32 6.32
CA ALA D 76 2.75 -31.18 6.83
C ALA D 76 1.46 -30.96 6.02
N GLU D 77 1.11 -29.69 5.84
CA GLU D 77 -0.16 -29.28 5.24
C GLU D 77 -0.41 -29.92 3.87
N VAL D 78 0.65 -30.06 3.08
CA VAL D 78 0.55 -30.70 1.77
C VAL D 78 1.21 -32.09 1.75
N HIS D 79 1.00 -32.84 2.83
CA HIS D 79 1.49 -34.22 2.98
C HIS D 79 2.92 -34.44 2.46
N PHE D 80 3.78 -33.45 2.65
CA PHE D 80 5.21 -33.55 2.36
C PHE D 80 5.53 -33.82 0.88
N ASP D 81 4.76 -33.22 -0.02
CA ASP D 81 4.97 -33.39 -1.45
C ASP D 81 5.76 -32.18 -2.04
N PRO D 82 7.07 -32.36 -2.31
CA PRO D 82 7.97 -31.22 -2.59
C PRO D 82 7.53 -30.32 -3.74
N LEU D 83 6.84 -30.86 -4.73
CA LEU D 83 6.36 -30.04 -5.85
C LEU D 83 5.14 -29.22 -5.41
N GLN D 84 4.26 -29.86 -4.64
CA GLN D 84 3.09 -29.18 -4.09
C GLN D 84 3.44 -28.28 -2.88
N PHE D 85 4.73 -28.23 -2.55
CA PHE D 85 5.26 -27.25 -1.62
C PHE D 85 5.61 -25.99 -2.40
N PHE D 86 6.36 -26.17 -3.48
CA PHE D 86 6.78 -25.05 -4.33
C PHE D 86 5.56 -24.34 -4.98
N ARG D 87 4.61 -25.15 -5.44
CA ARG D 87 3.38 -24.65 -6.06
C ARG D 87 2.55 -23.81 -5.10
N GLN D 88 2.12 -24.45 -4.01
CA GLN D 88 1.10 -23.90 -3.11
C GLN D 88 1.66 -22.96 -2.01
N PHE D 89 2.98 -22.81 -1.96
CA PHE D 89 3.68 -22.18 -0.82
C PHE D 89 2.99 -20.96 -0.24
N PHE D 90 2.60 -20.04 -1.11
CA PHE D 90 1.96 -18.79 -0.66
C PHE D 90 0.75 -19.09 0.22
N TRP D 91 -0.01 -20.14 -0.13
CA TRP D 91 -1.28 -20.49 0.53
C TRP D 91 -1.06 -21.27 1.83
N LEU D 92 0.14 -21.82 2.01
CA LEU D 92 0.42 -22.62 3.20
C LEU D 92 0.61 -21.68 4.38
N GLY D 93 0.43 -22.22 5.59
CA GLY D 93 0.57 -21.43 6.80
C GLY D 93 0.50 -22.24 8.09
N LEU D 94 1.08 -21.71 9.16
CA LEU D 94 0.97 -22.29 10.49
C LEU D 94 0.04 -21.38 11.29
N TYR D 95 -1.11 -21.92 11.67
CA TYR D 95 -2.20 -21.11 12.21
C TYR D 95 -2.26 -21.09 13.74
N PRO D 96 -2.77 -19.99 14.32
CA PRO D 96 -3.14 -19.99 15.73
C PRO D 96 -4.32 -20.93 15.97
N PRO D 97 -4.71 -21.12 17.25
CA PRO D 97 -5.84 -22.04 17.48
C PRO D 97 -7.13 -21.53 16.86
N LYS D 98 -7.92 -22.45 16.30
CA LYS D 98 -9.25 -22.11 15.79
C LYS D 98 -10.28 -22.22 16.91
N ALA D 99 -10.11 -23.23 17.76
CA ALA D 99 -11.01 -23.45 18.90
C ALA D 99 -10.65 -22.52 20.07
N GLN D 100 -11.67 -22.00 20.74
CA GLN D 100 -11.47 -21.09 21.87
C GLN D 100 -11.01 -21.84 23.11
N TYR D 101 -9.80 -21.52 23.57
CA TYR D 101 -9.24 -22.15 24.76
C TYR D 101 -8.94 -21.13 25.84
N GLY D 102 -9.39 -19.88 25.64
CA GLY D 102 -8.96 -18.77 26.47
C GLY D 102 -7.48 -18.50 26.25
N MET D 103 -6.72 -18.38 27.35
CA MET D 103 -5.27 -18.24 27.27
C MET D 103 -4.50 -19.55 27.54
N GLY D 104 -5.18 -20.53 28.13
CA GLY D 104 -4.57 -21.83 28.42
C GLY D 104 -3.83 -22.36 27.21
N ILE D 105 -2.57 -22.77 27.40
CA ILE D 105 -1.73 -23.17 26.27
C ILE D 105 -2.45 -24.22 25.42
N PRO D 106 -2.63 -23.93 24.11
CA PRO D 106 -3.39 -24.78 23.21
C PRO D 106 -2.61 -26.03 22.79
N PRO D 107 -3.31 -27.02 22.20
CA PRO D 107 -2.63 -28.26 21.80
C PRO D 107 -1.73 -28.03 20.59
N LEU D 108 -0.70 -28.87 20.46
CA LEU D 108 0.23 -28.76 19.33
C LEU D 108 -0.47 -28.81 17.97
N HIS D 109 -1.50 -29.66 17.86
CA HIS D 109 -2.22 -29.78 16.59
C HIS D 109 -3.11 -28.57 16.29
N ASP D 110 -3.45 -27.76 17.30
CA ASP D 110 -4.24 -26.56 17.04
C ASP D 110 -3.69 -25.33 17.76
N GLY D 111 -2.64 -24.74 17.21
CA GLY D 111 -2.07 -23.51 17.74
C GLY D 111 -0.90 -23.65 18.71
N GLY D 112 -0.55 -24.87 19.09
CA GLY D 112 0.59 -25.09 19.98
C GLY D 112 1.92 -24.82 19.32
N TRP D 113 2.09 -25.28 18.08
CA TRP D 113 3.32 -25.04 17.31
C TRP D 113 3.42 -23.58 16.88
N TRP D 114 2.27 -22.93 16.72
CA TRP D 114 2.25 -21.51 16.44
C TRP D 114 2.82 -20.71 17.62
N LEU D 115 2.23 -20.83 18.79
CA LEU D 115 2.71 -20.12 19.96
C LEU D 115 4.22 -20.34 20.18
N MET D 116 4.69 -21.56 19.90
CA MET D 116 6.12 -21.87 20.05
C MET D 116 6.95 -21.31 18.89
N ALA D 117 6.41 -21.27 17.69
CA ALA D 117 7.09 -20.58 16.59
C ALA D 117 7.33 -19.10 16.94
N GLY D 118 6.35 -18.47 17.58
CA GLY D 118 6.40 -17.05 17.93
C GLY D 118 7.36 -16.70 19.07
N LEU D 119 7.43 -17.56 20.07
CA LEU D 119 8.41 -17.39 21.16
C LEU D 119 9.81 -17.24 20.57
N PHE D 120 10.21 -18.22 19.76
CA PHE D 120 11.53 -18.22 19.12
C PHE D 120 11.70 -17.08 18.11
N MET D 121 10.61 -16.59 17.52
CA MET D 121 10.66 -15.34 16.74
C MET D 121 10.95 -14.18 17.68
N THR D 122 10.17 -14.09 18.77
CA THR D 122 10.30 -13.03 19.78
C THR D 122 11.68 -12.94 20.43
N LEU D 123 12.31 -14.09 20.64
CA LEU D 123 13.67 -14.12 21.19
C LEU D 123 14.68 -13.67 20.14
N SER D 124 14.41 -13.99 18.89
CA SER D 124 15.27 -13.60 17.78
C SER D 124 15.19 -12.08 17.59
N LEU D 125 13.97 -11.56 17.58
CA LEU D 125 13.76 -10.12 17.47
C LEU D 125 14.49 -9.38 18.57
N GLY D 126 14.44 -9.92 19.78
CA GLY D 126 15.10 -9.34 20.95
C GLY D 126 16.61 -9.36 20.87
N SER D 127 17.16 -10.47 20.40
CA SER D 127 18.60 -10.62 20.23
C SER D 127 19.13 -9.62 19.22
N TRP D 128 18.45 -9.45 18.09
CA TRP D 128 18.87 -8.48 17.07
C TRP D 128 18.90 -7.09 17.67
N TRP D 129 17.79 -6.69 18.27
CA TRP D 129 17.72 -5.38 18.92
C TRP D 129 19.00 -5.11 19.72
N ILE D 130 19.38 -6.07 20.57
CA ILE D 130 20.58 -5.94 21.41
C ILE D 130 21.82 -5.66 20.55
N ARG D 131 21.90 -6.31 19.39
CA ARG D 131 22.94 -6.02 18.40
C ARG D 131 22.84 -4.58 17.86
N VAL D 132 21.62 -4.16 17.51
CA VAL D 132 21.41 -2.82 16.95
C VAL D 132 21.73 -1.74 17.99
N TYR D 133 21.47 -2.04 19.26
CA TYR D 133 21.84 -1.16 20.36
C TYR D 133 23.34 -1.18 20.64
N SER D 134 23.91 -2.38 20.78
CA SER D 134 25.30 -2.54 21.19
C SER D 134 26.30 -2.00 20.19
N ARG D 135 26.07 -2.29 18.91
CA ARG D 135 26.95 -1.80 17.85
C ARG D 135 26.93 -0.28 17.75
N ALA D 136 25.82 0.33 18.15
CA ALA D 136 25.76 1.78 18.28
C ALA D 136 26.75 2.25 19.37
N ARG D 137 26.49 1.84 20.60
CA ARG D 137 27.34 2.22 21.73
C ARG D 137 28.81 1.94 21.45
N ALA D 138 29.09 0.72 21.01
CA ALA D 138 30.46 0.26 20.80
C ALA D 138 31.28 1.22 19.93
N LEU D 139 30.65 1.78 18.91
CA LEU D 139 31.31 2.74 18.02
C LEU D 139 31.09 4.19 18.43
N GLY D 140 30.65 4.42 19.67
CA GLY D 140 30.44 5.77 20.18
C GLY D 140 29.27 6.49 19.53
N LEU D 141 28.23 5.74 19.18
CA LEU D 141 27.09 6.32 18.50
C LEU D 141 25.90 6.45 19.45
N GLY D 142 24.90 7.24 19.02
CA GLY D 142 23.62 7.37 19.73
C GLY D 142 22.80 6.11 19.60
N THR D 143 21.74 6.02 20.41
CA THR D 143 20.88 4.84 20.42
C THR D 143 19.56 5.10 19.67
N HIS D 144 19.58 6.09 18.77
CA HIS D 144 18.36 6.54 18.10
C HIS D 144 17.77 5.43 17.23
N ILE D 145 18.64 4.70 16.54
CA ILE D 145 18.22 3.59 15.70
C ILE D 145 17.51 2.51 16.51
N ALA D 146 18.12 2.12 17.63
CA ALA D 146 17.60 1.03 18.46
C ALA D 146 16.18 1.33 18.97
N TRP D 147 15.96 2.57 19.41
CA TRP D 147 14.68 2.92 20.03
C TRP D 147 13.55 2.96 19.02
N ASN D 148 13.84 3.37 17.79
CA ASN D 148 12.85 3.28 16.72
C ASN D 148 12.55 1.80 16.42
N PHE D 149 13.61 1.00 16.32
CA PHE D 149 13.46 -0.44 16.09
C PHE D 149 12.59 -1.06 17.17
N ALA D 150 12.78 -0.64 18.42
CA ALA D 150 12.00 -1.14 19.55
C ALA D 150 10.51 -0.85 19.38
N ALA D 151 10.19 0.35 18.93
CA ALA D 151 8.80 0.73 18.65
C ALA D 151 8.17 -0.22 17.63
N ALA D 152 8.94 -0.58 16.60
CA ALA D 152 8.47 -1.55 15.60
C ALA D 152 8.44 -2.97 16.15
N ILE D 153 9.35 -3.28 17.07
CA ILE D 153 9.25 -4.55 17.81
C ILE D 153 7.95 -4.55 18.62
N PHE D 154 7.70 -3.45 19.32
CA PHE D 154 6.51 -3.33 20.17
C PHE D 154 5.18 -3.44 19.40
N PHE D 155 5.19 -3.14 18.10
CA PHE D 155 3.97 -3.32 17.31
C PHE D 155 3.74 -4.80 17.00
N VAL D 156 4.81 -5.52 16.69
CA VAL D 156 4.74 -6.99 16.52
C VAL D 156 4.27 -7.67 17.81
N LEU D 157 4.82 -7.23 18.94
CA LEU D 157 4.43 -7.78 20.23
C LEU D 157 2.95 -7.49 20.52
N CYS D 158 2.49 -6.29 20.16
CA CYS D 158 1.08 -5.91 20.33
C CYS D 158 0.15 -6.83 19.56
N ILE D 159 0.39 -6.96 18.25
CA ILE D 159 -0.44 -7.80 17.38
C ILE D 159 -0.12 -9.30 17.53
N GLY D 160 1.06 -9.60 18.05
CA GLY D 160 1.51 -10.99 18.20
C GLY D 160 0.95 -11.65 19.44
N CYS D 161 1.20 -11.04 20.61
CA CYS D 161 0.83 -11.66 21.89
C CYS D 161 0.27 -10.72 22.98
N ILE D 162 0.36 -9.40 22.84
CA ILE D 162 -0.25 -8.53 23.86
C ILE D 162 -1.77 -8.44 23.70
N HIS D 163 -2.26 -8.31 22.46
CA HIS D 163 -3.70 -8.15 22.21
C HIS D 163 -4.50 -9.41 22.43
N PRO D 164 -3.97 -10.57 22.00
CA PRO D 164 -4.61 -11.83 22.40
C PRO D 164 -4.71 -11.97 23.90
N THR D 165 -3.65 -11.58 24.61
CA THR D 165 -3.63 -11.55 26.08
C THR D 165 -4.74 -10.66 26.63
N LEU D 166 -4.72 -9.40 26.23
CA LEU D 166 -5.65 -8.42 26.78
C LEU D 166 -7.12 -8.85 26.62
N VAL D 167 -7.45 -9.43 25.47
CA VAL D 167 -8.78 -10.01 25.22
C VAL D 167 -8.91 -11.46 25.69
N GLY D 168 -7.78 -12.13 25.87
CA GLY D 168 -7.76 -13.48 26.44
C GLY D 168 -8.14 -14.56 25.44
N SER D 169 -7.46 -14.59 24.30
CA SER D 169 -7.71 -15.63 23.28
C SER D 169 -6.62 -15.61 22.22
N TRP D 170 -5.73 -16.61 22.28
CA TRP D 170 -4.66 -16.76 21.30
C TRP D 170 -5.19 -16.80 19.87
N SER D 171 -6.44 -17.20 19.66
CA SER D 171 -7.00 -17.28 18.31
C SER D 171 -6.86 -15.96 17.54
N GLU D 172 -6.75 -14.85 18.28
CA GLU D 172 -6.67 -13.51 17.71
C GLU D 172 -5.33 -13.20 17.03
N GLY D 173 -4.31 -14.01 17.33
CA GLY D 173 -2.97 -13.79 16.79
C GLY D 173 -2.84 -13.94 15.27
N VAL D 174 -1.75 -13.41 14.71
CA VAL D 174 -1.50 -13.47 13.27
C VAL D 174 -0.85 -14.80 12.87
N PRO D 175 -1.39 -15.44 11.82
CA PRO D 175 -0.78 -16.66 11.31
C PRO D 175 0.61 -16.42 10.72
N PHE D 176 1.35 -17.51 10.52
CA PHE D 176 2.58 -17.47 9.73
C PHE D 176 2.27 -17.96 8.32
N GLY D 177 2.87 -17.32 7.32
CA GLY D 177 2.60 -17.64 5.91
C GLY D 177 2.28 -16.40 5.11
N ILE D 178 2.41 -16.49 3.79
CA ILE D 178 2.24 -15.33 2.92
C ILE D 178 0.77 -14.88 2.91
N TRP D 179 -0.07 -15.54 2.11
CA TRP D 179 -1.49 -15.20 2.05
C TRP D 179 -2.19 -15.27 3.41
N PRO D 180 -1.87 -16.29 4.23
CA PRO D 180 -2.52 -16.39 5.55
C PRO D 180 -2.40 -15.18 6.50
N HIS D 181 -1.20 -14.59 6.64
CA HIS D 181 -1.04 -13.41 7.51
C HIS D 181 -1.63 -12.15 6.89
N ILE D 182 -1.92 -12.22 5.59
CA ILE D 182 -2.67 -11.19 4.85
C ILE D 182 -4.16 -11.37 5.09
N ASP D 183 -4.62 -12.62 5.02
CA ASP D 183 -6.03 -12.93 5.25
C ASP D 183 -6.47 -12.47 6.65
N TRP D 184 -5.57 -12.59 7.63
CA TRP D 184 -5.83 -12.10 9.00
C TRP D 184 -6.28 -10.65 9.03
N LEU D 185 -5.72 -9.84 8.14
CA LEU D 185 -6.03 -8.41 8.08
C LEU D 185 -7.52 -8.11 7.79
N THR D 186 -8.16 -8.97 7.02
CA THR D 186 -9.59 -8.84 6.76
C THR D 186 -10.41 -9.37 7.94
N ALA D 187 -10.07 -10.57 8.43
CA ALA D 187 -10.75 -11.14 9.59
C ALA D 187 -10.76 -10.14 10.75
N PHE D 188 -9.57 -9.71 11.16
CA PHE D 188 -9.41 -8.76 12.26
C PHE D 188 -10.31 -7.53 12.08
N SER D 189 -10.16 -6.84 10.95
CA SER D 189 -10.94 -5.62 10.67
C SER D 189 -12.47 -5.82 10.76
N ILE D 190 -12.96 -6.88 10.09
CA ILE D 190 -14.41 -7.18 10.05
C ILE D 190 -14.97 -7.44 11.44
N ARG D 191 -14.24 -8.27 12.19
CA ARG D 191 -14.58 -8.59 13.58
C ARG D 191 -14.67 -7.36 14.47
N TYR D 192 -13.81 -6.37 14.24
CA TYR D 192 -13.88 -5.10 14.98
C TYR D 192 -14.30 -3.91 14.12
N GLY D 193 -15.17 -4.14 13.14
CA GLY D 193 -15.98 -3.08 12.56
C GLY D 193 -15.31 -2.04 11.69
N ASN D 194 -14.58 -2.50 10.68
CA ASN D 194 -13.96 -1.64 9.67
C ASN D 194 -12.87 -0.74 10.23
N PHE D 195 -11.62 -1.17 10.09
CA PHE D 195 -10.49 -0.38 10.59
C PHE D 195 -10.36 1.01 9.95
N TYR D 196 -11.02 1.25 8.81
CA TYR D 196 -11.12 2.59 8.26
C TYR D 196 -11.79 3.55 9.24
N TYR D 197 -12.39 3.02 10.32
CA TYR D 197 -13.04 3.82 11.34
C TYR D 197 -12.35 3.81 12.70
N CYS D 198 -11.09 3.37 12.72
CA CYS D 198 -10.27 3.52 13.92
C CYS D 198 -9.37 4.73 13.71
N PRO D 199 -9.47 5.74 14.59
CA PRO D 199 -8.63 6.95 14.46
C PRO D 199 -7.13 6.70 14.37
N TRP D 200 -6.64 5.66 15.04
CA TRP D 200 -5.20 5.40 15.15
C TRP D 200 -4.66 4.60 13.97
N HIS D 201 -5.56 3.99 13.20
CA HIS D 201 -5.25 3.55 11.86
C HIS D 201 -4.94 4.80 11.03
N GLY D 202 -5.85 5.77 11.12
CA GLY D 202 -5.75 7.04 10.43
C GLY D 202 -4.44 7.75 10.70
N PHE D 203 -4.06 7.80 11.98
CA PHE D 203 -2.77 8.36 12.33
C PHE D 203 -1.67 7.50 11.69
N SER D 204 -1.82 6.19 11.82
CA SER D 204 -0.82 5.25 11.29
C SER D 204 -0.61 5.46 9.79
N ILE D 205 -1.72 5.53 9.05
CA ILE D 205 -1.66 5.77 7.60
C ILE D 205 -1.03 7.13 7.25
N GLY D 206 -1.41 8.17 7.99
CA GLY D 206 -0.95 9.53 7.70
C GLY D 206 0.49 9.83 8.08
N PHE D 207 1.10 8.94 8.86
CA PHE D 207 2.51 9.02 9.19
C PHE D 207 3.31 8.20 8.19
N ALA D 208 2.77 7.05 7.83
CA ALA D 208 3.36 6.21 6.79
C ALA D 208 3.35 6.94 5.46
N TYR D 209 2.20 7.54 5.13
CA TYR D 209 2.09 8.43 3.97
C TYR D 209 3.05 9.59 4.07
N GLY D 210 3.18 10.14 5.26
CA GLY D 210 4.14 11.20 5.54
C GLY D 210 5.57 10.79 5.28
N CYS D 211 5.95 9.60 5.77
CA CYS D 211 7.27 9.01 5.50
C CYS D 211 7.57 8.91 4.00
N GLY D 212 6.56 8.55 3.21
CA GLY D 212 6.66 8.57 1.75
C GLY D 212 7.10 9.94 1.29
N LEU D 213 6.26 10.94 1.57
CA LEU D 213 6.49 12.34 1.19
C LEU D 213 7.85 12.85 1.67
N LEU D 214 8.14 12.59 2.94
CA LEU D 214 9.33 13.15 3.59
C LEU D 214 10.65 12.64 3.00
N PHE D 215 10.75 11.34 2.76
CA PHE D 215 11.95 10.78 2.18
C PHE D 215 12.05 11.20 0.73
N ALA D 216 10.94 11.08 -0.01
CA ALA D 216 10.83 11.61 -1.37
C ALA D 216 11.35 13.04 -1.42
N ALA D 217 10.76 13.91 -0.62
CA ALA D 217 11.15 15.33 -0.62
C ALA D 217 12.59 15.52 -0.16
N HIS D 218 12.96 14.82 0.91
CA HIS D 218 14.30 14.92 1.49
C HIS D 218 15.37 14.38 0.55
N GLY D 219 15.08 13.22 -0.06
CA GLY D 219 15.95 12.64 -1.08
C GLY D 219 16.16 13.61 -2.23
N ALA D 220 15.05 14.15 -2.73
CA ALA D 220 15.09 15.12 -3.84
C ALA D 220 15.94 16.35 -3.51
N THR D 221 15.89 16.78 -2.26
CA THR D 221 16.65 17.95 -1.80
C THR D 221 18.16 17.67 -1.69
N ILE D 222 18.53 16.51 -1.14
CA ILE D 222 19.94 16.15 -1.01
C ILE D 222 20.62 15.90 -2.38
N LEU D 223 19.95 15.17 -3.28
CA LEU D 223 20.44 14.99 -4.65
C LEU D 223 20.50 16.33 -5.37
N ALA D 224 19.41 17.10 -5.28
CA ALA D 224 19.35 18.43 -5.86
C ALA D 224 20.56 19.32 -5.53
N VAL D 225 21.10 19.19 -4.31
CA VAL D 225 22.26 19.97 -3.88
C VAL D 225 23.57 19.17 -3.79
N ALA D 226 23.63 18.04 -4.49
CA ALA D 226 24.84 17.18 -4.47
C ALA D 226 26.08 17.90 -5.00
N ARG D 227 25.90 18.76 -5.99
CA ARG D 227 26.98 19.59 -6.55
C ARG D 227 27.73 20.42 -5.48
N PHE D 228 27.04 20.79 -4.40
CA PHE D 228 27.65 21.52 -3.28
C PHE D 228 27.97 20.58 -2.11
N GLY D 229 28.21 19.31 -2.42
CA GLY D 229 28.53 18.30 -1.41
C GLY D 229 27.49 18.23 -0.31
N GLY D 230 26.23 18.32 -0.70
CA GLY D 230 25.12 18.32 0.24
C GLY D 230 24.88 16.96 0.88
N ASP D 231 25.42 15.90 0.28
CA ASP D 231 25.38 14.55 0.88
C ASP D 231 26.18 14.46 2.19
N ARG D 232 27.17 15.33 2.36
CA ARG D 232 28.01 15.34 3.56
C ARG D 232 27.27 16.00 4.73
N GLU D 233 26.33 15.25 5.28
CA GLU D 233 25.34 15.80 6.18
C GLU D 233 25.83 16.07 7.59
N ILE D 234 26.84 15.35 8.06
CA ILE D 234 27.37 15.65 9.40
C ILE D 234 28.04 17.02 9.39
N GLU D 235 29.04 17.18 8.53
CA GLU D 235 29.78 18.43 8.45
C GLU D 235 28.98 19.59 7.83
N GLN D 236 27.75 19.35 7.40
CA GLN D 236 26.83 20.45 7.10
C GLN D 236 26.12 20.91 8.37
N ILE D 237 25.95 20.01 9.34
CA ILE D 237 25.35 20.35 10.63
C ILE D 237 26.26 21.28 11.44
N THR D 238 27.53 20.89 11.56
CA THR D 238 28.48 21.58 12.45
C THR D 238 29.21 22.76 11.80
N ASP D 239 29.11 22.87 10.48
CA ASP D 239 29.63 24.02 9.74
C ASP D 239 28.76 24.26 8.50
N ARG D 240 27.66 25.01 8.66
CA ARG D 240 26.68 25.21 7.60
C ARG D 240 27.31 25.65 6.28
N GLY D 241 27.05 24.89 5.22
CA GLY D 241 27.55 25.23 3.89
C GLY D 241 26.44 25.75 3.01
N THR D 242 26.81 26.29 1.85
CA THR D 242 25.83 26.80 0.88
C THR D 242 24.79 25.75 0.51
N ALA D 243 25.19 24.48 0.58
CA ALA D 243 24.31 23.34 0.31
C ALA D 243 22.98 23.46 1.06
N VAL D 244 23.04 23.40 2.39
CA VAL D 244 21.82 23.47 3.20
C VAL D 244 21.27 24.89 3.35
N GLU D 245 22.00 25.90 2.87
CA GLU D 245 21.45 27.24 2.70
C GLU D 245 20.47 27.23 1.52
N ARG D 246 20.92 26.67 0.40
CA ARG D 246 20.07 26.55 -0.78
C ARG D 246 18.91 25.58 -0.57
N ALA D 247 19.06 24.61 0.32
CA ALA D 247 17.94 23.72 0.67
C ALA D 247 16.85 24.49 1.42
N ALA D 248 17.17 24.88 2.65
CA ALA D 248 16.22 25.59 3.54
C ALA D 248 15.45 26.70 2.82
N LEU D 249 16.14 27.46 1.98
CA LEU D 249 15.51 28.54 1.20
C LEU D 249 14.54 28.02 0.13
N PHE D 250 14.92 26.95 -0.57
CA PHE D 250 14.00 26.29 -1.52
C PHE D 250 12.64 26.03 -0.88
N TRP D 251 12.66 25.46 0.32
CA TRP D 251 11.43 25.14 1.03
C TRP D 251 10.76 26.40 1.59
N ARG D 252 11.56 27.28 2.21
CA ARG D 252 11.03 28.48 2.84
C ARG D 252 10.29 29.38 1.84
N TRP D 253 10.72 29.38 0.59
CA TRP D 253 10.05 30.17 -0.44
C TRP D 253 8.84 29.44 -1.04
N THR D 254 8.80 28.12 -0.91
CA THR D 254 7.68 27.32 -1.43
C THR D 254 6.57 27.23 -0.39
N ILE D 255 6.87 26.65 0.77
CA ILE D 255 5.87 26.40 1.81
C ILE D 255 5.91 27.36 3.00
N GLY D 256 6.86 28.30 3.01
CA GLY D 256 6.84 29.41 3.97
C GLY D 256 7.73 29.25 5.19
N PHE D 257 8.02 28.00 5.55
CA PHE D 257 8.94 27.69 6.64
C PHE D 257 9.93 26.61 6.20
N ASN D 258 10.80 26.18 7.11
CA ASN D 258 11.81 25.18 6.78
C ASN D 258 12.48 24.60 8.00
N ALA D 259 13.25 23.55 7.78
CA ALA D 259 14.02 22.90 8.84
C ALA D 259 15.53 23.16 8.71
N THR D 260 16.29 22.60 9.63
CA THR D 260 17.75 22.55 9.51
C THR D 260 18.16 21.20 8.94
N ILE D 261 19.43 21.05 8.63
CA ILE D 261 19.91 19.79 8.08
C ILE D 261 19.86 18.67 9.12
N GLU D 262 19.96 19.03 10.41
CA GLU D 262 19.83 18.06 11.49
C GLU D 262 18.36 17.78 11.80
N SER D 263 17.59 18.84 12.00
CA SER D 263 16.19 18.70 12.42
C SER D 263 15.33 17.93 11.41
N VAL D 264 15.62 18.04 10.11
CA VAL D 264 14.83 17.35 9.09
C VAL D 264 14.99 15.83 9.23
N HIS D 265 16.12 15.40 9.75
CA HIS D 265 16.31 14.00 10.12
C HIS D 265 15.61 13.67 11.44
N ARG D 266 15.25 14.70 12.20
CA ARG D 266 14.43 14.51 13.39
C ARG D 266 12.94 14.46 13.02
N TRP D 267 12.58 15.04 11.88
CA TRP D 267 11.21 14.95 11.37
C TRP D 267 10.95 13.54 10.85
N GLY D 268 11.89 13.00 10.09
CA GLY D 268 11.77 11.64 9.56
C GLY D 268 11.72 10.58 10.65
N TRP D 269 12.72 10.61 11.53
CA TRP D 269 12.79 9.71 12.70
C TRP D 269 11.50 9.64 13.49
N PHE D 270 10.96 10.82 13.81
CA PHE D 270 9.65 10.96 14.45
C PHE D 270 8.58 10.29 13.62
N PHE D 271 8.47 10.69 12.36
CA PHE D 271 7.37 10.24 11.49
C PHE D 271 7.37 8.73 11.26
N SER D 272 8.55 8.13 11.21
CA SER D 272 8.69 6.67 11.18
C SER D 272 8.21 6.06 12.49
N LEU D 273 8.73 6.59 13.59
CA LEU D 273 8.41 6.11 14.93
C LEU D 273 6.90 6.02 15.18
N MET D 274 6.19 7.12 14.89
CA MET D 274 4.76 7.23 15.18
C MET D 274 3.90 6.24 14.41
N VAL D 275 4.29 5.96 13.16
CA VAL D 275 3.65 4.91 12.38
C VAL D 275 3.44 3.65 13.21
N MET D 276 4.46 3.28 13.99
CA MET D 276 4.40 2.10 14.84
C MET D 276 3.74 2.38 16.19
N VAL D 277 3.92 3.60 16.70
CA VAL D 277 3.32 3.98 17.99
C VAL D 277 1.79 4.10 17.85
N SER D 278 1.33 4.78 16.80
CA SER D 278 -0.11 4.91 16.52
C SER D 278 -0.71 3.54 16.24
N ALA D 279 -0.03 2.78 15.38
CA ALA D 279 -0.40 1.37 15.08
C ALA D 279 -0.53 0.52 16.35
N SER D 280 0.43 0.67 17.26
CA SER D 280 0.38 0.01 18.56
C SER D 280 -0.79 0.54 19.41
N VAL D 281 -0.97 1.86 19.42
CA VAL D 281 -2.06 2.49 20.19
C VAL D 281 -3.41 1.99 19.70
N GLY D 282 -3.64 2.09 18.39
CA GLY D 282 -4.87 1.57 17.80
C GLY D 282 -5.22 0.17 18.29
N ILE D 283 -4.26 -0.76 18.19
CA ILE D 283 -4.45 -2.15 18.60
C ILE D 283 -4.80 -2.28 20.10
N LEU D 284 -3.94 -1.71 20.95
CA LEU D 284 -4.17 -1.77 22.40
C LEU D 284 -5.59 -1.35 22.80
N LEU D 285 -6.17 -0.43 22.03
CA LEU D 285 -7.56 -0.05 22.21
C LEU D 285 -8.53 -1.13 21.72
N THR D 286 -8.19 -1.78 20.61
CA THR D 286 -9.10 -2.75 19.99
C THR D 286 -9.42 -3.95 20.88
N GLY D 287 -10.71 -4.17 21.10
CA GLY D 287 -11.16 -5.38 21.78
C GLY D 287 -11.21 -5.26 23.29
N THR D 288 -10.30 -4.47 23.84
CA THR D 288 -10.32 -4.16 25.25
C THR D 288 -11.40 -3.11 25.50
N PHE D 289 -11.28 -1.96 24.84
CA PHE D 289 -12.15 -0.80 25.07
C PHE D 289 -13.00 -0.35 23.89
N VAL D 290 -12.79 -0.91 22.70
CA VAL D 290 -13.70 -0.73 21.59
C VAL D 290 -13.94 -2.09 20.94
N ASP D 291 -15.09 -2.21 20.28
CA ASP D 291 -15.57 -3.49 19.74
C ASP D 291 -15.92 -3.38 18.25
N ASN D 292 -16.55 -2.26 17.87
CA ASN D 292 -16.85 -1.97 16.48
C ASN D 292 -16.54 -0.51 16.18
N TRP D 293 -15.38 -0.27 15.58
CA TRP D 293 -14.89 1.07 15.34
C TRP D 293 -15.84 1.95 14.51
N TYR D 294 -16.65 1.35 13.65
CA TYR D 294 -17.63 2.11 12.88
C TYR D 294 -18.74 2.63 13.77
N LEU D 295 -19.25 1.78 14.66
CA LEU D 295 -20.31 2.20 15.59
C LEU D 295 -19.77 3.08 16.72
N TRP D 296 -18.46 3.02 16.94
CA TRP D 296 -17.78 4.00 17.80
C TRP D 296 -17.75 5.38 17.14
N CYS D 297 -17.65 5.40 15.81
CA CYS D 297 -17.64 6.66 15.05
C CYS D 297 -19.06 7.18 14.85
N VAL D 298 -20.02 6.26 14.71
CA VAL D 298 -21.43 6.61 14.58
C VAL D 298 -21.97 7.21 15.88
N LYS D 299 -21.61 6.59 17.00
CA LYS D 299 -21.93 7.12 18.33
C LYS D 299 -21.37 8.54 18.45
N HIS D 300 -20.05 8.68 18.35
CA HIS D 300 -19.41 10.00 18.44
C HIS D 300 -19.59 10.85 17.16
N GLY D 301 -20.67 10.60 16.43
CA GLY D 301 -21.16 11.48 15.35
C GLY D 301 -20.17 11.88 14.27
N ALA D 302 -19.25 10.98 13.95
CA ALA D 302 -18.20 11.25 12.97
C ALA D 302 -18.53 10.61 11.63
N ALA D 303 -18.80 9.31 11.67
CA ALA D 303 -19.02 8.51 10.48
C ALA D 303 -19.97 9.19 9.49
N PRO D 304 -19.60 9.24 8.20
CA PRO D 304 -20.41 9.92 7.20
C PRO D 304 -21.62 9.09 6.81
N ASP D 305 -22.59 9.74 6.17
CA ASP D 305 -23.83 9.10 5.79
C ASP D 305 -24.18 9.47 4.36
N TYR D 306 -24.81 8.52 3.66
CA TYR D 306 -25.18 8.67 2.27
C TYR D 306 -26.65 8.33 2.12
N PRO D 307 -27.33 8.91 1.10
CA PRO D 307 -28.69 8.47 0.83
C PRO D 307 -28.76 7.09 0.20
N ALA D 308 -29.98 6.58 0.06
CA ALA D 308 -30.24 5.28 -0.55
C ALA D 308 -30.26 5.37 -2.07
N TYR D 309 -29.41 4.58 -2.74
CA TYR D 309 -29.51 4.41 -4.19
C TYR D 309 -30.61 3.38 -4.48
N LEU D 310 -30.42 2.17 -3.94
CA LEU D 310 -31.48 1.17 -3.93
C LEU D 310 -32.30 1.31 -2.64
N PRO D 311 -33.52 0.75 -2.60
CA PRO D 311 -34.43 0.97 -1.45
C PRO D 311 -33.90 0.43 -0.13
N ALA D 312 -34.12 1.16 0.96
CA ALA D 312 -33.69 0.71 2.29
C ALA D 312 -34.14 -0.72 2.55
N THR D 313 -33.22 -1.57 3.00
CA THR D 313 -33.49 -3.01 3.13
C THR D 313 -33.53 -3.50 4.59
N PRO D 314 -34.74 -3.71 5.15
CA PRO D 314 -34.87 -4.20 6.52
C PRO D 314 -34.15 -5.52 6.72
N ASP D 315 -33.63 -5.70 7.94
CA ASP D 315 -32.96 -6.94 8.38
C ASP D 315 -33.94 -8.12 8.44
N PRO D 316 -33.95 -9.00 7.40
CA PRO D 316 -34.99 -10.04 7.38
C PRO D 316 -35.10 -10.86 8.67
N ALA D 317 -34.08 -10.84 9.52
CA ALA D 317 -34.10 -11.54 10.81
C ALA D 317 -35.03 -10.88 11.85
N SER D 318 -35.71 -9.80 11.47
CA SER D 318 -36.66 -9.11 12.34
C SER D 318 -38.12 -9.35 11.94
N LEU D 319 -38.36 -9.71 10.68
CA LEU D 319 -39.70 -9.91 10.14
C LEU D 319 -40.41 -11.03 10.92
N PRO D 320 -41.75 -10.89 11.11
CA PRO D 320 -42.51 -11.91 11.84
C PRO D 320 -42.54 -13.26 11.10
N GLY D 321 -42.05 -14.30 11.75
CA GLY D 321 -42.07 -15.64 11.19
C GLY D 321 -41.02 -15.91 10.13
N ALA D 322 -39.86 -15.27 10.25
CA ALA D 322 -38.71 -15.66 9.45
C ALA D 322 -37.87 -16.58 10.34
N PRO D 323 -37.26 -17.62 9.75
CA PRO D 323 -36.42 -18.55 10.52
C PRO D 323 -35.24 -17.90 11.25
N LYS D 324 -34.54 -18.70 12.04
CA LYS D 324 -33.34 -18.25 12.74
C LYS D 324 -32.23 -18.01 11.72
FE HEC E . -42.42 -41.47 -15.08
CHA HEC E . -44.77 -42.48 -12.89
CHB HEC E . -44.49 -42.38 -17.72
CHC HEC E . -40.04 -40.46 -17.44
CHD HEC E . -40.17 -40.80 -12.60
NA HEC E . -44.28 -42.24 -15.28
C1A HEC E . -45.06 -42.66 -14.21
C2A HEC E . -46.23 -43.32 -14.76
C3A HEC E . -46.16 -43.30 -16.09
C4A HEC E . -44.93 -42.61 -16.44
CMA HEC E . -47.19 -43.89 -17.06
CAA HEC E . -47.38 -43.96 -13.95
CBA HEC E . -47.03 -45.44 -13.74
CGA HEC E . -48.14 -46.07 -12.94
O1A HEC E . -48.39 -45.59 -11.81
O2A HEC E . -48.78 -47.04 -13.43
NB HEC E . -42.30 -41.42 -17.19
C1B HEC E . -43.28 -41.85 -18.07
C2B HEC E . -42.80 -41.63 -19.42
C3B HEC E . -41.58 -41.11 -19.34
C4B HEC E . -41.23 -40.96 -17.94
CMB HEC E . -43.59 -41.97 -20.69
CAB HEC E . -40.68 -40.71 -20.52
CBB HEC E . -41.19 -40.10 -21.58
NC HEC E . -40.46 -40.72 -15.03
C1C HEC E . -39.65 -40.47 -16.12
C2C HEC E . -38.31 -40.20 -15.61
C3C HEC E . -38.34 -40.29 -14.28
C4C HEC E . -39.70 -40.61 -13.88
CMC HEC E . -37.06 -39.87 -16.47
CAC HEC E . -37.16 -40.08 -13.32
CBC HEC E . -36.38 -39.01 -13.45
ND HEC E . -42.45 -41.70 -13.06
C1D HEC E . -41.46 -41.14 -12.24
C2D HEC E . -42.00 -40.99 -10.92
C3D HEC E . -43.44 -41.52 -10.99
C4D HEC E . -43.63 -41.93 -12.36
CMD HEC E . -41.29 -40.41 -9.68
CAD HEC E . -44.47 -41.54 -9.86
CBD HEC E . -44.99 -40.10 -9.90
CGD HEC E . -45.74 -39.64 -8.68
O1D HEC E . -46.31 -38.54 -8.78
O2D HEC E . -45.78 -40.33 -7.63
FE HEC F . -32.63 -33.93 -8.69
CHA HEC F . -30.39 -36.45 -7.97
CHB HEC F . -34.53 -36.24 -10.53
CHC HEC F . -34.92 -31.50 -9.39
CHD HEC F . -30.67 -31.64 -7.01
NA HEC F . -32.50 -35.98 -9.17
C1A HEC F . -31.46 -36.80 -8.77
C2A HEC F . -31.70 -38.12 -9.34
C3A HEC F . -32.84 -38.07 -10.04
C4A HEC F . -33.37 -36.72 -9.95
CMA HEC F . -33.47 -39.25 -10.83
CAA HEC F . -30.79 -39.35 -9.16
CBA HEC F . -29.73 -39.36 -10.25
CGA HEC F . -28.78 -40.51 -10.01
O1A HEC F . -28.69 -41.40 -10.90
O2A HEC F . -28.12 -40.55 -8.95
NB HEC F . -34.37 -33.86 -9.83
C1B HEC F . -35.03 -34.96 -10.37
C2B HEC F . -36.36 -34.52 -10.73
C3B HEC F . -36.48 -33.23 -10.42
C4B HEC F . -35.23 -32.77 -9.85
CMB HEC F . -37.45 -35.41 -11.37
CAB HEC F . -37.73 -32.35 -10.65
CBB HEC F . -38.94 -32.83 -10.34
NC HEC F . -32.78 -31.94 -8.23
C1C HEC F . -33.77 -31.10 -8.71
C2C HEC F . -33.38 -29.74 -8.36
C3C HEC F . -32.22 -29.79 -7.70
C4C HEC F . -31.82 -31.17 -7.61
CMC HEC F . -34.18 -28.46 -8.70
CAC HEC F . -31.40 -28.59 -7.14
CBC HEC F . -31.98 -27.66 -6.39
ND HEC F . -30.75 -34.00 -7.70
C1D HEC F . -30.26 -32.96 -6.92
C2D HEC F . -29.26 -33.49 -6.02
C3D HEC F . -29.19 -34.98 -6.32
C4D HEC F . -30.14 -35.21 -7.38
CMD HEC F . -28.44 -32.71 -4.97
CAD HEC F . -28.27 -36.03 -5.64
CBD HEC F . -27.08 -36.30 -6.57
CGD HEC F . -27.33 -37.52 -7.44
O1D HEC F . -27.36 -38.65 -6.87
O2D HEC F . -27.50 -37.36 -8.68
FE HEC G . -21.76 -10.76 3.00
CHA HEC G . -23.09 -11.14 6.21
CHB HEC G . -18.71 -9.96 4.43
CHC HEC G . -20.36 -10.61 -0.09
CHD HEC G . -24.81 -11.49 1.64
NA HEC G . -21.03 -10.59 4.95
C1A HEC G . -21.76 -10.77 6.11
C2A HEC G . -20.88 -10.48 7.24
C3A HEC G . -19.69 -10.15 6.75
C4A HEC G . -19.76 -10.22 5.30
CMA HEC G . -18.42 -9.77 7.55
CAA HEC G . -21.25 -10.54 8.74
CBA HEC G . -22.15 -9.34 9.07
CGA HEC G . -22.55 -9.30 10.53
O1A HEC G . -21.64 -9.34 11.41
O2A HEC G . -23.76 -9.22 10.81
NB HEC G . -19.90 -10.30 2.30
C1B HEC G . -18.76 -10.11 3.07
C2B HEC G . -17.63 -10.11 2.17
C3B HEC G . -18.08 -10.29 0.92
C4B HEC G . -19.52 -10.40 0.98
CMB HEC G . -16.15 -9.93 2.58
CAB HEC G . -17.19 -10.36 -0.33
CBB HEC G . -16.22 -11.28 -0.40
NC HEC G . -22.43 -11.09 1.13
C1C HEC G . -21.72 -10.80 -0.01
C2C HEC G . -22.65 -10.74 -1.12
C3C HEC G . -23.88 -10.99 -0.64
C4C HEC G . -23.76 -11.21 0.78
CMC HEC G . -22.24 -10.44 -2.58
CAC HEC G . -25.22 -11.02 -1.44
CBC HEC G . -25.34 -11.82 -2.49
ND HEC G . -23.68 -11.21 3.81
C1D HEC G . -24.75 -11.58 3.01
C2D HEC G . -25.80 -12.10 3.85
C3D HEC G . -25.28 -11.98 5.28
C4D HEC G . -23.95 -11.42 5.16
CMD HEC G . -27.18 -12.64 3.39
CAD HEC G . -26.02 -12.40 6.58
CBD HEC G . -26.12 -13.93 6.65
CGD HEC G . -26.77 -14.36 7.94
O1D HEC G . -27.42 -15.44 7.93
O2D HEC G . -26.65 -13.67 8.97
FE HEC H . -30.46 -17.56 -5.30
CHA HEC H . -32.16 -14.94 -6.86
CHB HEC H . -28.47 -15.30 -3.67
CHC HEC H . -29.03 -20.13 -3.48
CHD HEC H . -32.29 -19.86 -7.05
NA HEC H . -30.36 -15.50 -5.27
C1A HEC H . -31.13 -14.59 -6.00
C2A HEC H . -30.66 -13.25 -5.69
C3A HEC H . -29.65 -13.37 -4.80
C4A HEC H . -29.43 -14.78 -4.53
CMA HEC H . -28.84 -12.21 -4.18
CAA HEC H . -31.23 -11.91 -6.24
CBA HEC H . -30.63 -11.54 -7.59
CGA HEC H . -31.24 -10.30 -8.22
O1A HEC H . -32.27 -9.76 -7.72
O2A HEC H . -30.70 -9.81 -9.25
NB HEC H . -29.01 -17.70 -3.85
C1B HEC H . -28.31 -16.63 -3.31
C2B HEC H . -27.41 -17.14 -2.31
C3B HEC H . -27.57 -18.47 -2.25
C4B HEC H . -28.58 -18.85 -3.22
CMB HEC H . -26.45 -16.30 -1.45
CAB HEC H . -26.81 -19.46 -1.32
CBB HEC H . -26.68 -19.24 -0.01
NC HEC H . -30.64 -19.63 -5.25
C1C HEC H . -29.92 -20.49 -4.45
C2C HEC H . -30.26 -21.85 -4.84
C3C HEC H . -31.17 -21.78 -5.82
C4C HEC H . -31.41 -20.37 -6.10
CMC HEC H . -29.69 -23.14 -4.24
CAC HEC H . -31.82 -22.97 -6.58
CBC HEC H . -32.46 -23.94 -5.90
ND HEC H . -31.99 -17.41 -6.74
C1D HEC H . -32.60 -18.53 -7.29
C2D HEC H . -33.63 -18.09 -8.20
C3D HEC H . -33.59 -16.57 -8.16
C4D HEC H . -32.54 -16.23 -7.22
CMD HEC H . -34.57 -18.96 -9.06
CAD HEC H . -34.53 -15.66 -8.99
CBD HEC H . -35.48 -14.85 -8.10
CGD HEC H . -35.32 -13.38 -8.44
O1D HEC H . -35.00 -12.60 -7.50
O2D HEC H . -35.51 -13.01 -9.64
MG BCB I . -4.56 -0.05 -0.04
CHA BCB I . -3.88 1.71 -2.92
CHB BCB I . -1.52 0.83 1.20
CHC BCB I . -5.00 -2.42 2.45
CHD BCB I . -7.80 -0.71 -1.20
NA BCB I . -2.98 1.04 -0.70
C1A BCB I . -2.83 1.59 -1.87
C2A BCB I . -1.44 2.19 -2.04
C3A BCB I . -0.99 2.33 -0.62
C4A BCB I . -1.89 1.33 0.04
CMA BCB I . 0.52 2.10 -0.47
CAA BCB I . -1.29 3.56 -2.73
CBA BCB I . -2.21 4.64 -2.16
CGA BCB I . -2.36 5.79 -3.14
O1A BCB I . -2.37 5.65 -4.36
O2A BCB I . -2.52 7.12 -2.57
NB BCB I . -3.41 -0.67 1.54
C1B BCB I . -2.22 -0.20 1.94
C2B BCB I . -1.65 -0.84 3.16
C3B BCB I . -2.70 -1.80 3.50
C4B BCB I . -3.74 -1.64 2.46
CMB BCB I . -0.34 -0.55 3.84
CAB BCB I . -2.67 -2.72 4.66
OBB BCB I . -3.55 -3.54 4.85
CBB BCB I . -1.50 -2.57 5.57
NC BCB I . -6.07 -1.30 0.51
C1C BCB I . -6.14 -2.20 1.51
C2C BCB I . -7.31 -3.06 1.75
C3C BCB I . -8.11 -2.47 0.68
C4C BCB I . -7.32 -1.43 -0.03
CMC BCB I . -7.02 -4.53 1.50
CAC BCB I . -9.49 -2.08 1.07
CBC BCB I . -10.61 -3.03 0.75
ND BCB I . -5.66 0.40 -1.70
C1D BCB I . -6.92 0.10 -2.03
C2D BCB I . -7.27 0.63 -3.35
C3D BCB I . -6.08 1.34 -3.86
C4D BCB I . -5.20 1.12 -2.79
CMD BCB I . -8.53 0.56 -4.17
CAD BCB I . -5.19 2.15 -4.74
OBD BCB I . -5.59 2.56 -5.88
CBD BCB I . -3.82 2.35 -4.24
CGD BCB I . -2.98 1.47 -5.11
O1D BCB I . -1.81 1.71 -5.37
O2D BCB I . -3.61 0.26 -5.65
CED BCB I . -2.86 -0.80 -6.24
C1 BCB I . -2.85 8.20 -3.44
C2 BCB I . -2.54 9.50 -2.74
C3 BCB I . -2.27 10.61 -3.44
C4 BCB I . -2.27 10.56 -4.95
C5 BCB I . -1.97 11.87 -2.68
C6 BCB I . -2.22 13.11 -3.53
C7 BCB I . -1.56 14.34 -2.94
C8 BCB I . -1.79 15.56 -3.80
C9 BCB I . -0.82 15.59 -4.98
C10 BCB I . -1.59 16.80 -2.94
C11 BCB I . -2.84 17.23 -2.18
C12 BCB I . -2.49 18.58 -1.57
C13 BCB I . -3.47 19.09 -0.52
C14 BCB I . -4.75 19.54 -1.19
C15 BCB I . -2.77 20.23 0.22
C16 BCB I . -3.42 20.62 1.53
C17 BCB I . -2.92 22.01 1.94
C18 BCB I . -2.67 22.19 3.44
C19 BCB I . -2.13 23.59 3.69
C20 BCB I . -1.74 21.13 4.02
MG BCB J . -6.21 9.86 1.87
CHA BCB J . -6.07 9.21 5.22
CHB BCB J . -5.69 13.15 2.48
CHC BCB J . -6.22 10.40 -1.53
CHD BCB J . -6.65 6.40 1.23
NA BCB J . -5.95 10.99 3.50
C1A BCB J . -5.90 10.60 4.73
C2A BCB J . -5.58 11.70 5.71
C3A BCB J . -5.80 12.93 4.86
C4A BCB J . -5.82 12.32 3.50
CMA BCB J . -7.12 13.64 5.14
CAA BCB J . -4.15 11.64 6.31
CBA BCB J . -3.05 11.24 5.32
CGA BCB J . -1.72 11.96 5.57
O1A BCB J . -1.46 12.45 6.66
O2A BCB J . -0.72 12.06 4.50
NB BCB J . -5.97 11.52 0.70
C1B BCB J . -5.79 12.79 1.07
C2B BCB J . -5.68 13.81 -0.01
C3B BCB J . -5.83 12.96 -1.20
C4B BCB J . -6.02 11.58 -0.65
CMB BCB J . -5.46 15.29 0.11
CAB BCB J . -5.81 13.39 -2.63
OBB BCB J . -5.80 12.59 -3.54
CBB BCB J . -5.81 14.86 -2.91
NC BCB J . -6.39 8.67 0.22
C1C BCB J . -6.39 9.01 -1.08
C2C BCB J . -6.68 8.08 -2.18
C3C BCB J . -6.69 6.90 -1.31
C4C BCB J . -6.57 7.32 0.10
CMC BCB J . -8.04 8.33 -2.83
CAC BCB J . -5.76 5.86 -1.81
CBC BCB J . -6.33 4.54 -2.25
ND BCB J . -6.31 8.12 2.95
C1D BCB J . -6.52 6.84 2.62
C2D BCB J . -6.55 5.97 3.81
C3D BCB J . -6.38 6.86 4.98
C4D BCB J . -6.25 8.08 4.33
CMD BCB J . -6.73 4.50 4.06
CAD BCB J . -6.23 7.27 6.40
OBD BCB J . -6.30 6.41 7.34
CBD BCB J . -6.04 8.72 6.63
CGD BCB J . -7.19 9.22 7.46
O1D BCB J . -7.22 9.02 8.67
O2D BCB J . -8.31 9.91 6.84
CED BCB J . -9.49 10.20 7.61
C1 BCB J . 0.62 12.48 4.72
C2 BCB J . 0.69 13.98 4.66
C3 BCB J . 0.81 14.79 5.74
C4 BCB J . 0.89 14.24 7.14
C5 BCB J . 0.88 16.29 5.54
C6 BCB J . -0.31 17.02 6.17
C7 BCB J . -1.53 16.90 5.26
C8 BCB J . -2.86 17.03 5.98
C9 BCB J . -3.01 16.01 7.11
C10 BCB J . -3.97 16.84 4.95
C11 BCB J . -5.31 17.48 5.36
C12 BCB J . -6.23 17.49 4.15
C13 BCB J . -7.55 18.20 4.41
C14 BCB J . -8.73 17.37 3.91
C15 BCB J . -7.53 19.61 3.81
C16 BCB J . -7.75 19.65 2.29
C17 BCB J . -7.43 21.04 1.73
C18 BCB J . -8.51 22.08 2.07
C19 BCB J . -8.92 22.84 0.80
C20 BCB J . -8.01 23.03 3.15
C1 BPB K . -1.12 24.00 -3.46
C2 BPB K . -2.47 23.44 -3.07
C3 BPB K . -3.12 23.78 -1.93
C4 BPB K . -2.50 24.75 -0.95
C5 BPB K . -4.48 23.21 -1.58
C6 BPB K . -5.23 22.82 -2.85
C7 BPB K . -6.76 22.82 -2.70
C8 BPB K . -7.37 22.26 -3.99
C9 BPB K . -7.35 23.32 -5.10
NA BPB K . 2.41 17.11 -0.60
NB BPB K . 1.26 14.38 -0.13
NC BPB K . 3.70 12.91 -1.39
ND BPB K . 4.80 15.56 -1.92
C10 BPB K . -8.77 21.74 -3.72
C11 BPB K . -8.74 20.39 -2.99
C12 BPB K . -9.24 19.24 -3.84
C13 BPB K . -8.82 17.90 -3.26
C14 BPB K . -9.01 16.79 -4.32
C15 BPB K . -9.60 17.59 -1.98
C16 BPB K . -9.23 16.22 -1.38
C17 BPB K . -9.36 16.18 0.15
C18 BPB K . -9.91 14.85 0.65
C19 BPB K . -10.14 14.91 2.16
C1A BPB K . 2.97 18.12 -1.13
O1A BPB K . -0.09 21.43 -4.22
C1B BPB K . 0.26 15.15 0.37
C1C BPB K . 2.91 11.89 -1.07
C1D BPB K . 5.84 14.85 -2.36
O1D BPB K . 5.06 21.28 -0.93
C20 BPB K . -9.00 13.67 0.31
C2A BPB K . 2.16 19.38 -0.95
O2A BPB K . -0.04 23.29 -2.88
C2B BPB K . -0.90 14.37 0.88
C2C BPB K . 3.56 10.59 -1.41
C2D BPB K . 6.89 15.80 -2.85
O2D BPB K . 5.93 19.51 0.27
C3A BPB K . 1.21 18.92 0.16
C3B BPB K . -0.48 12.99 0.60
C3C BPB K . 4.97 11.01 -1.79
C3D BPB K . 6.36 17.19 -2.65
C4A BPB K . 1.29 17.45 0.02
C4B BPB K . 0.87 13.09 -0.04
C4C BPB K . 4.81 12.51 -1.85
C4D BPB K . 5.13 16.90 -2.08
CAA BPB K . 1.45 19.86 -2.22
CAB BPB K . -1.27 11.76 0.88
CAC BPB K . 5.48 10.37 -3.07
CAD BPB K . 6.39 18.70 -2.68
CBA BPB K . 0.45 20.99 -1.91
CBB BPB K . -0.55 10.44 0.85
OBB BPB K . -2.47 11.86 1.14
CBC BPB K . 5.84 8.92 -2.80
CBD BPB K . 5.12 19.26 -2.13
OBD BPB K . 7.14 19.35 -3.49
CED BPB K . 5.32 19.78 1.54
CGA BPB K . 0.10 21.86 -3.09
CGD BPB K . 5.36 20.10 -0.92
CHA BPB K . 4.32 18.09 -1.77
CHB BPB K . 0.30 16.64 0.46
CHC BPB K . 1.69 11.92 -0.48
CHD BPB K . 5.89 13.38 -2.36
CMA BPB K . 1.66 19.35 1.55
CMB BPB K . -2.16 14.89 1.51
CMC BPB K . 3.58 9.65 -0.21
CMD BPB K . 8.24 15.63 -3.45
MG BCB L . 3.70 -8.44 6.03
CHA BCB L . 3.60 -8.09 2.65
CHB BCB L . 6.71 -10.09 5.76
CHC BCB L . 3.78 -8.70 9.46
CHD BCB L . 0.66 -6.65 6.32
NA BCB L . 4.91 -9.03 4.54
C1A BCB L . 4.75 -8.78 3.30
C2A BCB L . 5.91 -9.20 2.44
C3A BCB L . 6.66 -10.13 3.37
C4A BCB L . 6.05 -9.74 4.66
CMA BCB L . 6.43 -11.60 3.10
CAA BCB L . 6.76 -8.01 1.98
CBA BCB L . 6.93 -6.93 3.05
CGA BCB L . 8.23 -6.16 2.90
O1A BCB L . 8.81 -6.10 1.82
O2A BCB L . 8.79 -5.48 4.06
NB BCB L . 5.04 -9.24 7.37
C1B BCB L . 6.20 -9.88 7.12
C2B BCB L . 6.95 -10.38 8.30
C3B BCB L . 6.07 -9.95 9.38
C4B BCB L . 4.92 -9.28 8.71
CMB BCB L . 8.25 -11.13 8.38
CAB BCB L . 6.30 -10.21 10.82
OBB BCB L . 6.63 -11.34 11.16
CBB BCB L . 6.09 -9.07 11.78
NC BCB L . 2.49 -7.81 7.56
C1C BCB L . 2.63 -8.00 8.87
C2C BCB L . 1.61 -7.62 9.88
C3C BCB L . 0.78 -6.92 8.91
C4C BCB L . 1.32 -7.13 7.54
CMC BCB L . 0.92 -8.81 10.54
CAC BCB L . 0.64 -5.51 9.35
CBC BCB L . -0.44 -5.16 10.36
ND BCB L . 2.36 -7.50 4.78
C1D BCB L . 1.22 -6.87 4.99
C2D BCB L . 0.61 -6.44 3.70
C3D BCB L . 1.52 -6.89 2.63
C4D BCB L . 2.49 -7.51 3.42
CMD BCB L . -0.64 -5.69 3.33
CAD BCB L . 2.09 -7.13 1.26
OBD BCB L . 1.48 -6.71 0.22
CBD BCB L . 3.37 -7.88 1.21
CGD BCB L . 3.22 -9.21 0.52
O1D BCB L . 3.30 -9.29 -0.70
O2D BCB L . 2.99 -10.45 1.26
CED BCB L . 1.78 -11.18 1.12
C1 BCB L . 9.92 -4.61 3.95
C2 BCB L . 11.18 -5.44 3.79
C3 BCB L . 12.31 -5.20 4.49
C4 BCB L . 12.45 -4.09 5.48
C5 BCB L . 13.48 -6.10 4.24
C6 BCB L . 14.07 -5.87 2.85
C7 BCB L . 14.95 -7.06 2.48
C8 BCB L . 15.79 -6.80 1.23
C9 BCB L . 14.94 -6.95 -0.03
C10 BCB L . 16.96 -7.78 1.26
C11 BCB L . 17.85 -7.62 0.03
C12 BCB L . 19.20 -8.31 0.22
C13 BCB L . 19.32 -9.60 -0.59
C14 BCB L . 18.59 -10.73 0.11
C15 BCB L . 20.81 -9.95 -0.80
C16 BCB L . 21.03 -10.68 -2.12
C17 BCB L . 22.51 -11.10 -2.25
C18 BCB L . 22.69 -12.24 -3.25
C19 BCB L . 24.02 -12.97 -3.04
MG BCB M . -4.13 -1.18 7.51
CHA BCB M . -2.44 -1.61 10.40
CHB BCB M . -1.80 0.94 6.38
CHC BCB M . -6.24 -0.44 4.89
CHD BCB M . -6.31 -3.84 8.39
NA BCB M . -2.45 -0.42 8.26
C1A BCB M . -1.98 -0.59 9.43
C2A BCB M . -0.75 0.27 9.69
C3A BCB M . -0.37 0.73 8.29
C4A BCB M . -1.63 0.39 7.57
CMA BCB M . -0.01 2.22 8.22
CAA BCB M . 0.50 -0.36 10.33
CBA BCB M . 0.88 -1.72 9.74
CGA BCB M . 2.34 -1.76 9.34
O1A BCB M . 2.93 -0.74 9.05
O2A BCB M . 3.03 -3.05 9.31
NB BCB M . -4.00 0.05 5.87
C1B BCB M . -2.99 0.86 5.55
C2B BCB M . -3.15 1.68 4.33
C3B BCB M . -4.48 1.28 3.90
C4B BCB M . -4.94 0.28 4.92
CMB BCB M . -2.16 2.66 3.74
CAB BCB M . -5.17 1.79 2.68
OBB BCB M . -6.18 1.26 2.26
CBB BCB M . -4.57 2.97 1.96
NC BCB M . -5.87 -1.97 6.79
C1C BCB M . -6.64 -1.57 5.76
C2C BCB M . -8.06 -1.97 5.65
C3C BCB M . -7.84 -3.19 6.42
C4C BCB M . -6.61 -3.03 7.21
CMC BCB M . -9.02 -1.07 6.43
CAC BCB M . -8.07 -4.41 5.62
CBC BCB M . -9.50 -4.87 5.45
ND BCB M . -4.36 -2.53 9.03
C1D BCB M . -5.22 -3.49 9.30
C2D BCB M . -4.97 -4.11 10.63
C3D BCB M . -3.81 -3.40 11.19
C4D BCB M . -3.57 -2.50 10.16
CMD BCB M . -5.59 -5.23 11.44
CAD BCB M . -2.72 -3.07 12.16
OBD BCB M . -2.58 -3.66 13.30
CBD BCB M . -1.91 -1.91 11.73
CGD BCB M . -2.36 -0.78 12.60
O1D BCB M . -1.91 0.34 12.42
O2D BCB M . -3.37 -0.98 13.64
CED BCB M . -4.39 -0.01 13.87
C1 BCB M . 4.32 -3.22 8.70
C2 BCB M . 5.38 -3.31 9.79
C3 BCB M . 5.33 -4.29 10.71
C4 BCB M . 4.22 -5.30 10.66
C5 BCB M . 6.39 -4.36 11.80
C6 BCB M . 7.52 -5.35 11.46
C7 BCB M . 8.84 -4.93 12.11
C8 BCB M . 9.62 -6.08 12.73
C9 BCB M . 10.54 -5.50 13.80
C10 BCB M . 10.42 -6.85 11.67
C11 BCB M . 10.43 -8.36 11.87
C12 BCB M . 11.06 -9.06 10.66
C13 BCB M . 11.93 -10.28 10.99
C14 BCB M . 13.33 -10.12 10.41
C15 BCB M . 11.30 -11.55 10.45
C16 BCB M . 11.78 -12.84 11.14
C17 BCB M . 10.59 -13.76 11.41
C18 BCB M . 11.00 -15.21 11.54
C19 BCB M . 9.82 -16.13 11.23
C20 BCB M . 11.56 -15.47 12.94
C1 BPB N . 16.19 -11.93 12.94
C2 BPB N . 15.95 -13.18 12.12
C3 BPB N . 16.95 -13.87 11.55
C4 BPB N . 18.38 -13.42 11.71
C5 BPB N . 16.64 -15.11 10.74
C6 BPB N . 17.46 -15.21 9.45
C7 BPB N . 17.14 -16.48 8.70
C8 BPB N . 18.37 -17.33 8.35
C9 BPB N . 18.87 -17.01 6.94
NA BPB N . 13.83 -4.77 9.95
NB BPB N . 11.01 -4.44 8.85
NC BPB N . 10.59 -1.73 10.16
ND BPB N . 13.36 -2.00 11.18
C10 BPB N . 18.03 -18.81 8.59
C11 BPB N . 18.75 -19.85 7.70
C12 BPB N . 17.76 -20.82 7.05
C13 BPB N . 18.29 -22.26 6.96
C14 BPB N . 18.48 -22.68 5.50
C15 BPB N . 17.36 -23.20 7.73
C16 BPB N . 17.53 -24.67 7.31
C1A BPB N . 14.87 -4.80 10.68
O1A BPB N . 15.24 -9.35 13.66
C1B BPB N . 11.35 -5.65 8.34
C1C BPB N . 9.39 -1.91 9.61
C1D BPB N . 13.15 -0.75 11.60
O1D BPB N . 18.76 -4.15 11.08
C2A BPB N . 15.56 -6.12 10.63
O2A BPB N . 16.28 -10.77 12.12
C2B BPB N . 10.24 -6.32 7.61
C2C BPB N . 8.50 -0.73 9.84
C2D BPB N . 14.35 -0.27 12.32
O2D BPB N . 17.70 -2.42 9.90
C3A BPB N . 15.00 -6.66 9.32
C3B BPB N . 9.16 -5.34 7.74
C3C BPB N . 9.51 0.29 10.34
C3D BPB N . 15.36 -1.37 12.30
C4A BPB N . 13.74 -5.88 9.22
C4B BPB N . 9.70 -4.22 8.53
C4C BPB N . 10.71 -0.56 10.63
C4D BPB N . 14.64 -2.33 11.60
CAA BPB N . 15.28 -7.06 11.81
CAB BPB N . 7.80 -5.53 7.16
CAC BPB N . 9.05 1.14 11.52
CAD BPB N . 16.66 -2.05 12.59
CBA BPB N . 16.26 -8.24 11.78
CBB BPB N . 7.08 -4.33 6.68
OBB BPB N . 7.33 -6.66 7.12
CBC BPB N . 8.46 2.44 11.04
CBD BPB N . 16.70 -3.42 12.02
OBD BPB N . 17.37 -1.70 13.60
CED BPB N . 18.10 -2.72 8.56
CGA BPB N . 15.86 -9.45 12.60
CGD BPB N . 17.79 -3.39 10.99
CHA BPB N . 15.38 -3.60 11.42
CHB BPB N . 12.68 -6.30 8.50
CHC BPB N . 8.96 -2.98 8.89
CHD BPB N . 11.87 -0.03 11.37
CMA BPB N . 15.91 -6.42 8.12
CMB BPB N . 10.20 -7.67 6.91
CMC BPB N . 7.84 -0.28 8.56
CMD BPB N . 14.76 1.01 13.01
FE FE2 O . 19.82 13.07 4.85
C1 MQ7 P . 14.70 18.63 3.78
O1 MQ7 P . 15.10 17.56 3.28
C2 MQ7 P . 13.23 18.89 3.87
C2M MQ7 P . 12.25 17.89 3.35
C3 MQ7 P . 12.76 20.17 4.47
C4 MQ7 P . 13.74 21.15 5.00
O4 MQ7 P . 13.34 22.22 5.50
C5 MQ7 P . 15.19 20.89 4.91
C6 MQ7 P . 16.12 21.80 5.39
C7 MQ7 P . 17.48 21.53 5.30
C8 MQ7 P . 17.94 20.34 4.74
C9 MQ7 P . 17.05 19.40 4.24
C10 MQ7 P . 15.68 19.62 4.31
C11 MQ7 P . 11.27 20.46 4.57
C12 MQ7 P . 10.65 19.68 5.72
C13 MQ7 P . 10.02 20.27 6.76
C14 MQ7 P . 9.90 21.76 6.86
C15 MQ7 P . 9.43 19.41 7.87
C16 MQ7 P . 7.93 19.65 8.05
C17 MQ7 P . 7.18 19.31 6.77
C18 MQ7 P . 6.34 18.27 6.66
C19 MQ7 P . 6.07 17.35 7.80
C20 MQ7 P . 5.63 18.02 5.34
C21 MQ7 P . 4.20 18.56 5.39
C22 MQ7 P . 4.14 19.99 4.89
C23 MQ7 P . 3.09 20.80 5.14
C24 MQ7 P . 1.92 20.32 5.96
C25 MQ7 P . 3.11 22.22 4.60
C26 MQ7 P . 1.81 22.57 3.86
C27 MQ7 P . 1.85 24.05 3.53
C28 MQ7 P . 2.11 24.51 2.29
C29 MQ7 P . 2.38 23.59 1.14
C30 MQ7 P . 2.13 26.01 2.06
C31 MQ7 P . 0.76 26.53 1.61
C32 MQ7 P . 0.91 27.97 1.12
C33 MQ7 P . 0.14 28.50 0.17
C34 MQ7 P . -0.95 27.72 -0.50
C35 MQ7 P . 0.35 29.93 -0.26
C36 MQ7 P . 1.61 30.03 -1.10
C37 MQ7 P . 2.02 31.48 -1.16
C38 MQ7 P . 2.04 32.20 -2.31
C39 MQ7 P . 1.66 31.60 -3.64
C40 MQ7 P . 2.44 33.66 -2.22
C41 MQ7 P . 1.23 34.49 -1.83
C42 MQ7 P . 1.18 34.76 -0.33
C43 MQ7 P . 0.02 34.98 0.33
C44 MQ7 P . 0.07 35.25 1.81
C45 MQ7 P . -1.32 34.97 -0.36
#